data_4FQF
#
_entry.id   4FQF
#
_cell.length_a   136.862
_cell.length_b   148.431
_cell.length_c   176.005
_cell.angle_alpha   90.00
_cell.angle_beta   90.00
_cell.angle_gamma   90.00
#
_symmetry.space_group_name_H-M   'C 2 2 21'
#
loop_
_entity.id
_entity.type
_entity.pdbx_description
1 polymer 'Aldehyde dehydrogenase, mitochondrial'
2 non-polymer 'NITROGEN DIOXIDE'
3 non-polymer NICOTINAMIDE-ADENINE-DINUCLEOTIDE
4 non-polymer 'MAGNESIUM ION'
5 non-polymer UREA
6 non-polymer 'SODIUM ION'
7 water water
#
_entity_poly.entity_id   1
_entity_poly.type   'polypeptide(L)'
_entity_poly.pdbx_seq_one_letter_code
;SAAATQAVPAPNQQPEVFCNQIFINNEWHDAVSRKTFPTVNPSTGEVICQVAEGDKEDVDKAVKAARAAFQLGSPWRRMD
ASHRGRLLNRLADLIERDRTYLAALETLDNGKPYVISYLVDLDMVLKCLRYYAGWADKYHGKTIPIDGDFFSYTRHEPVG
VCGQIIPWNFPLLMQAWKLGPALATGNVVVMKVAEQTPLTALYVANLIKEAGFPPGVVNIVPGFGPTAGAAIASHEDVDK
VAFTGSTEIGRVIQVAAGSSNLKRVTLELGGKSPNIIMSDADMDWAVEQAHFALFFNQGQCCCAGSRTFVQEDIYDEFVE
RSVARAKSRVVGNPFDSKTEQGPQVDETQFKKILGYINTGKQEGAKLLCGGGIAADRGYFIQPTVFGDVQDGMTIAKEEI
FGPVMQILKFKTIEEVVGRANNSTYGLAAAVFTKDLDKANYLSQALQAGTVWVNCYDVFGAQSPFGGYKMSGSGRELGEY
GLQAYTEVKTVTVKVPQKNS
;
_entity_poly.pdbx_strand_id   A,B,C,D
#
loop_
_chem_comp.id
_chem_comp.type
_chem_comp.name
_chem_comp.formula
2NO non-polymer 'NITROGEN DIOXIDE' 'N O2'
MG non-polymer 'MAGNESIUM ION' 'Mg 2'
NA non-polymer 'SODIUM ION' 'Na 1'
NAD non-polymer NICOTINAMIDE-ADENINE-DINUCLEOTIDE 'C21 H27 N7 O14 P2'
URE non-polymer UREA 'C H4 N2 O'
#
# COMPACT_ATOMS: atom_id res chain seq x y z
N GLN A 13 1.63 43.67 24.35
CA GLN A 13 1.80 44.61 23.24
C GLN A 13 1.45 43.97 21.90
N GLN A 14 0.64 44.66 21.11
CA GLN A 14 0.29 44.20 19.78
C GLN A 14 1.56 43.82 19.01
N PRO A 15 1.45 42.83 18.10
CA PRO A 15 2.63 42.42 17.34
C PRO A 15 2.90 43.36 16.17
N GLU A 16 4.15 43.75 15.98
CA GLU A 16 4.53 44.61 14.87
C GLU A 16 4.60 43.83 13.55
N VAL A 17 4.12 44.45 12.48
CA VAL A 17 4.15 43.83 11.17
C VAL A 17 5.48 44.07 10.47
N PHE A 18 6.11 43.02 9.99
CA PHE A 18 7.40 43.12 9.32
C PHE A 18 7.28 42.81 7.84
N CYS A 19 6.26 42.03 7.47
CA CYS A 19 6.13 41.60 6.08
C CYS A 19 4.77 42.01 5.49
N ASN A 20 4.82 42.78 4.41
CA ASN A 20 3.59 43.29 3.80
C ASN A 20 3.72 43.45 2.28
N GLN A 21 4.63 42.70 1.67
CA GLN A 21 4.85 42.81 0.23
C GLN A 21 4.69 41.46 -0.49
N ILE A 22 4.99 41.46 -1.77
CA ILE A 22 4.89 40.25 -2.59
C ILE A 22 6.18 39.44 -2.47
N PHE A 23 6.05 38.14 -2.26
CA PHE A 23 7.22 37.29 -2.00
C PHE A 23 7.50 36.40 -3.22
N ILE A 24 8.59 36.69 -3.91
CA ILE A 24 9.01 35.95 -5.11
C ILE A 24 10.53 35.78 -5.11
N ASN A 25 10.99 34.55 -5.37
CA ASN A 25 12.42 34.25 -5.37
C ASN A 25 13.11 34.61 -4.06
N ASN A 26 12.42 34.39 -2.95
CA ASN A 26 12.93 34.70 -1.62
C ASN A 26 13.24 36.18 -1.41
N GLU A 27 12.61 37.04 -2.21
CA GLU A 27 12.79 38.48 -2.10
C GLU A 27 11.44 39.17 -1.96
N TRP A 28 11.46 40.37 -1.39
CA TRP A 28 10.22 41.13 -1.24
C TRP A 28 10.10 42.22 -2.28
N HIS A 29 8.96 42.23 -2.97
CA HIS A 29 8.73 43.18 -4.05
C HIS A 29 7.43 43.95 -3.82
N ASP A 30 7.39 45.19 -4.30
CA ASP A 30 6.14 45.91 -4.42
C ASP A 30 5.39 45.37 -5.63
N ALA A 31 4.09 45.66 -5.71
CA ALA A 31 3.33 45.30 -6.89
C ALA A 31 3.87 46.08 -8.08
N VAL A 32 3.78 45.50 -9.27
CA VAL A 32 4.18 46.18 -10.49
C VAL A 32 3.44 47.52 -10.63
N SER A 33 2.20 47.56 -10.15
CA SER A 33 1.38 48.75 -10.24
C SER A 33 1.64 49.71 -9.10
N ARG A 34 2.39 49.26 -8.08
CA ARG A 34 2.66 50.07 -6.89
C ARG A 34 1.40 50.30 -6.07
N LYS A 35 0.33 49.55 -6.37
CA LYS A 35 -0.91 49.67 -5.62
C LYS A 35 -0.82 48.89 -4.31
N THR A 36 -1.58 49.33 -3.32
CA THR A 36 -1.63 48.64 -2.04
C THR A 36 -3.07 48.61 -1.55
N PHE A 37 -3.40 47.59 -0.78
CA PHE A 37 -4.71 47.54 -0.13
C PHE A 37 -4.50 47.45 1.37
N PRO A 38 -5.45 48.01 2.16
CA PRO A 38 -5.29 47.90 3.62
C PRO A 38 -5.85 46.59 4.15
N THR A 39 -5.27 46.11 5.25
CA THR A 39 -5.90 45.01 5.95
C THR A 39 -6.32 45.50 7.35
N VAL A 40 -7.42 44.95 7.87
CA VAL A 40 -8.07 45.53 9.03
C VAL A 40 -8.23 44.56 10.21
N ASN A 41 -8.09 45.14 11.42
CA ASN A 41 -8.44 44.48 12.66
C ASN A 41 -9.96 44.46 12.85
N PRO A 42 -10.58 43.26 12.79
CA PRO A 42 -12.05 43.13 12.86
C PRO A 42 -12.63 43.43 14.25
N SER A 43 -11.77 43.57 15.25
CA SER A 43 -12.24 43.81 16.60
C SER A 43 -12.47 45.30 16.84
N THR A 44 -11.88 46.12 15.97
CA THR A 44 -11.90 47.56 16.17
C THR A 44 -12.25 48.32 14.89
N GLY A 45 -12.19 47.63 13.75
CA GLY A 45 -12.46 48.25 12.47
C GLY A 45 -11.32 49.10 11.98
N GLU A 46 -10.20 49.11 12.71
CA GLU A 46 -9.08 49.96 12.36
C GLU A 46 -8.11 49.28 11.39
N VAL A 47 -7.45 50.09 10.57
CA VAL A 47 -6.48 49.58 9.62
C VAL A 47 -5.22 49.15 10.36
N ILE A 48 -4.71 47.96 10.01
CA ILE A 48 -3.48 47.44 10.57
C ILE A 48 -2.28 47.96 9.80
N CYS A 49 -2.35 47.89 8.47
CA CYS A 49 -1.29 48.41 7.59
C CYS A 49 -1.69 48.21 6.14
N GLN A 50 -0.90 48.77 5.23
CA GLN A 50 -1.11 48.57 3.80
C GLN A 50 -0.37 47.31 3.34
N VAL A 51 -0.92 46.65 2.33
CA VAL A 51 -0.31 45.45 1.77
C VAL A 51 -0.26 45.54 0.25
N ALA A 52 0.87 45.15 -0.33
CA ALA A 52 1.05 45.15 -1.78
C ALA A 52 -0.08 44.40 -2.49
N GLU A 53 -0.69 45.05 -3.48
CA GLU A 53 -1.83 44.45 -4.17
C GLU A 53 -1.38 43.74 -5.45
N GLY A 54 -1.11 42.45 -5.33
CA GLY A 54 -0.71 41.65 -6.47
C GLY A 54 -1.81 41.49 -7.51
N ASP A 55 -1.41 41.43 -8.78
CA ASP A 55 -2.35 41.25 -9.87
C ASP A 55 -1.71 40.32 -10.90
N LYS A 56 -2.31 40.24 -12.08
CA LYS A 56 -1.86 39.36 -13.17
C LYS A 56 -0.36 39.43 -13.44
N GLU A 57 0.19 40.63 -13.48
CA GLU A 57 1.60 40.82 -13.81
C GLU A 57 2.52 40.29 -12.71
N ASP A 58 2.08 40.41 -11.47
CA ASP A 58 2.86 39.91 -10.35
C ASP A 58 2.81 38.39 -10.27
N VAL A 59 1.65 37.85 -10.66
CA VAL A 59 1.45 36.42 -10.79
C VAL A 59 2.35 35.83 -11.87
N ASP A 60 2.45 36.51 -13.00
CA ASP A 60 3.33 36.07 -14.08
C ASP A 60 4.79 35.97 -13.62
N LYS A 61 5.24 36.95 -12.84
CA LYS A 61 6.58 36.93 -12.26
C LYS A 61 6.78 35.73 -11.33
N ALA A 62 5.80 35.48 -10.46
CA ALA A 62 5.86 34.39 -9.49
C ALA A 62 5.91 33.03 -10.20
N VAL A 63 5.07 32.88 -11.23
CA VAL A 63 5.04 31.65 -12.01
C VAL A 63 6.36 31.37 -12.72
N LYS A 64 6.93 32.41 -13.34
CA LYS A 64 8.25 32.30 -13.96
C LYS A 64 9.32 31.84 -12.99
N ALA A 65 9.33 32.42 -11.78
CA ALA A 65 10.29 32.03 -10.77
C ALA A 65 10.03 30.57 -10.32
N ALA A 66 8.76 30.20 -10.26
CA ALA A 66 8.40 28.83 -9.87
C ALA A 66 8.86 27.84 -10.94
N ARG A 67 8.62 28.17 -12.20
CA ARG A 67 9.03 27.33 -13.31
C ARG A 67 10.54 27.13 -13.33
N ALA A 68 11.29 28.21 -13.16
CA ALA A 68 12.75 28.15 -13.10
C ALA A 68 13.25 27.23 -11.98
N ALA A 69 12.68 27.36 -10.79
CA ALA A 69 13.07 26.54 -9.65
C ALA A 69 12.73 25.07 -9.87
N PHE A 70 11.78 24.78 -10.77
CA PHE A 70 11.32 23.42 -11.02
C PHE A 70 12.02 22.79 -12.23
N GLN A 71 12.84 23.57 -12.93
CA GLN A 71 13.54 23.05 -14.09
C GLN A 71 14.38 21.81 -13.75
N LEU A 72 14.39 20.84 -14.64
CA LEU A 72 15.14 19.60 -14.44
C LEU A 72 16.60 19.96 -14.21
N GLY A 73 17.21 19.37 -13.19
CA GLY A 73 18.61 19.63 -12.87
C GLY A 73 18.83 20.78 -11.88
N SER A 74 17.73 21.39 -11.42
CA SER A 74 17.82 22.49 -10.47
C SER A 74 18.10 21.95 -9.08
N PRO A 75 18.53 22.81 -8.15
CA PRO A 75 18.76 22.36 -6.77
C PRO A 75 17.53 21.70 -6.12
N TRP A 76 16.35 22.26 -6.33
CA TRP A 76 15.12 21.69 -5.79
C TRP A 76 14.75 20.34 -6.43
N ARG A 77 14.99 20.16 -7.72
CA ARG A 77 14.72 18.88 -8.38
C ARG A 77 15.73 17.78 -8.01
N ARG A 78 16.97 18.18 -7.77
CA ARG A 78 18.05 17.24 -7.47
C ARG A 78 18.13 16.93 -5.96
N MET A 79 17.56 17.79 -5.14
CA MET A 79 17.59 17.63 -3.69
C MET A 79 17.04 16.30 -3.25
N ASP A 80 17.75 15.64 -2.33
CA ASP A 80 17.29 14.37 -1.75
C ASP A 80 15.89 14.54 -1.18
N ALA A 81 15.03 13.55 -1.40
CA ALA A 81 13.67 13.57 -0.84
C ALA A 81 13.73 13.73 0.69
N SER A 82 14.65 13.00 1.31
CA SER A 82 14.82 13.04 2.77
C SER A 82 15.16 14.45 3.25
N HIS A 83 15.87 15.20 2.41
CA HIS A 83 16.25 16.55 2.77
C HIS A 83 15.07 17.53 2.70
N ARG A 84 14.14 17.29 1.77
CA ARG A 84 12.91 18.08 1.70
C ARG A 84 12.18 17.92 3.01
N GLY A 85 12.29 16.72 3.59
CA GLY A 85 11.67 16.44 4.87
C GLY A 85 12.31 17.23 6.00
N ARG A 86 13.63 17.33 5.98
CA ARG A 86 14.35 18.10 7.00
C ARG A 86 13.98 19.59 6.91
N LEU A 87 13.83 20.08 5.69
CA LEU A 87 13.45 21.48 5.48
C LEU A 87 12.08 21.78 6.05
N LEU A 88 11.14 20.87 5.83
CA LEU A 88 9.81 21.01 6.45
C LEU A 88 9.90 21.04 7.98
N ASN A 89 10.69 20.15 8.56
CA ASN A 89 10.88 20.14 10.01
C ASN A 89 11.53 21.41 10.53
N ARG A 90 12.56 21.90 9.83
CA ARG A 90 13.19 23.16 10.21
C ARG A 90 12.20 24.33 10.14
N LEU A 91 11.35 24.35 9.12
CA LEU A 91 10.29 25.38 9.03
C LEU A 91 9.35 25.31 10.23
N ALA A 92 8.98 24.09 10.63
CA ALA A 92 8.19 23.90 11.85
C ALA A 92 8.86 24.46 13.10
N ASP A 93 10.15 24.17 13.28
CA ASP A 93 10.90 24.68 14.44
C ASP A 93 10.90 26.20 14.53
N LEU A 94 11.01 26.86 13.39
CA LEU A 94 11.04 28.33 13.35
C LEU A 94 9.66 28.88 13.69
N ILE A 95 8.62 28.22 13.22
CA ILE A 95 7.26 28.64 13.53
C ILE A 95 7.01 28.48 15.02
N GLU A 96 7.47 27.38 15.59
CA GLU A 96 7.32 27.17 17.03
C GLU A 96 8.12 28.20 17.83
N ARG A 97 9.29 28.55 17.32
CA ARG A 97 10.12 29.58 17.94
C ARG A 97 9.35 30.90 18.03
N ASP A 98 8.65 31.25 16.95
CA ASP A 98 7.91 32.49 16.88
C ASP A 98 6.43 32.27 17.11
N ARG A 99 6.10 31.26 17.92
CA ARG A 99 4.72 30.83 18.12
C ARG A 99 3.86 31.93 18.76
N THR A 100 4.41 32.59 19.78
CA THR A 100 3.69 33.66 20.49
C THR A 100 3.34 34.80 19.54
N TYR A 101 4.32 35.21 18.75
CA TYR A 101 4.15 36.31 17.81
C TYR A 101 3.11 35.97 16.73
N LEU A 102 3.25 34.80 16.10
CA LEU A 102 2.33 34.39 15.02
C LEU A 102 0.90 34.25 15.53
N ALA A 103 0.74 33.69 16.72
CA ALA A 103 -0.58 33.59 17.35
C ALA A 103 -1.23 34.96 17.51
N ALA A 104 -0.45 35.92 18.00
CA ALA A 104 -0.94 37.29 18.25
C ALA A 104 -1.31 38.01 16.95
N LEU A 105 -0.46 37.88 15.95
CA LEU A 105 -0.69 38.50 14.66
C LEU A 105 -1.91 37.87 13.98
N GLU A 106 -2.06 36.55 14.14
CA GLU A 106 -3.23 35.83 13.65
C GLU A 106 -4.52 36.41 14.23
N THR A 107 -4.56 36.57 15.55
CA THR A 107 -5.66 37.23 16.24
C THR A 107 -5.91 38.66 15.76
N LEU A 108 -4.84 39.43 15.62
CA LEU A 108 -4.96 40.83 15.19
C LEU A 108 -5.66 40.94 13.84
N ASP A 109 -5.22 40.13 12.87
CA ASP A 109 -5.75 40.16 11.50
C ASP A 109 -7.08 39.41 11.35
N ASN A 110 -7.25 38.31 12.07
CA ASN A 110 -8.43 37.46 11.86
C ASN A 110 -9.56 37.73 12.83
N GLY A 111 -9.24 37.96 14.09
CA GLY A 111 -10.25 38.22 15.11
C GLY A 111 -10.43 37.12 16.15
N LYS A 112 -10.01 35.90 15.84
CA LYS A 112 -10.20 34.78 16.74
C LYS A 112 -9.46 34.97 18.06
N PRO A 113 -9.99 34.43 19.17
CA PRO A 113 -9.37 34.58 20.49
C PRO A 113 -7.90 34.14 20.50
N TYR A 114 -7.05 34.97 21.10
CA TYR A 114 -5.62 34.72 21.16
C TYR A 114 -5.28 33.34 21.73
N VAL A 115 -5.97 32.94 22.79
CA VAL A 115 -5.72 31.65 23.42
C VAL A 115 -5.94 30.49 22.46
N ILE A 116 -6.98 30.62 21.62
CA ILE A 116 -7.27 29.62 20.62
C ILE A 116 -6.21 29.62 19.53
N SER A 117 -5.88 30.80 18.99
CA SER A 117 -4.78 30.91 18.04
C SER A 117 -3.53 30.17 18.53
N TYR A 118 -3.20 30.38 19.80
CA TYR A 118 -1.95 29.87 20.35
C TYR A 118 -1.96 28.36 20.60
N LEU A 119 -3.03 27.89 21.24
CA LEU A 119 -3.09 26.50 21.66
C LEU A 119 -3.68 25.59 20.58
N VAL A 120 -4.49 26.15 19.69
CA VAL A 120 -5.18 25.34 18.68
C VAL A 120 -4.59 25.48 17.28
N ASP A 121 -4.72 26.68 16.69
CA ASP A 121 -4.26 26.92 15.34
C ASP A 121 -2.77 26.62 15.18
N LEU A 122 -1.93 27.29 15.97
CA LEU A 122 -0.47 27.10 15.89
C LEU A 122 -0.06 25.67 16.15
N ASP A 123 -0.77 24.99 17.06
CA ASP A 123 -0.49 23.58 17.34
C ASP A 123 -0.77 22.73 16.09
N MET A 124 -1.89 23.00 15.44
CA MET A 124 -2.31 22.23 14.27
C MET A 124 -1.42 22.49 13.08
N VAL A 125 -0.86 23.70 13.00
CA VAL A 125 0.09 24.03 11.95
C VAL A 125 1.37 23.22 12.12
N LEU A 126 1.86 23.14 13.36
CA LEU A 126 3.09 22.42 13.63
C LEU A 126 2.93 20.93 13.35
N LYS A 127 1.79 20.37 13.74
CA LYS A 127 1.53 18.94 13.56
C LYS A 127 1.38 18.59 12.08
N CYS A 128 0.77 19.49 11.32
CA CYS A 128 0.65 19.30 9.87
C CYS A 128 2.00 19.25 9.16
N LEU A 129 2.84 20.25 9.45
CA LEU A 129 4.15 20.37 8.80
C LEU A 129 5.10 19.24 9.22
N ARG A 130 5.03 18.84 10.48
CA ARG A 130 5.92 17.79 10.96
C ARG A 130 5.48 16.42 10.45
N TYR A 131 4.17 16.25 10.28
CA TYR A 131 3.64 15.02 9.70
C TYR A 131 4.14 14.83 8.28
N TYR A 132 3.96 15.86 7.45
CA TYR A 132 4.35 15.78 6.05
C TYR A 132 5.86 15.75 5.83
N ALA A 133 6.61 16.27 6.80
CA ALA A 133 8.07 16.12 6.80
C ALA A 133 8.45 14.63 6.70
N GLY A 134 7.66 13.78 7.34
CA GLY A 134 7.92 12.35 7.32
C GLY A 134 7.53 11.63 6.04
N TRP A 135 6.64 12.24 5.25
CA TRP A 135 6.22 11.62 3.99
C TRP A 135 7.21 11.81 2.85
N ALA A 136 8.09 12.80 2.99
CA ALA A 136 8.93 13.27 1.87
C ALA A 136 9.59 12.13 1.12
N ASP A 137 10.08 11.13 1.85
CA ASP A 137 10.81 10.04 1.22
C ASP A 137 10.16 8.67 1.38
N LYS A 138 8.84 8.64 1.45
CA LYS A 138 8.10 7.40 1.70
C LYS A 138 6.91 7.13 0.76
N TYR A 139 6.65 8.03 -0.18
CA TYR A 139 5.52 7.87 -1.08
C TYR A 139 5.91 7.07 -2.35
N HIS A 140 6.10 5.76 -2.17
CA HIS A 140 6.66 4.89 -3.21
C HIS A 140 5.80 4.77 -4.46
N GLY A 141 6.46 4.64 -5.60
CA GLY A 141 5.81 4.16 -6.80
C GLY A 141 5.82 2.64 -6.78
N LYS A 142 5.49 2.00 -7.90
CA LYS A 142 5.32 0.55 -7.90
C LYS A 142 6.19 -0.15 -8.94
N THR A 143 6.52 -1.41 -8.69
CA THR A 143 7.06 -2.31 -9.70
C THR A 143 5.98 -3.36 -10.00
N ILE A 144 5.79 -3.66 -11.28
CA ILE A 144 4.54 -4.27 -11.73
C ILE A 144 4.76 -5.48 -12.63
N PRO A 145 4.12 -6.61 -12.28
CA PRO A 145 4.31 -7.89 -12.99
C PRO A 145 3.46 -7.96 -14.25
N ILE A 146 3.75 -7.06 -15.20
CA ILE A 146 3.04 -7.00 -16.47
C ILE A 146 3.27 -8.27 -17.30
N ASP A 147 2.34 -8.59 -18.19
CA ASP A 147 2.52 -9.72 -19.11
C ASP A 147 3.70 -9.52 -20.03
N GLY A 148 4.22 -10.61 -20.58
CA GLY A 148 5.29 -10.55 -21.56
C GLY A 148 6.69 -10.36 -20.99
N ASP A 149 7.67 -10.30 -21.88
CA ASP A 149 9.07 -10.11 -21.49
C ASP A 149 9.36 -8.63 -21.30
N PHE A 150 8.82 -8.07 -20.22
CA PHE A 150 8.96 -6.65 -19.94
C PHE A 150 9.12 -6.45 -18.45
N PHE A 151 9.77 -5.36 -18.08
CA PHE A 151 9.79 -4.89 -16.71
C PHE A 151 9.05 -3.54 -16.65
N SER A 152 8.08 -3.43 -15.77
CA SER A 152 7.28 -2.21 -15.68
C SER A 152 7.31 -1.66 -14.27
N TYR A 153 7.44 -0.34 -14.17
CA TYR A 153 7.39 0.35 -12.89
C TYR A 153 6.83 1.75 -13.06
N THR A 154 6.43 2.38 -11.96
CA THR A 154 5.96 3.75 -12.00
C THR A 154 6.80 4.66 -11.12
N ARG A 155 6.93 5.92 -11.55
CA ARG A 155 7.56 6.96 -10.76
C ARG A 155 6.47 7.89 -10.29
N HIS A 156 6.57 8.34 -9.05
CA HIS A 156 5.70 9.39 -8.55
C HIS A 156 6.44 10.72 -8.61
N GLU A 157 6.33 11.40 -9.74
CA GLU A 157 6.99 12.68 -9.96
C GLU A 157 6.12 13.81 -9.42
N PRO A 158 6.71 14.99 -9.22
CA PRO A 158 5.87 16.12 -8.78
C PRO A 158 5.02 16.65 -9.93
N VAL A 159 3.81 17.09 -9.62
CA VAL A 159 2.92 17.63 -10.64
C VAL A 159 3.46 18.94 -11.26
N GLY A 160 4.29 19.66 -10.51
CA GLY A 160 4.95 20.84 -11.04
C GLY A 160 4.66 22.16 -10.35
N VAL A 161 4.26 23.15 -11.14
CA VAL A 161 3.92 24.46 -10.60
C VAL A 161 2.51 24.42 -10.06
N CYS A 162 2.38 24.56 -8.74
CA CYS A 162 1.10 24.46 -8.05
C CYS A 162 0.57 25.80 -7.55
N GLY A 163 -0.52 26.26 -8.14
CA GLY A 163 -1.24 27.42 -7.64
C GLY A 163 -2.14 27.03 -6.48
N GLN A 164 -2.03 27.76 -5.38
CA GLN A 164 -2.80 27.47 -4.18
C GLN A 164 -3.52 28.72 -3.71
N ILE A 165 -4.84 28.65 -3.62
CA ILE A 165 -5.66 29.78 -3.23
C ILE A 165 -6.41 29.43 -1.98
N ILE A 166 -6.25 30.25 -0.95
CA ILE A 166 -6.77 29.90 0.38
C ILE A 166 -7.64 31.00 0.99
N PRO A 167 -8.48 30.63 2.00
CA PRO A 167 -9.43 31.54 2.61
C PRO A 167 -8.87 32.26 3.86
N TRP A 168 -9.77 32.97 4.57
CA TRP A 168 -9.38 33.82 5.70
C TRP A 168 -9.70 33.22 7.08
N ASN A 169 -10.47 32.13 7.12
CA ASN A 169 -10.95 31.64 8.41
C ASN A 169 -9.90 30.98 9.33
N PHE A 170 -8.93 30.29 8.73
CA PHE A 170 -7.78 29.76 9.47
C PHE A 170 -6.53 30.03 8.63
N PRO A 171 -6.00 31.29 8.71
CA PRO A 171 -4.98 31.67 7.71
C PRO A 171 -3.70 30.85 7.76
N LEU A 172 -3.08 30.70 8.94
CA LEU A 172 -1.86 29.89 9.03
C LEU A 172 -2.11 28.40 8.74
N LEU A 173 -3.19 27.88 9.29
CA LEU A 173 -3.51 26.46 9.14
C LEU A 173 -3.76 26.08 7.67
N MET A 174 -4.54 26.89 6.96
CA MET A 174 -4.82 26.61 5.57
C MET A 174 -3.53 26.67 4.74
N GLN A 175 -2.64 27.59 5.10
CA GLN A 175 -1.35 27.70 4.44
C GLN A 175 -0.57 26.38 4.61
N ALA A 176 -0.52 25.91 5.85
CA ALA A 176 0.16 24.68 6.20
C ALA A 176 -0.44 23.46 5.51
N TRP A 177 -1.76 23.35 5.49
CA TRP A 177 -2.42 22.23 4.80
C TRP A 177 -2.05 22.16 3.33
N LYS A 178 -1.76 23.32 2.72
CA LYS A 178 -1.34 23.40 1.33
C LYS A 178 0.16 23.13 1.15
N LEU A 179 1.00 23.84 1.89
CA LEU A 179 2.45 23.71 1.75
C LEU A 179 2.99 22.32 2.12
N GLY A 180 2.48 21.75 3.20
CA GLY A 180 2.91 20.44 3.68
C GLY A 180 3.09 19.37 2.61
N PRO A 181 1.99 18.94 1.98
CA PRO A 181 2.03 17.91 0.93
C PRO A 181 2.73 18.35 -0.36
N ALA A 182 2.52 19.59 -0.76
CA ALA A 182 3.14 20.11 -1.99
C ALA A 182 4.66 20.04 -1.92
N LEU A 183 5.22 20.51 -0.81
CA LEU A 183 6.67 20.58 -0.67
C LEU A 183 7.26 19.20 -0.41
N ALA A 184 6.56 18.40 0.37
CA ALA A 184 7.03 17.04 0.66
C ALA A 184 7.26 16.23 -0.62
N THR A 185 6.45 16.46 -1.63
CA THR A 185 6.55 15.72 -2.88
C THR A 185 7.32 16.47 -3.98
N GLY A 186 8.02 17.54 -3.61
CA GLY A 186 8.93 18.20 -4.52
C GLY A 186 8.35 19.20 -5.52
N ASN A 187 7.12 19.64 -5.25
CA ASN A 187 6.49 20.66 -6.10
C ASN A 187 7.01 22.06 -5.79
N VAL A 188 6.62 23.01 -6.63
CA VAL A 188 6.85 24.43 -6.37
C VAL A 188 5.51 25.15 -6.31
N VAL A 189 5.47 26.28 -5.60
CA VAL A 189 4.21 26.89 -5.21
C VAL A 189 4.08 28.38 -5.56
N VAL A 190 2.91 28.74 -6.06
CA VAL A 190 2.48 30.12 -6.14
C VAL A 190 1.19 30.23 -5.32
N MET A 191 1.29 30.85 -4.15
CA MET A 191 0.17 30.91 -3.22
C MET A 191 -0.50 32.29 -3.24
N LYS A 192 -1.83 32.29 -3.24
CA LYS A 192 -2.56 33.54 -3.16
C LYS A 192 -3.40 33.55 -1.88
N VAL A 193 -2.94 34.29 -0.88
CA VAL A 193 -3.65 34.35 0.38
C VAL A 193 -4.84 35.31 0.33
N ALA A 194 -5.75 35.15 1.29
CA ALA A 194 -6.96 35.95 1.36
C ALA A 194 -6.66 37.42 1.63
N GLU A 195 -7.41 38.32 1.00
CA GLU A 195 -7.17 39.74 1.18
C GLU A 195 -7.49 40.16 2.62
N GLN A 196 -8.42 39.45 3.26
CA GLN A 196 -8.79 39.76 4.63
C GLN A 196 -7.71 39.40 5.65
N THR A 197 -6.89 38.39 5.34
CA THR A 197 -5.90 37.91 6.30
C THR A 197 -4.58 37.52 5.65
N PRO A 198 -3.84 38.50 5.12
CA PRO A 198 -2.62 38.19 4.37
C PRO A 198 -1.36 38.14 5.25
N LEU A 199 -1.42 38.74 6.43
CA LEU A 199 -0.20 39.07 7.17
C LEU A 199 0.60 37.87 7.70
N THR A 200 -0.06 36.95 8.40
CA THR A 200 0.66 35.83 9.01
C THR A 200 1.33 34.95 7.97
N ALA A 201 0.66 34.71 6.84
CA ALA A 201 1.25 33.91 5.77
C ALA A 201 2.54 34.57 5.20
N LEU A 202 2.56 35.89 5.18
CA LEU A 202 3.72 36.60 4.65
C LEU A 202 4.91 36.49 5.61
N TYR A 203 4.65 36.47 6.91
CA TYR A 203 5.73 36.29 7.87
C TYR A 203 6.30 34.87 7.78
N VAL A 204 5.43 33.90 7.52
CA VAL A 204 5.87 32.51 7.32
C VAL A 204 6.79 32.42 6.08
N ALA A 205 6.53 33.26 5.08
CA ALA A 205 7.39 33.33 3.91
C ALA A 205 8.81 33.66 4.31
N ASN A 206 8.97 34.63 5.22
CA ASN A 206 10.28 34.94 5.78
C ASN A 206 10.95 33.74 6.47
N LEU A 207 10.13 32.91 7.11
CA LEU A 207 10.65 31.74 7.81
C LEU A 207 11.06 30.66 6.81
N ILE A 208 10.28 30.51 5.75
CA ILE A 208 10.60 29.58 4.67
C ILE A 208 12.00 29.91 4.10
N LYS A 209 12.29 31.19 3.99
CA LYS A 209 13.57 31.67 3.50
C LYS A 209 14.66 31.34 4.51
N GLU A 210 14.39 31.63 5.77
CA GLU A 210 15.33 31.29 6.84
C GLU A 210 15.64 29.80 6.94
N ALA A 211 14.63 28.96 6.74
CA ALA A 211 14.79 27.52 6.83
C ALA A 211 15.72 26.96 5.75
N GLY A 212 15.82 27.67 4.63
CA GLY A 212 16.76 27.30 3.58
C GLY A 212 16.14 26.79 2.29
N PHE A 213 14.83 26.93 2.11
CA PHE A 213 14.21 26.54 0.83
C PHE A 213 14.78 27.38 -0.30
N PRO A 214 15.16 26.74 -1.41
CA PRO A 214 15.72 27.44 -2.57
C PRO A 214 14.74 28.51 -3.09
N PRO A 215 15.28 29.58 -3.69
CA PRO A 215 14.46 30.66 -4.26
C PRO A 215 13.51 30.10 -5.33
N GLY A 216 12.25 30.53 -5.32
CA GLY A 216 11.29 30.13 -6.34
C GLY A 216 10.45 28.92 -5.97
N VAL A 217 10.87 28.18 -4.95
CA VAL A 217 10.11 27.01 -4.52
C VAL A 217 8.77 27.40 -3.90
N VAL A 218 8.79 28.50 -3.13
CA VAL A 218 7.55 29.07 -2.60
C VAL A 218 7.47 30.56 -2.90
N ASN A 219 6.40 30.96 -3.55
CA ASN A 219 6.13 32.37 -3.84
C ASN A 219 4.72 32.73 -3.35
N ILE A 220 4.60 33.88 -2.71
CA ILE A 220 3.31 34.30 -2.18
C ILE A 220 2.88 35.66 -2.72
N VAL A 221 1.71 35.70 -3.35
CA VAL A 221 1.19 36.94 -3.93
C VAL A 221 -0.07 37.38 -3.19
N PRO A 222 0.06 38.37 -2.30
CA PRO A 222 -1.11 38.99 -1.68
C PRO A 222 -1.92 39.73 -2.75
N GLY A 223 -3.23 39.83 -2.58
CA GLY A 223 -4.08 40.48 -3.57
C GLY A 223 -5.51 40.00 -3.47
N PHE A 224 -6.35 40.44 -4.41
CA PHE A 224 -7.77 40.06 -4.42
C PHE A 224 -8.04 38.81 -5.27
N GLY A 225 -9.27 38.34 -5.23
CA GLY A 225 -9.66 37.12 -5.93
C GLY A 225 -9.74 37.19 -7.44
N PRO A 226 -10.60 38.07 -7.96
CA PRO A 226 -10.82 38.18 -9.40
C PRO A 226 -9.59 38.65 -10.16
N THR A 227 -8.61 39.18 -9.43
CA THR A 227 -7.38 39.68 -10.05
C THR A 227 -6.26 38.63 -9.95
N ALA A 228 -5.60 38.58 -8.80
CA ALA A 228 -4.48 37.64 -8.59
C ALA A 228 -4.93 36.18 -8.65
N GLY A 229 -6.06 35.89 -8.03
CA GLY A 229 -6.56 34.52 -7.95
C GLY A 229 -6.93 33.96 -9.30
N ALA A 230 -7.70 34.72 -10.07
CA ALA A 230 -8.13 34.27 -11.40
C ALA A 230 -6.94 34.13 -12.36
N ALA A 231 -5.98 35.02 -12.22
CA ALA A 231 -4.74 34.96 -13.02
C ALA A 231 -3.98 33.64 -12.79
N ILE A 232 -4.01 33.14 -11.56
CA ILE A 232 -3.41 31.85 -11.24
C ILE A 232 -4.22 30.70 -11.86
N ALA A 233 -5.54 30.76 -11.71
CA ALA A 233 -6.42 29.70 -12.21
C ALA A 233 -6.39 29.56 -13.73
N SER A 234 -6.17 30.67 -14.42
CA SER A 234 -6.23 30.71 -15.88
C SER A 234 -4.85 30.66 -16.50
N HIS A 235 -3.82 30.59 -15.65
CA HIS A 235 -2.45 30.70 -16.17
C HIS A 235 -2.04 29.52 -17.05
N GLU A 236 -1.41 29.83 -18.18
CA GLU A 236 -1.04 28.82 -19.16
C GLU A 236 0.12 27.90 -18.72
N ASP A 237 0.84 28.32 -17.69
CA ASP A 237 2.03 27.59 -17.23
C ASP A 237 1.90 27.10 -15.78
N VAL A 238 0.68 27.11 -15.26
CA VAL A 238 0.41 26.47 -13.98
C VAL A 238 -0.19 25.06 -14.20
N ASP A 239 0.44 24.06 -13.59
CA ASP A 239 0.11 22.67 -13.84
C ASP A 239 -1.06 22.19 -13.00
N LYS A 240 -1.22 22.77 -11.81
CA LYS A 240 -2.18 22.27 -10.83
C LYS A 240 -2.67 23.39 -9.93
N VAL A 241 -3.97 23.45 -9.70
CA VAL A 241 -4.54 24.42 -8.76
C VAL A 241 -5.26 23.73 -7.60
N ALA A 242 -5.04 24.23 -6.39
CA ALA A 242 -5.77 23.74 -5.23
C ALA A 242 -6.47 24.93 -4.59
N PHE A 243 -7.80 24.87 -4.51
CA PHE A 243 -8.59 25.98 -4.01
C PHE A 243 -9.42 25.61 -2.79
N THR A 244 -9.31 26.43 -1.75
CA THR A 244 -10.22 26.34 -0.62
C THR A 244 -11.03 27.64 -0.46
N GLY A 245 -12.36 27.52 -0.43
CA GLY A 245 -13.23 28.68 -0.29
C GLY A 245 -14.69 28.37 -0.56
N SER A 246 -15.42 29.35 -1.05
CA SER A 246 -16.84 29.19 -1.30
C SER A 246 -17.10 28.29 -2.52
N THR A 247 -18.20 27.56 -2.47
CA THR A 247 -18.63 26.73 -3.59
C THR A 247 -18.76 27.53 -4.87
N GLU A 248 -19.31 28.74 -4.76
CA GLU A 248 -19.49 29.61 -5.92
C GLU A 248 -18.18 29.85 -6.69
N ILE A 249 -17.10 30.13 -5.97
CA ILE A 249 -15.82 30.41 -6.59
C ILE A 249 -15.16 29.09 -7.07
N GLY A 250 -15.43 28.01 -6.34
CA GLY A 250 -14.91 26.72 -6.71
C GLY A 250 -15.31 26.41 -8.16
N ARG A 251 -16.51 26.85 -8.52
CA ARG A 251 -16.99 26.65 -9.86
C ARG A 251 -16.20 27.45 -10.88
N VAL A 252 -15.90 28.69 -10.50
CA VAL A 252 -15.06 29.57 -11.31
C VAL A 252 -13.66 28.97 -11.58
N ILE A 253 -13.03 28.50 -10.51
CA ILE A 253 -11.73 27.80 -10.61
C ILE A 253 -11.82 26.67 -11.65
N GLN A 254 -12.82 25.82 -11.49
CA GLN A 254 -12.97 24.67 -12.38
C GLN A 254 -13.10 25.04 -13.88
N VAL A 255 -13.98 26.01 -14.14
CA VAL A 255 -14.18 26.51 -15.47
C VAL A 255 -12.87 27.13 -16.05
N ALA A 256 -12.17 27.87 -15.21
CA ALA A 256 -10.93 28.51 -15.65
C ALA A 256 -9.91 27.43 -16.06
N ALA A 257 -9.87 26.37 -15.27
CA ALA A 257 -8.97 25.26 -15.53
C ALA A 257 -9.23 24.66 -16.91
N GLY A 258 -10.51 24.37 -17.18
CA GLY A 258 -10.91 23.82 -18.46
C GLY A 258 -10.74 24.77 -19.63
N SER A 259 -10.97 26.05 -19.35
CA SER A 259 -10.90 27.07 -20.38
C SER A 259 -9.46 27.42 -20.75
N SER A 260 -8.52 27.08 -19.86
CA SER A 260 -7.10 27.40 -20.08
C SER A 260 -6.31 26.19 -20.56
N ASN A 261 -5.52 25.60 -19.66
CA ASN A 261 -4.57 24.55 -20.04
C ASN A 261 -4.84 23.17 -19.43
N LEU A 262 -6.05 22.99 -18.90
CA LEU A 262 -6.45 21.72 -18.28
C LEU A 262 -5.60 21.35 -17.09
N LYS A 263 -5.13 22.36 -16.35
CA LYS A 263 -4.42 22.11 -15.09
C LYS A 263 -5.30 21.27 -14.18
N ARG A 264 -4.67 20.41 -13.38
CA ARG A 264 -5.39 19.56 -12.44
C ARG A 264 -5.99 20.39 -11.32
N VAL A 265 -7.11 19.94 -10.76
CA VAL A 265 -7.86 20.75 -9.82
C VAL A 265 -8.36 19.97 -8.60
N THR A 266 -8.15 20.51 -7.42
CA THR A 266 -8.86 20.03 -6.24
C THR A 266 -9.53 21.20 -5.51
N LEU A 267 -10.65 20.91 -4.84
CA LEU A 267 -11.46 21.92 -4.23
C LEU A 267 -11.90 21.48 -2.83
N GLU A 268 -11.86 22.42 -1.89
CA GLU A 268 -12.43 22.22 -0.56
C GLU A 268 -13.37 23.40 -0.32
N LEU A 269 -14.68 23.15 -0.41
CA LEU A 269 -15.65 24.22 -0.41
C LEU A 269 -16.48 24.21 0.87
N GLY A 270 -17.70 24.73 0.78
CA GLY A 270 -18.50 24.93 1.96
C GLY A 270 -19.33 23.71 2.35
N GLY A 271 -20.15 23.88 3.38
CA GLY A 271 -21.01 22.79 3.82
C GLY A 271 -22.21 23.21 4.65
N LYS A 272 -23.02 22.23 5.01
CA LYS A 272 -24.16 22.43 5.89
C LYS A 272 -24.27 21.13 6.67
N SER A 273 -23.26 20.88 7.51
CA SER A 273 -23.06 19.57 8.08
C SER A 273 -24.04 19.24 9.20
N PRO A 274 -24.61 18.03 9.15
CA PRO A 274 -25.57 17.62 10.16
C PRO A 274 -24.88 16.99 11.37
N ASN A 275 -25.25 17.44 12.55
CA ASN A 275 -24.77 16.86 13.80
C ASN A 275 -25.96 16.14 14.45
N ILE A 276 -25.89 14.82 14.51
CA ILE A 276 -27.04 13.99 14.86
C ILE A 276 -26.96 13.43 16.28
N ILE A 277 -27.90 13.83 17.13
CA ILE A 277 -27.93 13.39 18.52
C ILE A 277 -29.04 12.35 18.72
N MET A 278 -28.65 11.08 18.86
CA MET A 278 -29.64 10.02 19.13
C MET A 278 -30.10 10.09 20.58
N SER A 279 -31.21 9.43 20.88
CA SER A 279 -31.84 9.52 22.20
C SER A 279 -31.00 8.89 23.32
N ASP A 280 -30.10 7.96 22.97
CA ASP A 280 -29.23 7.31 23.95
C ASP A 280 -27.83 7.95 24.03
N ALA A 281 -27.72 9.18 23.58
CA ALA A 281 -26.44 9.89 23.64
C ALA A 281 -26.14 10.31 25.07
N ASP A 282 -24.87 10.56 25.38
CA ASP A 282 -24.52 11.20 26.64
C ASP A 282 -24.91 12.65 26.52
N MET A 283 -25.95 13.04 27.25
CA MET A 283 -26.54 14.38 27.14
C MET A 283 -25.55 15.52 27.40
N ASP A 284 -24.88 15.52 28.55
CA ASP A 284 -23.92 16.58 28.87
C ASP A 284 -22.84 16.69 27.80
N TRP A 285 -22.22 15.56 27.47
CA TRP A 285 -21.21 15.50 26.44
C TRP A 285 -21.74 15.99 25.08
N ALA A 286 -22.93 15.52 24.72
CA ALA A 286 -23.55 15.92 23.45
C ALA A 286 -23.80 17.43 23.36
N VAL A 287 -24.28 18.02 24.44
CA VAL A 287 -24.58 19.46 24.47
C VAL A 287 -23.30 20.28 24.27
N GLU A 288 -22.26 19.96 25.04
CA GLU A 288 -21.00 20.68 24.94
C GLU A 288 -20.36 20.56 23.55
N GLN A 289 -20.34 19.34 23.01
CA GLN A 289 -19.76 19.11 21.69
C GLN A 289 -20.59 19.74 20.58
N ALA A 290 -21.91 19.82 20.76
CA ALA A 290 -22.78 20.40 19.75
C ALA A 290 -22.60 21.90 19.72
N HIS A 291 -22.32 22.46 20.90
CA HIS A 291 -22.04 23.87 21.06
C HIS A 291 -20.73 24.20 20.34
N PHE A 292 -19.69 23.42 20.64
CA PHE A 292 -18.39 23.59 20.01
C PHE A 292 -18.49 23.37 18.50
N ALA A 293 -19.30 22.39 18.11
CA ALA A 293 -19.48 22.03 16.70
C ALA A 293 -19.95 23.20 15.85
N LEU A 294 -20.79 24.04 16.43
CA LEU A 294 -21.36 25.17 15.72
C LEU A 294 -20.58 26.47 15.97
N PHE A 295 -20.26 26.78 17.22
CA PHE A 295 -19.73 28.09 17.57
C PHE A 295 -18.23 28.26 17.38
N PHE A 296 -17.50 27.16 17.22
CA PHE A 296 -16.04 27.23 17.12
C PHE A 296 -15.59 28.21 16.03
N ASN A 297 -14.61 29.03 16.36
CA ASN A 297 -14.03 30.01 15.45
C ASN A 297 -15.10 30.97 14.90
N GLN A 298 -15.93 31.51 15.80
CA GLN A 298 -17.00 32.44 15.44
C GLN A 298 -17.98 31.83 14.44
N GLY A 299 -18.10 30.49 14.45
CA GLY A 299 -18.96 29.81 13.52
C GLY A 299 -18.39 29.77 12.10
N GLN A 300 -17.18 30.30 11.93
CA GLN A 300 -16.58 30.42 10.61
C GLN A 300 -15.74 29.20 10.26
N CYS A 301 -16.41 28.04 10.24
N CYS A 301 -16.41 28.04 10.27
CA CYS A 301 -15.74 26.78 9.94
CA CYS A 301 -15.77 26.78 9.93
C CYS A 301 -16.51 26.05 8.83
C CYS A 301 -16.52 26.12 8.78
N CYS A 302 -15.78 25.60 7.80
CA CYS A 302 -16.41 24.92 6.67
C CYS A 302 -17.30 23.77 7.11
N CYS A 303 -16.84 23.02 8.11
CA CYS A 303 -17.50 21.80 8.53
C CYS A 303 -18.34 21.99 9.80
N ALA A 304 -18.77 23.23 10.05
CA ALA A 304 -19.58 23.51 11.24
C ALA A 304 -20.86 22.68 11.25
N GLY A 305 -21.19 22.10 12.40
CA GLY A 305 -22.42 21.36 12.55
C GLY A 305 -23.60 22.31 12.59
N SER A 306 -23.99 22.81 11.43
CA SER A 306 -24.99 23.88 11.33
C SER A 306 -26.41 23.34 11.16
N ARG A 307 -26.55 22.01 11.23
CA ARG A 307 -27.85 21.35 11.30
C ARG A 307 -27.82 20.34 12.42
N THR A 308 -28.30 20.74 13.60
CA THR A 308 -28.31 19.86 14.75
C THR A 308 -29.60 19.07 14.82
N PHE A 309 -29.55 17.82 14.36
CA PHE A 309 -30.71 16.94 14.41
C PHE A 309 -30.82 16.28 15.78
N VAL A 310 -31.95 16.46 16.44
CA VAL A 310 -32.14 15.96 17.80
C VAL A 310 -33.36 15.07 17.89
N GLN A 311 -33.18 13.85 18.39
CA GLN A 311 -34.27 12.89 18.45
C GLN A 311 -35.36 13.42 19.38
N GLU A 312 -36.61 13.22 19.00
CA GLU A 312 -37.74 13.88 19.68
C GLU A 312 -37.85 13.60 21.19
N ASP A 313 -37.46 12.41 21.63
CA ASP A 313 -37.56 12.03 23.05
C ASP A 313 -36.61 12.82 23.95
N ILE A 314 -35.60 13.45 23.36
CA ILE A 314 -34.66 14.25 24.14
C ILE A 314 -34.57 15.68 23.66
N TYR A 315 -35.50 16.05 22.78
CA TYR A 315 -35.48 17.37 22.15
C TYR A 315 -35.48 18.53 23.15
N ASP A 316 -36.54 18.63 23.94
CA ASP A 316 -36.68 19.73 24.89
C ASP A 316 -35.48 19.81 25.84
N GLU A 317 -35.07 18.65 26.36
CA GLU A 317 -33.93 18.59 27.27
C GLU A 317 -32.65 19.14 26.63
N PHE A 318 -32.37 18.68 25.42
CA PHE A 318 -31.21 19.14 24.67
C PHE A 318 -31.30 20.65 24.42
N VAL A 319 -32.46 21.12 23.98
CA VAL A 319 -32.64 22.50 23.62
C VAL A 319 -32.39 23.42 24.83
N GLU A 320 -33.00 23.08 25.96
CA GLU A 320 -32.87 23.88 27.18
C GLU A 320 -31.41 24.05 27.58
N ARG A 321 -30.66 22.95 27.62
CA ARG A 321 -29.23 23.01 27.92
C ARG A 321 -28.44 23.78 26.87
N SER A 322 -28.76 23.55 25.59
CA SER A 322 -28.09 24.25 24.50
C SER A 322 -28.29 25.76 24.58
N VAL A 323 -29.49 26.19 24.93
CA VAL A 323 -29.78 27.62 25.07
C VAL A 323 -29.09 28.22 26.28
N ALA A 324 -29.10 27.49 27.39
CA ALA A 324 -28.39 27.91 28.59
C ALA A 324 -26.90 28.13 28.34
N ARG A 325 -26.29 27.20 27.60
CA ARG A 325 -24.87 27.29 27.28
C ARG A 325 -24.57 28.46 26.35
N ALA A 326 -25.41 28.64 25.34
CA ALA A 326 -25.24 29.72 24.37
C ALA A 326 -25.28 31.07 25.07
N LYS A 327 -26.16 31.19 26.06
CA LYS A 327 -26.32 32.45 26.80
C LYS A 327 -25.14 32.74 27.74
N SER A 328 -24.32 31.74 28.02
CA SER A 328 -23.17 31.95 28.89
C SER A 328 -21.90 32.19 28.09
N ARG A 329 -21.98 32.06 26.78
CA ARG A 329 -20.81 32.23 25.92
C ARG A 329 -20.35 33.68 25.92
N VAL A 330 -19.06 33.89 26.24
CA VAL A 330 -18.53 35.24 26.38
C VAL A 330 -18.02 35.80 25.06
N VAL A 331 -18.54 36.95 24.66
CA VAL A 331 -18.19 37.59 23.39
C VAL A 331 -17.50 38.92 23.64
N GLY A 332 -16.34 39.13 23.02
CA GLY A 332 -15.60 40.37 23.21
C GLY A 332 -14.16 40.35 22.72
N ASN A 333 -13.36 41.26 23.26
CA ASN A 333 -11.95 41.42 22.88
C ASN A 333 -11.20 40.09 22.88
N PRO A 334 -10.71 39.70 21.70
CA PRO A 334 -10.05 38.39 21.53
C PRO A 334 -8.72 38.28 22.28
N PHE A 335 -8.17 39.41 22.70
CA PHE A 335 -6.94 39.39 23.52
C PHE A 335 -7.25 39.25 25.01
N ASP A 336 -8.53 39.25 25.36
CA ASP A 336 -8.92 39.02 26.75
C ASP A 336 -9.16 37.53 26.95
N SER A 337 -8.51 36.97 27.97
CA SER A 337 -8.55 35.53 28.19
C SER A 337 -9.95 35.00 28.55
N LYS A 338 -10.84 35.90 28.95
CA LYS A 338 -12.21 35.53 29.25
C LYS A 338 -13.02 35.21 27.98
N THR A 339 -12.58 35.79 26.86
CA THR A 339 -13.34 35.73 25.62
C THR A 339 -13.37 34.33 24.99
N GLU A 340 -14.57 33.86 24.67
CA GLU A 340 -14.75 32.60 23.97
C GLU A 340 -14.96 32.88 22.49
N GLN A 341 -15.51 34.05 22.19
CA GLN A 341 -15.92 34.38 20.84
C GLN A 341 -15.56 35.82 20.46
N GLY A 342 -14.67 35.97 19.49
CA GLY A 342 -14.30 37.28 18.99
C GLY A 342 -15.28 37.78 17.95
N PRO A 343 -14.86 38.73 17.11
CA PRO A 343 -15.76 39.27 16.09
C PRO A 343 -15.76 38.43 14.83
N GLN A 344 -16.70 38.66 13.93
CA GLN A 344 -16.67 38.06 12.60
C GLN A 344 -15.54 38.74 11.82
N VAL A 345 -15.11 38.13 10.72
CA VAL A 345 -13.90 38.57 10.05
C VAL A 345 -13.97 39.99 9.44
N ASP A 346 -15.15 40.38 8.95
CA ASP A 346 -15.30 41.70 8.33
C ASP A 346 -16.76 42.12 8.24
N GLU A 347 -16.96 43.33 7.73
CA GLU A 347 -18.29 43.92 7.64
C GLU A 347 -19.24 43.14 6.72
N THR A 348 -18.72 42.63 5.61
CA THR A 348 -19.56 41.88 4.68
C THR A 348 -20.13 40.59 5.31
N GLN A 349 -19.26 39.85 6.01
CA GLN A 349 -19.68 38.65 6.72
C GLN A 349 -20.64 39.02 7.86
N PHE A 350 -20.28 40.07 8.59
CA PHE A 350 -21.10 40.63 9.66
C PHE A 350 -22.54 40.86 9.19
N LYS A 351 -22.69 41.69 8.15
CA LYS A 351 -24.01 42.00 7.58
C LYS A 351 -24.75 40.76 7.10
N LYS A 352 -24.01 39.85 6.46
CA LYS A 352 -24.60 38.65 5.87
C LYS A 352 -25.24 37.78 6.95
N ILE A 353 -24.53 37.60 8.07
CA ILE A 353 -25.06 36.79 9.18
C ILE A 353 -26.36 37.38 9.75
N LEU A 354 -26.34 38.69 10.01
CA LEU A 354 -27.53 39.41 10.44
C LEU A 354 -28.71 39.18 9.49
N GLY A 355 -28.43 39.15 8.20
CA GLY A 355 -29.44 38.90 7.19
C GLY A 355 -30.07 37.52 7.37
N TYR A 356 -29.23 36.51 7.53
CA TYR A 356 -29.72 35.15 7.73
C TYR A 356 -30.56 35.01 8.99
N ILE A 357 -30.16 35.69 10.06
CA ILE A 357 -30.92 35.67 11.31
C ILE A 357 -32.33 36.26 11.07
N ASN A 358 -32.40 37.33 10.28
CA ASN A 358 -33.69 37.90 9.94
C ASN A 358 -34.61 36.95 9.18
N THR A 359 -34.04 36.19 8.23
CA THR A 359 -34.84 35.21 7.49
C THR A 359 -35.35 34.12 8.42
N GLY A 360 -34.57 33.78 9.45
CA GLY A 360 -34.98 32.76 10.40
C GLY A 360 -36.21 33.20 11.17
N LYS A 361 -36.17 34.43 11.68
CA LYS A 361 -37.30 34.99 12.39
C LYS A 361 -38.53 35.12 11.48
N GLN A 362 -38.29 35.57 10.25
CA GLN A 362 -39.37 35.83 9.31
C GLN A 362 -40.03 34.54 8.82
N GLU A 363 -39.23 33.49 8.67
CA GLU A 363 -39.73 32.23 8.12
C GLU A 363 -40.37 31.34 9.17
N GLY A 364 -40.33 31.75 10.43
CA GLY A 364 -41.08 31.06 11.46
C GLY A 364 -40.26 30.14 12.35
N ALA A 365 -38.94 30.22 12.24
CA ALA A 365 -38.07 29.50 13.17
C ALA A 365 -38.13 30.20 14.51
N LYS A 366 -37.95 29.46 15.60
CA LYS A 366 -38.10 30.04 16.92
C LYS A 366 -36.80 30.54 17.50
N LEU A 367 -36.65 31.87 17.53
CA LEU A 367 -35.49 32.49 18.14
C LEU A 367 -35.52 32.22 19.63
N LEU A 368 -34.51 31.50 20.12
CA LEU A 368 -34.46 31.15 21.54
C LEU A 368 -33.53 32.05 22.34
N CYS A 369 -32.48 32.56 21.68
CA CYS A 369 -31.58 33.52 22.32
C CYS A 369 -30.70 34.23 21.29
N GLY A 370 -30.13 35.36 21.70
CA GLY A 370 -29.33 36.19 20.80
C GLY A 370 -30.16 36.78 19.67
N GLY A 371 -29.55 36.86 18.50
CA GLY A 371 -30.23 37.44 17.33
C GLY A 371 -29.78 38.84 16.98
N GLY A 372 -29.00 39.47 17.85
CA GLY A 372 -28.63 40.85 17.67
C GLY A 372 -27.14 41.12 17.70
N ILE A 373 -26.78 42.39 17.61
CA ILE A 373 -25.39 42.80 17.66
C ILE A 373 -24.91 42.82 19.11
N ALA A 374 -23.68 42.38 19.35
CA ALA A 374 -23.18 42.21 20.71
C ALA A 374 -22.24 43.31 21.18
N ALA A 375 -21.92 44.26 20.31
CA ALA A 375 -21.05 45.38 20.67
C ALA A 375 -21.19 46.56 19.70
N ASP A 376 -20.93 47.76 20.19
CA ASP A 376 -21.09 48.95 19.37
C ASP A 376 -19.82 49.28 18.59
N ARG A 377 -18.84 48.39 18.67
CA ARG A 377 -17.58 48.56 17.97
C ARG A 377 -17.00 47.21 17.57
N GLY A 378 -16.67 47.06 16.29
CA GLY A 378 -16.24 45.78 15.77
C GLY A 378 -17.41 45.01 15.21
N TYR A 379 -17.15 43.79 14.75
CA TYR A 379 -18.19 42.99 14.13
C TYR A 379 -18.65 41.83 15.00
N PHE A 380 -19.14 42.16 16.19
CA PHE A 380 -19.52 41.15 17.17
C PHE A 380 -21.01 40.81 17.07
N ILE A 381 -21.31 39.52 17.05
CA ILE A 381 -22.68 39.04 16.95
C ILE A 381 -23.00 38.10 18.10
N GLN A 382 -24.16 38.28 18.72
CA GLN A 382 -24.59 37.44 19.83
C GLN A 382 -24.70 35.97 19.42
N PRO A 383 -24.31 35.08 20.33
CA PRO A 383 -24.56 33.64 20.10
C PRO A 383 -26.06 33.41 19.96
N THR A 384 -26.46 32.85 18.82
CA THR A 384 -27.87 32.75 18.48
C THR A 384 -28.31 31.30 18.26
N VAL A 385 -29.47 30.96 18.78
CA VAL A 385 -30.01 29.61 18.65
C VAL A 385 -31.45 29.62 18.16
N PHE A 386 -31.71 28.93 17.06
CA PHE A 386 -33.06 28.74 16.54
C PHE A 386 -33.57 27.33 16.84
N GLY A 387 -34.85 27.21 17.21
CA GLY A 387 -35.45 25.92 17.43
C GLY A 387 -36.56 25.63 16.44
N ASP A 388 -36.95 24.36 16.35
CA ASP A 388 -38.03 23.93 15.46
C ASP A 388 -37.76 24.31 14.00
N VAL A 389 -36.49 24.31 13.61
CA VAL A 389 -36.10 24.63 12.25
C VAL A 389 -36.58 23.55 11.29
N GLN A 390 -37.13 23.94 10.15
CA GLN A 390 -37.60 22.99 9.14
C GLN A 390 -36.60 22.93 7.99
N ASP A 391 -36.53 21.78 7.31
CA ASP A 391 -35.59 21.56 6.21
C ASP A 391 -35.72 22.57 5.07
N GLY A 392 -36.90 23.13 4.88
CA GLY A 392 -37.12 24.07 3.80
C GLY A 392 -36.73 25.50 4.09
N MET A 393 -36.44 25.80 5.36
CA MET A 393 -36.07 27.16 5.75
C MET A 393 -34.70 27.56 5.20
N THR A 394 -34.51 28.86 4.99
CA THR A 394 -33.24 29.37 4.46
C THR A 394 -32.07 29.02 5.37
N ILE A 395 -32.24 29.23 6.68
CA ILE A 395 -31.18 28.97 7.63
C ILE A 395 -30.82 27.47 7.71
N ALA A 396 -31.63 26.63 7.09
CA ALA A 396 -31.38 25.19 7.10
C ALA A 396 -30.72 24.70 5.81
N LYS A 397 -30.80 25.52 4.76
CA LYS A 397 -30.23 25.14 3.46
C LYS A 397 -28.91 25.84 3.08
N GLU A 398 -28.68 27.06 3.59
CA GLU A 398 -27.55 27.85 3.15
C GLU A 398 -26.53 28.08 4.26
N GLU A 399 -25.28 28.21 3.84
CA GLU A 399 -24.17 28.38 4.78
C GLU A 399 -24.18 29.78 5.40
N ILE A 400 -24.34 29.85 6.70
CA ILE A 400 -24.39 31.13 7.41
C ILE A 400 -23.00 31.66 7.77
N PHE A 401 -22.13 30.74 8.18
CA PHE A 401 -20.75 31.06 8.55
C PHE A 401 -20.69 32.06 9.71
N GLY A 402 -21.61 31.88 10.65
CA GLY A 402 -21.67 32.73 11.83
C GLY A 402 -22.16 31.96 13.04
N PRO A 403 -22.18 32.62 14.20
CA PRO A 403 -22.59 31.96 15.45
C PRO A 403 -24.11 31.78 15.51
N VAL A 404 -24.65 31.01 14.58
CA VAL A 404 -26.10 30.84 14.48
C VAL A 404 -26.45 29.36 14.40
N MET A 405 -27.10 28.87 15.44
CA MET A 405 -27.34 27.44 15.60
C MET A 405 -28.76 27.05 15.18
N GLN A 406 -28.87 25.99 14.39
CA GLN A 406 -30.16 25.46 13.99
C GLN A 406 -30.41 24.11 14.66
N ILE A 407 -31.55 23.96 15.33
CA ILE A 407 -31.89 22.70 15.97
C ILE A 407 -33.16 22.10 15.36
N LEU A 408 -33.02 20.93 14.75
CA LEU A 408 -34.12 20.29 14.05
C LEU A 408 -34.55 19.02 14.77
N LYS A 409 -35.83 18.69 14.68
CA LYS A 409 -36.37 17.54 15.39
C LYS A 409 -36.61 16.38 14.42
N PHE A 410 -36.24 15.18 14.83
CA PHE A 410 -36.49 13.99 14.03
C PHE A 410 -36.91 12.84 14.95
N LYS A 411 -37.46 11.78 14.35
CA LYS A 411 -37.91 10.62 15.13
C LYS A 411 -37.10 9.33 14.88
N THR A 412 -36.92 8.95 13.63
CA THR A 412 -36.33 7.65 13.33
C THR A 412 -34.92 7.80 12.78
N ILE A 413 -34.16 6.71 12.81
CA ILE A 413 -32.81 6.70 12.26
C ILE A 413 -32.84 6.77 10.73
N GLU A 414 -33.84 6.15 10.10
CA GLU A 414 -33.97 6.20 8.66
C GLU A 414 -34.32 7.62 8.22
N GLU A 415 -35.11 8.30 9.04
CA GLU A 415 -35.51 9.69 8.75
C GLU A 415 -34.31 10.61 8.71
N VAL A 416 -33.48 10.56 9.76
CA VAL A 416 -32.36 11.48 9.87
C VAL A 416 -31.32 11.25 8.77
N VAL A 417 -31.14 10.00 8.36
CA VAL A 417 -30.28 9.68 7.23
C VAL A 417 -30.75 10.38 5.94
N GLY A 418 -32.03 10.21 5.62
CA GLY A 418 -32.61 10.82 4.43
C GLY A 418 -32.52 12.36 4.45
N ARG A 419 -32.81 12.94 5.60
CA ARG A 419 -32.79 14.40 5.73
C ARG A 419 -31.37 14.97 5.78
N ALA A 420 -30.45 14.26 6.42
CA ALA A 420 -29.07 14.73 6.44
C ALA A 420 -28.47 14.67 5.04
N ASN A 421 -28.71 13.58 4.31
CA ASN A 421 -28.18 13.39 2.96
C ASN A 421 -28.87 14.25 1.89
N ASN A 422 -30.05 14.78 2.21
CA ASN A 422 -30.78 15.58 1.24
C ASN A 422 -30.17 16.97 1.14
N SER A 423 -28.95 17.03 0.64
CA SER A 423 -28.22 18.28 0.55
C SER A 423 -27.26 18.22 -0.61
N THR A 424 -26.93 19.37 -1.17
CA THR A 424 -25.91 19.43 -2.21
C THR A 424 -24.53 19.51 -1.56
N TYR A 425 -24.50 19.69 -0.24
CA TYR A 425 -23.25 19.65 0.52
C TYR A 425 -23.03 18.27 1.15
N GLY A 426 -21.78 17.98 1.51
CA GLY A 426 -21.44 16.71 2.11
C GLY A 426 -20.00 16.71 2.63
N LEU A 427 -19.66 17.73 3.40
CA LEU A 427 -18.28 17.91 3.89
C LEU A 427 -18.03 17.09 5.16
N ALA A 428 -18.96 17.17 6.10
CA ALA A 428 -18.79 16.49 7.37
C ALA A 428 -20.13 16.09 7.96
N ALA A 429 -20.08 15.27 9.01
CA ALA A 429 -21.24 14.84 9.77
C ALA A 429 -20.77 14.23 11.09
N ALA A 430 -21.69 14.15 12.05
CA ALA A 430 -21.40 13.53 13.33
C ALA A 430 -22.62 12.80 13.89
N VAL A 431 -22.35 11.83 14.74
CA VAL A 431 -23.38 11.03 15.37
C VAL A 431 -23.07 10.85 16.85
N PHE A 432 -24.03 11.18 17.71
CA PHE A 432 -23.89 10.97 19.14
C PHE A 432 -24.82 9.87 19.65
N THR A 433 -24.23 8.76 20.07
CA THR A 433 -24.96 7.58 20.54
C THR A 433 -24.04 6.64 21.32
N LYS A 434 -24.63 5.81 22.18
CA LYS A 434 -23.88 4.80 22.90
C LYS A 434 -24.02 3.44 22.23
N ASP A 435 -24.89 3.36 21.23
CA ASP A 435 -25.22 2.10 20.58
C ASP A 435 -24.29 1.76 19.41
N LEU A 436 -23.67 0.59 19.50
CA LEU A 436 -22.73 0.10 18.50
C LEU A 436 -23.34 0.05 17.11
N ASP A 437 -24.53 -0.55 16.99
CA ASP A 437 -25.19 -0.68 15.69
C ASP A 437 -25.60 0.64 15.05
N LYS A 438 -26.18 1.53 15.85
CA LYS A 438 -26.58 2.85 15.35
C LYS A 438 -25.36 3.63 14.83
N ALA A 439 -24.28 3.60 15.59
CA ALA A 439 -23.03 4.26 15.20
C ALA A 439 -22.52 3.72 13.86
N ASN A 440 -22.41 2.40 13.76
CA ASN A 440 -21.94 1.78 12.52
C ASN A 440 -22.87 2.01 11.31
N TYR A 441 -24.18 1.89 11.53
CA TYR A 441 -25.11 2.11 10.43
C TYR A 441 -25.07 3.55 9.91
N LEU A 442 -25.09 4.50 10.84
CA LEU A 442 -25.09 5.92 10.48
C LEU A 442 -23.79 6.33 9.80
N SER A 443 -22.64 5.94 10.36
CA SER A 443 -21.35 6.33 9.79
C SER A 443 -21.21 5.82 8.36
N GLN A 444 -21.93 4.75 8.05
CA GLN A 444 -21.94 4.20 6.69
C GLN A 444 -22.93 4.91 5.76
N ALA A 445 -24.12 5.24 6.27
CA ALA A 445 -25.19 5.78 5.45
C ALA A 445 -24.95 7.23 5.07
N LEU A 446 -24.25 7.96 5.91
CA LEU A 446 -24.07 9.39 5.72
C LEU A 446 -23.13 9.71 4.56
N GLN A 447 -23.55 10.61 3.68
CA GLN A 447 -22.72 11.03 2.55
C GLN A 447 -21.87 12.21 2.98
N ALA A 448 -20.78 11.95 3.70
CA ALA A 448 -19.91 13.02 4.16
C ALA A 448 -18.46 12.57 4.16
N GLY A 449 -17.55 13.48 3.84
CA GLY A 449 -16.12 13.16 3.79
C GLY A 449 -15.56 12.78 5.14
N THR A 450 -16.16 13.30 6.21
CA THR A 450 -15.73 12.98 7.56
C THR A 450 -16.95 12.70 8.43
N VAL A 451 -16.97 11.55 9.08
CA VAL A 451 -18.02 11.25 10.04
C VAL A 451 -17.45 11.11 11.44
N TRP A 452 -17.76 12.07 12.31
CA TRP A 452 -17.37 11.98 13.71
C TRP A 452 -18.37 11.17 14.55
N VAL A 453 -17.86 10.33 15.45
CA VAL A 453 -18.74 9.58 16.35
C VAL A 453 -18.42 9.95 17.79
N ASN A 454 -19.41 10.51 18.48
CA ASN A 454 -19.27 10.99 19.86
C ASN A 454 -18.16 12.02 20.04
N CYS A 455 -17.92 12.81 19.00
CA CYS A 455 -16.98 13.93 19.07
C CYS A 455 -17.26 14.83 17.87
N TYR A 456 -16.60 15.98 17.79
CA TYR A 456 -16.76 16.88 16.66
C TYR A 456 -15.49 17.71 16.47
N ASP A 457 -15.25 18.12 15.23
CA ASP A 457 -14.07 18.91 14.89
C ASP A 457 -12.76 18.27 15.37
N VAL A 458 -12.66 16.96 15.24
CA VAL A 458 -11.42 16.26 15.57
C VAL A 458 -10.60 16.10 14.30
N PHE A 459 -9.58 16.93 14.15
CA PHE A 459 -8.73 16.93 12.96
C PHE A 459 -7.42 16.25 13.26
N GLY A 460 -7.02 15.34 12.38
CA GLY A 460 -5.74 14.67 12.50
C GLY A 460 -4.93 14.84 11.24
N ALA A 461 -3.66 15.24 11.39
CA ALA A 461 -2.76 15.33 10.24
C ALA A 461 -2.68 13.99 9.51
N GLN A 462 -2.95 12.91 10.23
CA GLN A 462 -2.91 11.57 9.67
C GLN A 462 -4.17 11.17 8.91
N SER A 463 -5.27 11.88 9.14
CA SER A 463 -6.56 11.51 8.58
C SER A 463 -7.09 12.51 7.56
N PRO A 464 -7.45 12.02 6.37
CA PRO A 464 -7.86 12.87 5.23
C PRO A 464 -9.16 13.65 5.53
N PHE A 465 -9.31 14.80 4.89
CA PHE A 465 -10.46 15.68 5.11
C PHE A 465 -10.86 16.30 3.77
N GLY A 466 -12.15 16.26 3.45
CA GLY A 466 -12.67 16.84 2.22
C GLY A 466 -14.13 16.49 1.97
N GLY A 467 -14.72 17.05 0.94
CA GLY A 467 -16.16 16.94 0.79
C GLY A 467 -16.66 15.97 -0.27
N TYR A 468 -17.82 15.38 0.00
CA TYR A 468 -18.65 14.72 -1.01
C TYR A 468 -19.39 15.79 -1.78
N LYS A 469 -19.90 15.45 -2.96
CA LYS A 469 -20.79 16.32 -3.73
C LYS A 469 -20.18 17.68 -4.00
N MET A 470 -20.94 18.73 -3.70
CA MET A 470 -20.49 20.11 -3.98
C MET A 470 -19.69 20.74 -2.85
N SER A 471 -19.37 19.97 -1.81
CA SER A 471 -18.47 20.44 -0.76
C SER A 471 -17.01 20.30 -1.18
N GLY A 472 -16.77 19.79 -2.38
CA GLY A 472 -15.42 19.77 -2.94
C GLY A 472 -15.03 18.47 -3.64
N SER A 473 -13.79 18.39 -4.09
CA SER A 473 -13.26 17.15 -4.66
C SER A 473 -11.82 16.96 -4.22
N GLY A 474 -11.43 15.71 -4.00
CA GLY A 474 -10.11 15.41 -3.50
C GLY A 474 -10.06 15.55 -2.00
N ARG A 475 -8.93 15.16 -1.41
CA ARG A 475 -8.78 15.18 0.05
C ARG A 475 -7.49 15.87 0.45
N GLU A 476 -7.49 16.47 1.64
CA GLU A 476 -6.29 17.01 2.23
C GLU A 476 -5.98 16.28 3.53
N LEU A 477 -4.73 16.35 3.97
CA LEU A 477 -4.24 15.65 5.17
C LEU A 477 -4.08 14.15 4.91
N GLY A 478 -3.29 13.50 5.76
CA GLY A 478 -3.02 12.08 5.60
C GLY A 478 -2.23 11.76 4.34
N GLU A 479 -2.15 10.46 4.03
CA GLU A 479 -1.46 10.03 2.83
C GLU A 479 -2.20 10.54 1.59
N TYR A 480 -3.53 10.46 1.62
CA TYR A 480 -4.37 10.91 0.50
C TYR A 480 -3.99 12.32 0.05
N GLY A 481 -3.56 13.16 0.98
CA GLY A 481 -3.16 14.52 0.67
C GLY A 481 -2.02 14.64 -0.31
N LEU A 482 -1.27 13.54 -0.53
CA LEU A 482 -0.14 13.57 -1.45
C LEU A 482 -0.56 13.28 -2.90
N GLN A 483 -1.75 12.67 -3.06
CA GLN A 483 -2.20 12.16 -4.36
C GLN A 483 -2.34 13.25 -5.42
N ALA A 484 -2.94 14.37 -5.08
CA ALA A 484 -3.18 15.44 -6.04
C ALA A 484 -1.90 16.21 -6.40
N TYR A 485 -0.83 15.93 -5.67
CA TYR A 485 0.44 16.61 -5.91
C TYR A 485 1.44 15.69 -6.56
N THR A 486 0.95 14.57 -7.10
CA THR A 486 1.78 13.57 -7.73
C THR A 486 1.34 13.34 -9.17
N GLU A 487 2.28 13.27 -10.10
CA GLU A 487 2.01 12.85 -11.46
C GLU A 487 2.65 11.48 -11.69
N VAL A 488 1.86 10.53 -12.19
CA VAL A 488 2.33 9.16 -12.31
C VAL A 488 2.92 8.88 -13.70
N LYS A 489 4.12 8.31 -13.72
CA LYS A 489 4.77 7.95 -14.96
C LYS A 489 5.04 6.46 -14.98
N THR A 490 4.58 5.78 -16.02
CA THR A 490 4.88 4.36 -16.18
C THR A 490 6.09 4.20 -17.10
N VAL A 491 7.07 3.39 -16.69
CA VAL A 491 8.20 3.04 -17.54
C VAL A 491 8.16 1.54 -17.82
N THR A 492 8.08 1.19 -19.11
CA THR A 492 7.95 -0.22 -19.50
C THR A 492 9.09 -0.57 -20.43
N VAL A 493 9.98 -1.47 -19.97
CA VAL A 493 11.20 -1.78 -20.69
C VAL A 493 11.28 -3.24 -21.12
N LYS A 494 11.67 -3.48 -22.36
CA LYS A 494 11.85 -4.84 -22.86
C LYS A 494 13.07 -5.49 -22.20
N VAL A 495 12.92 -6.73 -21.73
CA VAL A 495 14.01 -7.46 -21.08
C VAL A 495 14.26 -8.78 -21.81
N PRO A 496 15.49 -9.32 -21.72
CA PRO A 496 15.85 -10.57 -22.41
C PRO A 496 14.94 -11.75 -22.05
N GLN A 497 14.57 -11.91 -20.78
CA GLN A 497 13.69 -13.01 -20.38
C GLN A 497 13.05 -12.80 -19.02
N LYS A 498 11.77 -12.43 -19.03
CA LYS A 498 11.03 -12.14 -17.80
C LYS A 498 10.88 -13.39 -16.93
N ASN A 499 11.25 -13.28 -15.66
CA ASN A 499 10.99 -14.34 -14.69
C ASN A 499 10.31 -13.78 -13.45
N SER A 500 9.52 -14.63 -12.77
CA SER A 500 8.86 -14.23 -11.53
C SER A 500 9.85 -13.89 -10.42
N VAL B 8 -6.96 -18.48 -35.75
CA VAL B 8 -7.95 -17.44 -35.98
C VAL B 8 -9.06 -17.93 -36.91
N PRO B 9 -10.28 -18.02 -36.38
CA PRO B 9 -11.40 -18.59 -37.14
C PRO B 9 -11.83 -17.68 -38.28
N ALA B 10 -12.24 -18.26 -39.39
CA ALA B 10 -12.74 -17.49 -40.53
C ALA B 10 -14.06 -16.85 -40.13
N PRO B 11 -14.13 -15.52 -40.20
CA PRO B 11 -15.30 -14.77 -39.76
C PRO B 11 -16.38 -14.72 -40.81
N ASN B 12 -17.61 -14.45 -40.37
CA ASN B 12 -18.66 -14.04 -41.29
C ASN B 12 -18.45 -12.57 -41.59
N GLN B 13 -18.05 -12.26 -42.82
CA GLN B 13 -17.73 -10.89 -43.23
C GLN B 13 -18.95 -9.99 -43.23
N GLN B 14 -20.13 -10.58 -43.07
CA GLN B 14 -21.35 -9.80 -42.96
C GLN B 14 -22.17 -10.21 -41.72
N PRO B 15 -21.60 -10.00 -40.51
CA PRO B 15 -22.24 -10.40 -39.26
C PRO B 15 -23.56 -9.68 -39.02
N GLU B 16 -24.56 -10.39 -38.53
CA GLU B 16 -25.86 -9.80 -38.27
C GLU B 16 -25.82 -8.92 -37.02
N VAL B 17 -26.59 -7.84 -37.04
CA VAL B 17 -26.68 -6.95 -35.89
C VAL B 17 -27.91 -7.29 -35.06
N PHE B 18 -27.68 -7.59 -33.79
CA PHE B 18 -28.77 -7.96 -32.87
C PHE B 18 -29.21 -6.82 -31.95
N CYS B 19 -28.34 -5.83 -31.75
CA CYS B 19 -28.64 -4.75 -30.80
C CYS B 19 -28.35 -3.38 -31.40
N ASN B 20 -29.36 -2.51 -31.40
CA ASN B 20 -29.23 -1.20 -32.03
C ASN B 20 -30.16 -0.19 -31.38
N GLN B 21 -30.43 -0.37 -30.09
CA GLN B 21 -31.31 0.54 -29.36
C GLN B 21 -30.59 1.10 -28.14
N ILE B 22 -31.34 1.79 -27.29
CA ILE B 22 -30.78 2.35 -26.07
C ILE B 22 -30.93 1.33 -24.94
N PHE B 23 -29.91 1.23 -24.10
CA PHE B 23 -29.88 0.23 -23.04
C PHE B 23 -30.04 0.87 -21.66
N ILE B 24 -31.23 0.71 -21.08
CA ILE B 24 -31.48 1.28 -19.76
C ILE B 24 -32.21 0.25 -18.90
N ASN B 25 -31.77 0.09 -17.65
CA ASN B 25 -32.30 -0.92 -16.73
C ASN B 25 -32.35 -2.29 -17.36
N ASN B 26 -31.27 -2.68 -18.04
CA ASN B 26 -31.21 -3.99 -18.68
C ASN B 26 -32.33 -4.20 -19.69
N GLU B 27 -32.83 -3.10 -20.24
CA GLU B 27 -33.90 -3.16 -21.23
C GLU B 27 -33.50 -2.40 -22.49
N TRP B 28 -34.10 -2.77 -23.62
CA TRP B 28 -33.85 -2.08 -24.87
C TRP B 28 -34.98 -1.09 -25.18
N HIS B 29 -34.61 0.16 -25.40
CA HIS B 29 -35.58 1.22 -25.62
C HIS B 29 -35.28 1.99 -26.90
N ASP B 30 -36.33 2.39 -27.60
CA ASP B 30 -36.21 3.38 -28.65
C ASP B 30 -35.97 4.72 -27.98
N ALA B 31 -35.39 5.66 -28.73
CA ALA B 31 -35.21 6.99 -28.17
C ALA B 31 -36.59 7.60 -27.90
N VAL B 32 -36.65 8.53 -26.95
CA VAL B 32 -37.88 9.24 -26.66
C VAL B 32 -38.45 9.88 -27.93
N SER B 33 -37.56 10.38 -28.78
CA SER B 33 -37.94 11.03 -30.02
C SER B 33 -38.22 10.04 -31.14
N ARG B 34 -37.83 8.77 -30.94
CA ARG B 34 -37.93 7.71 -31.95
C ARG B 34 -36.94 7.92 -33.10
N LYS B 35 -36.02 8.87 -32.93
CA LYS B 35 -35.02 9.16 -33.94
C LYS B 35 -33.95 8.08 -33.98
N THR B 36 -33.42 7.86 -35.18
CA THR B 36 -32.35 6.91 -35.38
C THR B 36 -31.28 7.51 -36.29
N PHE B 37 -30.06 7.00 -36.20
CA PHE B 37 -28.99 7.45 -37.09
C PHE B 37 -28.33 6.23 -37.71
N PRO B 38 -27.88 6.38 -38.95
CA PRO B 38 -27.22 5.28 -39.65
C PRO B 38 -25.75 5.17 -39.23
N THR B 39 -25.23 3.95 -39.17
CA THR B 39 -23.81 3.77 -38.95
C THR B 39 -23.22 3.08 -40.18
N VAL B 40 -21.98 3.46 -40.54
CA VAL B 40 -21.42 3.10 -41.85
C VAL B 40 -20.24 2.15 -41.72
N ASN B 41 -20.14 1.26 -42.72
CA ASN B 41 -18.95 0.45 -42.94
C ASN B 41 -17.87 1.24 -43.70
N PRO B 42 -16.80 1.66 -42.97
CA PRO B 42 -15.75 2.51 -43.54
C PRO B 42 -15.03 1.89 -44.72
N SER B 43 -15.16 0.57 -44.89
CA SER B 43 -14.48 -0.12 -45.98
C SER B 43 -15.24 -0.04 -47.32
N THR B 44 -16.53 0.24 -47.25
CA THR B 44 -17.35 0.29 -48.45
C THR B 44 -18.12 1.61 -48.58
N GLY B 45 -18.15 2.39 -47.50
CA GLY B 45 -18.92 3.62 -47.50
C GLY B 45 -20.41 3.33 -47.42
N GLU B 46 -20.77 2.10 -47.02
CA GLU B 46 -22.18 1.71 -47.02
C GLU B 46 -22.74 1.59 -45.62
N VAL B 47 -24.05 1.86 -45.53
CA VAL B 47 -24.76 1.82 -44.27
C VAL B 47 -24.89 0.38 -43.77
N ILE B 48 -24.53 0.16 -42.52
CA ILE B 48 -24.70 -1.16 -41.91
C ILE B 48 -26.14 -1.30 -41.42
N CYS B 49 -26.57 -0.36 -40.59
CA CYS B 49 -27.94 -0.33 -40.06
C CYS B 49 -28.18 0.97 -39.33
N GLN B 50 -29.42 1.22 -38.95
CA GLN B 50 -29.74 2.41 -38.18
C GLN B 50 -29.69 2.09 -36.69
N VAL B 51 -29.39 3.10 -35.87
CA VAL B 51 -29.31 2.92 -34.43
C VAL B 51 -30.10 4.01 -33.74
N ALA B 52 -30.77 3.68 -32.63
CA ALA B 52 -31.52 4.67 -31.86
C ALA B 52 -30.61 5.82 -31.49
N GLU B 53 -31.10 7.05 -31.64
CA GLU B 53 -30.28 8.21 -31.32
C GLU B 53 -30.66 8.82 -29.97
N GLY B 54 -29.89 8.48 -28.95
CA GLY B 54 -30.10 9.05 -27.63
C GLY B 54 -29.86 10.55 -27.60
N ASP B 55 -30.63 11.24 -26.79
CA ASP B 55 -30.48 12.68 -26.57
C ASP B 55 -30.70 12.99 -25.08
N LYS B 56 -30.92 14.25 -24.77
CA LYS B 56 -31.04 14.72 -23.38
C LYS B 56 -32.03 13.92 -22.55
N GLU B 57 -33.24 13.69 -23.08
CA GLU B 57 -34.24 12.98 -22.30
C GLU B 57 -33.95 11.51 -22.07
N ASP B 58 -33.21 10.92 -22.99
CA ASP B 58 -32.78 9.54 -22.83
C ASP B 58 -31.69 9.44 -21.77
N VAL B 59 -30.83 10.46 -21.71
CA VAL B 59 -29.79 10.54 -20.70
C VAL B 59 -30.43 10.66 -19.30
N ASP B 60 -31.47 11.50 -19.20
CA ASP B 60 -32.15 11.69 -17.92
C ASP B 60 -32.69 10.38 -17.38
N LYS B 61 -33.28 9.58 -18.26
CA LYS B 61 -33.83 8.29 -17.85
C LYS B 61 -32.71 7.35 -17.41
N ALA B 62 -31.61 7.34 -18.16
CA ALA B 62 -30.48 6.48 -17.83
C ALA B 62 -29.91 6.87 -16.46
N VAL B 63 -29.79 8.17 -16.22
CA VAL B 63 -29.23 8.67 -14.96
C VAL B 63 -30.14 8.32 -13.77
N LYS B 64 -31.44 8.48 -13.97
CA LYS B 64 -32.42 8.08 -12.95
C LYS B 64 -32.33 6.61 -12.61
N ALA B 65 -32.20 5.77 -13.63
CA ALA B 65 -32.03 4.33 -13.43
C ALA B 65 -30.71 4.02 -12.70
N ALA B 66 -29.64 4.69 -13.07
CA ALA B 66 -28.35 4.53 -12.37
C ALA B 66 -28.44 4.95 -10.90
N ARG B 67 -29.03 6.13 -10.65
CA ARG B 67 -29.25 6.61 -9.28
C ARG B 67 -30.06 5.63 -8.42
N ALA B 68 -31.15 5.11 -8.99
CA ALA B 68 -31.95 4.11 -8.29
C ALA B 68 -31.15 2.86 -7.92
N ALA B 69 -30.34 2.38 -8.85
CA ALA B 69 -29.54 1.19 -8.64
C ALA B 69 -28.46 1.41 -7.58
N PHE B 70 -28.05 2.68 -7.41
CA PHE B 70 -26.97 3.01 -6.49
C PHE B 70 -27.49 3.37 -5.10
N GLN B 71 -28.81 3.38 -4.94
CA GLN B 71 -29.39 3.79 -3.66
C GLN B 71 -28.92 2.89 -2.53
N LEU B 72 -28.62 3.47 -1.38
CA LEU B 72 -28.23 2.72 -0.20
C LEU B 72 -29.23 1.61 0.10
N GLY B 73 -28.75 0.38 0.24
CA GLY B 73 -29.61 -0.75 0.55
C GLY B 73 -30.08 -1.48 -0.69
N SER B 74 -29.68 -1.00 -1.86
CA SER B 74 -30.00 -1.68 -3.12
C SER B 74 -29.19 -2.95 -3.27
N PRO B 75 -29.63 -3.88 -4.15
CA PRO B 75 -28.88 -5.11 -4.42
C PRO B 75 -27.43 -4.85 -4.79
N TRP B 76 -27.16 -3.80 -5.57
CA TRP B 76 -25.80 -3.49 -6.01
C TRP B 76 -24.92 -2.93 -4.88
N ARG B 77 -25.51 -2.15 -3.98
CA ARG B 77 -24.76 -1.59 -2.87
C ARG B 77 -24.46 -2.66 -1.82
N ARG B 78 -25.39 -3.58 -1.63
CA ARG B 78 -25.25 -4.62 -0.61
C ARG B 78 -24.43 -5.82 -1.07
N MET B 79 -24.36 -6.02 -2.39
CA MET B 79 -23.60 -7.12 -3.01
C MET B 79 -22.16 -7.18 -2.47
N ASP B 80 -21.71 -8.38 -2.05
CA ASP B 80 -20.34 -8.56 -1.59
C ASP B 80 -19.40 -8.09 -2.67
N ALA B 81 -18.32 -7.41 -2.24
CA ALA B 81 -17.29 -6.95 -3.16
C ALA B 81 -16.79 -8.17 -3.97
N SER B 82 -16.65 -9.30 -3.30
CA SER B 82 -16.14 -10.50 -3.94
C SER B 82 -17.07 -10.90 -5.11
N HIS B 83 -18.36 -10.67 -4.91
CA HIS B 83 -19.33 -11.06 -5.95
C HIS B 83 -19.29 -10.12 -7.19
N ARG B 84 -19.01 -8.83 -6.95
CA ARG B 84 -18.76 -7.90 -8.04
C ARG B 84 -17.62 -8.43 -8.90
N GLY B 85 -16.65 -9.04 -8.24
CA GLY B 85 -15.51 -9.63 -8.92
C GLY B 85 -15.92 -10.82 -9.77
N ARG B 86 -16.76 -11.69 -9.21
CA ARG B 86 -17.30 -12.85 -9.93
C ARG B 86 -18.08 -12.40 -11.19
N LEU B 87 -18.86 -11.34 -11.05
CA LEU B 87 -19.67 -10.86 -12.19
C LEU B 87 -18.79 -10.36 -13.36
N LEU B 88 -17.73 -9.63 -13.04
CA LEU B 88 -16.79 -9.14 -14.04
C LEU B 88 -16.14 -10.31 -14.80
N ASN B 89 -15.75 -11.35 -14.06
CA ASN B 89 -15.22 -12.58 -14.65
C ASN B 89 -16.23 -13.29 -15.55
N ARG B 90 -17.50 -13.29 -15.15
CA ARG B 90 -18.56 -13.87 -15.96
C ARG B 90 -18.73 -13.09 -17.27
N LEU B 91 -18.68 -11.76 -17.16
CA LEU B 91 -18.72 -10.90 -18.35
C LEU B 91 -17.58 -11.22 -19.32
N ALA B 92 -16.38 -11.40 -18.78
CA ALA B 92 -15.23 -11.76 -19.60
C ALA B 92 -15.46 -13.10 -20.32
N ASP B 93 -16.02 -14.08 -19.61
CA ASP B 93 -16.25 -15.38 -20.20
C ASP B 93 -17.23 -15.29 -21.36
N LEU B 94 -18.28 -14.51 -21.19
CA LEU B 94 -19.28 -14.33 -22.24
C LEU B 94 -18.68 -13.60 -23.46
N ILE B 95 -17.79 -12.66 -23.22
CA ILE B 95 -17.13 -11.94 -24.31
C ILE B 95 -16.23 -12.89 -25.08
N GLU B 96 -15.48 -13.73 -24.35
CA GLU B 96 -14.64 -14.74 -25.00
C GLU B 96 -15.47 -15.79 -25.73
N ARG B 97 -16.58 -16.18 -25.12
CA ARG B 97 -17.51 -17.09 -25.77
C ARG B 97 -17.93 -16.58 -27.16
N ASP B 98 -18.21 -15.28 -27.24
CA ASP B 98 -18.67 -14.67 -28.48
C ASP B 98 -17.57 -13.86 -29.15
N ARG B 99 -16.32 -14.25 -28.91
CA ARG B 99 -15.15 -13.53 -29.41
C ARG B 99 -15.12 -13.37 -30.93
N THR B 100 -15.39 -14.45 -31.64
CA THR B 100 -15.32 -14.43 -33.10
C THR B 100 -16.32 -13.43 -33.68
N TYR B 101 -17.52 -13.43 -33.13
CA TYR B 101 -18.57 -12.51 -33.55
C TYR B 101 -18.21 -11.05 -33.25
N LEU B 102 -17.75 -10.79 -32.02
CA LEU B 102 -17.41 -9.43 -31.61
C LEU B 102 -16.25 -8.87 -32.43
N ALA B 103 -15.30 -9.74 -32.79
CA ALA B 103 -14.15 -9.33 -33.60
C ALA B 103 -14.58 -8.95 -35.00
N ALA B 104 -15.51 -9.71 -35.55
CA ALA B 104 -16.07 -9.45 -36.88
C ALA B 104 -16.87 -8.14 -36.91
N LEU B 105 -17.73 -7.96 -35.92
CA LEU B 105 -18.58 -6.79 -35.85
C LEU B 105 -17.73 -5.53 -35.64
N GLU B 106 -16.69 -5.66 -34.82
CA GLU B 106 -15.78 -4.54 -34.54
C GLU B 106 -15.16 -4.03 -35.84
N THR B 107 -14.68 -4.98 -36.64
CA THR B 107 -14.07 -4.69 -37.92
C THR B 107 -15.06 -4.09 -38.91
N LEU B 108 -16.29 -4.60 -38.94
CA LEU B 108 -17.32 -4.08 -39.84
C LEU B 108 -17.60 -2.60 -39.56
N ASP B 109 -17.75 -2.25 -38.29
CA ASP B 109 -18.13 -0.89 -37.87
C ASP B 109 -16.94 0.08 -37.80
N ASN B 110 -15.75 -0.43 -37.50
CA ASN B 110 -14.58 0.42 -37.28
C ASN B 110 -13.59 0.45 -38.43
N GLY B 111 -13.37 -0.70 -39.08
CA GLY B 111 -12.46 -0.79 -40.23
C GLY B 111 -11.15 -1.54 -40.03
N LYS B 112 -10.74 -1.70 -38.78
CA LYS B 112 -9.45 -2.33 -38.49
C LYS B 112 -9.42 -3.80 -38.94
N PRO B 113 -8.22 -4.33 -39.27
CA PRO B 113 -8.07 -5.73 -39.70
C PRO B 113 -8.70 -6.71 -38.72
N TYR B 114 -9.45 -7.67 -39.24
CA TYR B 114 -10.11 -8.69 -38.42
C TYR B 114 -9.13 -9.50 -37.57
N VAL B 115 -7.99 -9.89 -38.13
CA VAL B 115 -6.98 -10.59 -37.36
C VAL B 115 -6.55 -9.79 -36.13
N ILE B 116 -6.40 -8.48 -36.33
CA ILE B 116 -6.08 -7.57 -35.22
C ILE B 116 -7.21 -7.50 -34.21
N SER B 117 -8.45 -7.28 -34.69
CA SER B 117 -9.63 -7.25 -33.81
C SER B 117 -9.69 -8.49 -32.93
N TYR B 118 -9.41 -9.63 -33.53
CA TYR B 118 -9.50 -10.91 -32.84
C TYR B 118 -8.34 -11.15 -31.88
N LEU B 119 -7.11 -11.02 -32.37
CA LEU B 119 -5.93 -11.35 -31.57
C LEU B 119 -5.47 -10.23 -30.64
N VAL B 120 -5.84 -8.99 -30.96
CA VAL B 120 -5.35 -7.86 -30.18
C VAL B 120 -6.45 -7.23 -29.31
N ASP B 121 -7.39 -6.52 -29.93
CA ASP B 121 -8.48 -5.85 -29.22
C ASP B 121 -9.24 -6.78 -28.27
N LEU B 122 -9.79 -7.87 -28.79
CA LEU B 122 -10.54 -8.83 -27.97
C LEU B 122 -9.70 -9.39 -26.81
N ASP B 123 -8.43 -9.66 -27.09
CA ASP B 123 -7.53 -10.20 -26.08
C ASP B 123 -7.33 -9.17 -24.98
N MET B 124 -7.18 -7.91 -25.36
CA MET B 124 -6.93 -6.84 -24.41
C MET B 124 -8.16 -6.52 -23.59
N VAL B 125 -9.33 -6.68 -24.21
CA VAL B 125 -10.59 -6.54 -23.48
C VAL B 125 -10.69 -7.61 -22.37
N LEU B 126 -10.41 -8.87 -22.73
CA LEU B 126 -10.55 -9.97 -21.76
C LEU B 126 -9.60 -9.77 -20.60
N LYS B 127 -8.38 -9.36 -20.90
CA LYS B 127 -7.36 -9.14 -19.87
C LYS B 127 -7.70 -8.00 -18.92
N CYS B 128 -8.29 -6.93 -19.46
CA CYS B 128 -8.67 -5.77 -18.67
C CYS B 128 -9.76 -6.12 -17.67
N LEU B 129 -10.82 -6.75 -18.16
CA LEU B 129 -11.94 -7.16 -17.32
C LEU B 129 -11.55 -8.20 -16.25
N ARG B 130 -10.71 -9.15 -16.66
CA ARG B 130 -10.30 -10.19 -15.75
C ARG B 130 -9.34 -9.64 -14.71
N TYR B 131 -8.61 -8.59 -15.07
CA TYR B 131 -7.71 -7.94 -14.13
C TYR B 131 -8.51 -7.24 -13.05
N TYR B 132 -9.45 -6.39 -13.46
CA TYR B 132 -10.26 -5.64 -12.50
C TYR B 132 -11.21 -6.53 -11.67
N ALA B 133 -11.54 -7.70 -12.20
CA ALA B 133 -12.33 -8.65 -11.42
C ALA B 133 -11.63 -8.94 -10.10
N GLY B 134 -10.31 -9.03 -10.14
CA GLY B 134 -9.49 -9.37 -8.98
C GLY B 134 -9.36 -8.23 -7.98
N TRP B 135 -9.61 -6.99 -8.42
CA TRP B 135 -9.50 -5.82 -7.55
C TRP B 135 -10.72 -5.56 -6.68
N ALA B 136 -11.87 -6.11 -7.10
CA ALA B 136 -13.16 -5.78 -6.49
C ALA B 136 -13.14 -5.83 -4.96
N ASP B 137 -12.41 -6.78 -4.39
CA ASP B 137 -12.42 -6.93 -2.93
C ASP B 137 -11.06 -6.75 -2.29
N LYS B 138 -10.20 -5.95 -2.91
CA LYS B 138 -8.83 -5.81 -2.43
C LYS B 138 -8.36 -4.36 -2.31
N TYR B 139 -9.21 -3.41 -2.66
CA TYR B 139 -8.82 -2.00 -2.60
C TYR B 139 -9.13 -1.39 -1.22
N HIS B 140 -8.30 -1.75 -0.25
CA HIS B 140 -8.56 -1.44 1.15
C HIS B 140 -8.52 0.04 1.50
N GLY B 141 -9.32 0.44 2.49
CA GLY B 141 -9.09 1.70 3.16
C GLY B 141 -8.06 1.50 4.26
N LYS B 142 -7.89 2.48 5.15
CA LYS B 142 -6.82 2.43 6.14
C LYS B 142 -7.34 2.61 7.56
N THR B 143 -6.67 1.99 8.52
CA THR B 143 -6.86 2.33 9.94
C THR B 143 -5.70 3.23 10.36
N ILE B 144 -6.02 4.34 11.03
CA ILE B 144 -5.09 5.45 11.16
C ILE B 144 -4.79 5.83 12.61
N PRO B 145 -3.49 5.85 12.96
CA PRO B 145 -3.04 6.12 14.33
C PRO B 145 -3.06 7.63 14.62
N ILE B 146 -4.27 8.18 14.65
CA ILE B 146 -4.48 9.60 14.90
C ILE B 146 -4.13 9.95 16.36
N ASP B 147 -3.77 11.20 16.60
CA ASP B 147 -3.54 11.69 17.97
C ASP B 147 -4.80 11.59 18.83
N GLY B 148 -4.61 11.57 20.14
CA GLY B 148 -5.71 11.64 21.08
C GLY B 148 -6.41 10.31 21.29
N ASP B 149 -7.40 10.32 22.16
CA ASP B 149 -8.18 9.12 22.43
C ASP B 149 -9.26 8.90 21.36
N PHE B 150 -8.81 8.55 20.16
CA PHE B 150 -9.73 8.29 19.07
C PHE B 150 -9.28 7.07 18.26
N PHE B 151 -10.25 6.43 17.63
CA PHE B 151 -9.99 5.44 16.60
C PHE B 151 -10.43 6.03 15.24
N SER B 152 -9.54 6.02 14.27
CA SER B 152 -9.82 6.68 13.00
C SER B 152 -9.53 5.73 11.86
N TYR B 153 -10.40 5.74 10.85
CA TYR B 153 -10.21 4.89 9.69
C TYR B 153 -10.89 5.49 8.48
N THR B 154 -10.54 5.00 7.30
CA THR B 154 -11.18 5.46 6.07
C THR B 154 -11.91 4.32 5.36
N ARG B 155 -13.01 4.68 4.71
CA ARG B 155 -13.75 3.75 3.86
C ARG B 155 -13.51 4.20 2.45
N HIS B 156 -13.30 3.23 1.56
CA HIS B 156 -13.24 3.53 0.15
C HIS B 156 -14.61 3.21 -0.46
N GLU B 157 -15.46 4.23 -0.52
CA GLU B 157 -16.79 4.10 -1.08
C GLU B 157 -16.80 4.47 -2.58
N PRO B 158 -17.83 4.01 -3.31
CA PRO B 158 -17.90 4.36 -4.74
C PRO B 158 -18.23 5.85 -4.91
N VAL B 159 -17.75 6.45 -5.99
N VAL B 159 -17.74 6.45 -5.98
CA VAL B 159 -18.02 7.86 -6.26
CA VAL B 159 -18.04 7.86 -6.26
C VAL B 159 -19.49 8.10 -6.67
C VAL B 159 -19.52 8.06 -6.57
N GLY B 160 -20.14 7.06 -7.20
CA GLY B 160 -21.57 7.12 -7.50
C GLY B 160 -21.94 6.93 -8.95
N VAL B 161 -22.76 7.85 -9.48
CA VAL B 161 -23.18 7.75 -10.87
C VAL B 161 -22.11 8.30 -11.79
N CYS B 162 -21.54 7.42 -12.64
CA CYS B 162 -20.39 7.78 -13.45
C CYS B 162 -20.72 7.90 -14.94
N GLY B 163 -20.67 9.11 -15.46
CA GLY B 163 -20.77 9.32 -16.88
C GLY B 163 -19.48 8.94 -17.57
N GLN B 164 -19.56 8.06 -18.58
CA GLN B 164 -18.38 7.59 -19.29
C GLN B 164 -18.56 7.81 -20.79
N ILE B 165 -17.67 8.60 -21.38
CA ILE B 165 -17.76 9.01 -22.78
C ILE B 165 -16.52 8.54 -23.54
N ILE B 166 -16.73 7.76 -24.60
CA ILE B 166 -15.63 7.06 -25.26
C ILE B 166 -15.60 7.29 -26.76
N PRO B 167 -14.42 7.10 -27.37
CA PRO B 167 -14.21 7.37 -28.80
C PRO B 167 -14.39 6.14 -29.66
N TRP B 168 -13.97 6.24 -30.92
CA TRP B 168 -14.27 5.22 -31.92
C TRP B 168 -13.08 4.36 -32.33
N ASN B 169 -11.87 4.74 -31.91
CA ASN B 169 -10.67 4.05 -32.39
C ASN B 169 -10.45 2.66 -31.80
N PHE B 170 -10.87 2.46 -30.55
CA PHE B 170 -10.84 1.14 -29.92
C PHE B 170 -12.16 0.86 -29.17
N PRO B 171 -13.29 0.76 -29.90
CA PRO B 171 -14.65 0.73 -29.33
C PRO B 171 -14.83 -0.26 -28.18
N LEU B 172 -14.49 -1.53 -28.38
CA LEU B 172 -14.63 -2.52 -27.32
C LEU B 172 -13.61 -2.27 -26.20
N LEU B 173 -12.37 -2.01 -26.59
CA LEU B 173 -11.29 -1.80 -25.62
C LEU B 173 -11.57 -0.61 -24.70
N MET B 174 -11.97 0.50 -25.29
CA MET B 174 -12.31 1.70 -24.52
C MET B 174 -13.47 1.45 -23.55
N GLN B 175 -14.41 0.61 -23.96
CA GLN B 175 -15.52 0.27 -23.09
C GLN B 175 -15.04 -0.50 -21.85
N ALA B 176 -14.11 -1.44 -22.07
CA ALA B 176 -13.56 -2.24 -20.98
C ALA B 176 -12.72 -1.42 -19.98
N TRP B 177 -11.91 -0.49 -20.50
CA TRP B 177 -11.05 0.35 -19.66
C TRP B 177 -11.89 1.21 -18.71
N LYS B 178 -13.09 1.52 -19.15
CA LYS B 178 -14.03 2.30 -18.35
C LYS B 178 -14.82 1.41 -17.37
N LEU B 179 -15.45 0.36 -17.89
CA LEU B 179 -16.30 -0.50 -17.05
C LEU B 179 -15.51 -1.24 -15.99
N GLY B 180 -14.31 -1.68 -16.33
CA GLY B 180 -13.47 -2.47 -15.43
C GLY B 180 -13.33 -1.90 -14.03
N PRO B 181 -12.68 -0.74 -13.90
CA PRO B 181 -12.45 -0.14 -12.57
C PRO B 181 -13.74 0.43 -11.96
N ALA B 182 -14.66 0.90 -12.80
CA ALA B 182 -15.91 1.47 -12.28
C ALA B 182 -16.74 0.42 -11.54
N LEU B 183 -16.90 -0.74 -12.18
CA LEU B 183 -17.73 -1.80 -11.64
C LEU B 183 -17.04 -2.54 -10.48
N ALA B 184 -15.72 -2.69 -10.59
CA ALA B 184 -14.94 -3.37 -9.57
C ALA B 184 -15.09 -2.68 -8.24
N THR B 185 -15.27 -1.35 -8.28
CA THR B 185 -15.42 -0.54 -7.08
C THR B 185 -16.89 -0.20 -6.73
N GLY B 186 -17.84 -0.81 -7.42
CA GLY B 186 -19.24 -0.69 -7.05
C GLY B 186 -19.99 0.57 -7.50
N ASN B 187 -19.52 1.20 -8.56
CA ASN B 187 -20.19 2.37 -9.12
C ASN B 187 -21.29 1.93 -10.06
N VAL B 188 -22.07 2.89 -10.55
CA VAL B 188 -23.02 2.66 -11.62
C VAL B 188 -22.66 3.56 -12.80
N VAL B 189 -23.03 3.14 -14.00
CA VAL B 189 -22.52 3.75 -15.21
C VAL B 189 -23.64 4.20 -16.17
N VAL B 190 -23.47 5.40 -16.70
CA VAL B 190 -24.18 5.81 -17.91
C VAL B 190 -23.13 6.10 -18.98
N MET B 191 -23.06 5.25 -19.99
CA MET B 191 -21.99 5.32 -20.97
C MET B 191 -22.48 5.86 -22.30
N LYS B 192 -21.75 6.82 -22.85
CA LYS B 192 -22.09 7.34 -24.17
C LYS B 192 -21.03 6.88 -25.17
N VAL B 193 -21.39 5.92 -26.02
CA VAL B 193 -20.46 5.40 -27.02
C VAL B 193 -20.40 6.29 -28.28
N ALA B 194 -19.30 6.18 -28.99
CA ALA B 194 -19.05 7.02 -30.17
C ALA B 194 -20.08 6.75 -31.26
N GLU B 195 -20.54 7.82 -31.91
CA GLU B 195 -21.55 7.68 -32.96
C GLU B 195 -21.03 6.90 -34.17
N GLN B 196 -19.71 6.91 -34.38
CA GLN B 196 -19.11 6.15 -35.48
C GLN B 196 -19.13 4.65 -35.26
N THR B 197 -19.07 4.22 -34.00
CA THR B 197 -18.94 2.79 -33.70
C THR B 197 -19.77 2.34 -32.49
N PRO B 198 -21.10 2.43 -32.59
CA PRO B 198 -21.96 2.09 -31.44
C PRO B 198 -22.29 0.59 -31.36
N LEU B 199 -22.10 -0.15 -32.44
CA LEU B 199 -22.62 -1.51 -32.54
C LEU B 199 -22.07 -2.52 -31.53
N THR B 200 -20.75 -2.61 -31.42
CA THR B 200 -20.13 -3.61 -30.55
C THR B 200 -20.45 -3.38 -29.08
N ALA B 201 -20.46 -2.13 -28.64
CA ALA B 201 -20.75 -1.80 -27.25
C ALA B 201 -22.18 -2.15 -26.87
N LEU B 202 -23.09 -2.06 -27.83
CA LEU B 202 -24.48 -2.41 -27.58
C LEU B 202 -24.63 -3.92 -27.40
N TYR B 203 -23.88 -4.71 -28.16
CA TYR B 203 -23.92 -6.15 -27.96
C TYR B 203 -23.40 -6.54 -26.57
N VAL B 204 -22.33 -5.88 -26.14
CA VAL B 204 -21.78 -6.13 -24.80
C VAL B 204 -22.81 -5.85 -23.70
N ALA B 205 -23.62 -4.82 -23.90
CA ALA B 205 -24.73 -4.56 -22.99
C ALA B 205 -25.59 -5.82 -22.81
N ASN B 206 -25.86 -6.51 -23.90
CA ASN B 206 -26.63 -7.73 -23.86
C ASN B 206 -25.95 -8.77 -22.99
N LEU B 207 -24.62 -8.84 -23.08
CA LEU B 207 -23.84 -9.76 -22.25
C LEU B 207 -23.79 -9.33 -20.79
N ILE B 208 -23.85 -8.02 -20.55
CA ILE B 208 -23.82 -7.49 -19.20
C ILE B 208 -25.06 -7.96 -18.46
N LYS B 209 -26.18 -7.89 -19.18
CA LYS B 209 -27.46 -8.39 -18.71
C LYS B 209 -27.41 -9.91 -18.47
N GLU B 210 -26.86 -10.62 -19.46
CA GLU B 210 -26.75 -12.07 -19.37
C GLU B 210 -25.84 -12.48 -18.22
N ALA B 211 -24.86 -11.63 -17.91
CA ALA B 211 -23.87 -11.92 -16.87
C ALA B 211 -24.48 -11.92 -15.48
N GLY B 212 -25.48 -11.07 -15.27
CA GLY B 212 -26.16 -11.03 -14.00
C GLY B 212 -26.08 -9.70 -13.26
N PHE B 213 -25.50 -8.69 -13.89
CA PHE B 213 -25.44 -7.35 -13.27
C PHE B 213 -26.87 -6.84 -13.06
N PRO B 214 -27.14 -6.30 -11.87
CA PRO B 214 -28.47 -5.75 -11.58
C PRO B 214 -28.84 -4.65 -12.56
N PRO B 215 -30.14 -4.52 -12.88
CA PRO B 215 -30.60 -3.51 -13.83
C PRO B 215 -30.27 -2.10 -13.35
N GLY B 216 -29.81 -1.26 -14.27
CA GLY B 216 -29.47 0.12 -13.95
C GLY B 216 -28.03 0.33 -13.52
N VAL B 217 -27.30 -0.76 -13.33
CA VAL B 217 -25.88 -0.66 -12.96
C VAL B 217 -25.04 -0.18 -14.15
N VAL B 218 -25.35 -0.67 -15.34
CA VAL B 218 -24.71 -0.19 -16.55
C VAL B 218 -25.78 0.19 -17.56
N ASN B 219 -25.76 1.45 -17.99
CA ASN B 219 -26.67 1.95 -18.99
C ASN B 219 -25.89 2.55 -20.15
N ILE B 220 -26.29 2.22 -21.36
CA ILE B 220 -25.56 2.67 -22.55
C ILE B 220 -26.44 3.46 -23.51
N VAL B 221 -25.98 4.64 -23.89
CA VAL B 221 -26.78 5.55 -24.70
C VAL B 221 -26.02 5.91 -25.98
N PRO B 222 -26.39 5.27 -27.10
CA PRO B 222 -25.77 5.66 -28.37
C PRO B 222 -26.33 7.01 -28.79
N GLY B 223 -25.55 7.78 -29.54
CA GLY B 223 -25.97 9.11 -29.94
C GLY B 223 -24.76 10.01 -30.15
N PHE B 224 -24.99 11.30 -30.36
CA PHE B 224 -23.91 12.22 -30.72
C PHE B 224 -23.31 12.95 -29.51
N GLY B 225 -22.22 13.67 -29.75
CA GLY B 225 -21.49 14.38 -28.71
C GLY B 225 -22.19 15.56 -28.02
N PRO B 226 -22.53 16.61 -28.79
CA PRO B 226 -23.08 17.86 -28.22
C PRO B 226 -24.49 17.68 -27.67
N THR B 227 -25.08 16.52 -27.95
CA THR B 227 -26.41 16.20 -27.47
C THR B 227 -26.32 15.28 -26.26
N ALA B 228 -26.13 13.98 -26.51
CA ALA B 228 -26.11 12.98 -25.44
C ALA B 228 -24.90 13.15 -24.54
N GLY B 229 -23.73 13.30 -25.14
CA GLY B 229 -22.50 13.52 -24.41
C GLY B 229 -22.55 14.73 -23.47
N ALA B 230 -22.95 15.88 -24.00
CA ALA B 230 -23.02 17.12 -23.21
C ALA B 230 -24.05 17.01 -22.10
N ALA B 231 -25.14 16.29 -22.39
CA ALA B 231 -26.19 16.08 -21.42
C ALA B 231 -25.64 15.35 -20.19
N ILE B 232 -24.72 14.43 -20.43
CA ILE B 232 -24.06 13.72 -19.34
C ILE B 232 -23.10 14.62 -18.57
N ALA B 233 -22.28 15.37 -19.32
CA ALA B 233 -21.27 16.21 -18.70
C ALA B 233 -21.87 17.32 -17.84
N SER B 234 -23.06 17.79 -18.20
CA SER B 234 -23.70 18.88 -17.48
C SER B 234 -24.77 18.41 -16.50
N HIS B 235 -25.02 17.10 -16.44
CA HIS B 235 -26.11 16.59 -15.61
C HIS B 235 -25.90 16.89 -14.12
N GLU B 236 -26.98 17.30 -13.46
CA GLU B 236 -26.91 17.69 -12.05
C GLU B 236 -26.84 16.48 -11.11
N ASP B 237 -27.08 15.30 -11.63
CA ASP B 237 -27.11 14.11 -10.77
C ASP B 237 -26.07 13.04 -11.16
N VAL B 238 -25.17 13.41 -12.06
CA VAL B 238 -23.98 12.60 -12.36
C VAL B 238 -22.83 13.04 -11.46
N ASP B 239 -22.28 12.10 -10.69
CA ASP B 239 -21.24 12.42 -9.72
C ASP B 239 -19.85 12.56 -10.32
N LYS B 240 -19.58 11.81 -11.38
CA LYS B 240 -18.24 11.72 -11.94
C LYS B 240 -18.33 11.47 -13.43
N VAL B 241 -17.42 12.08 -14.18
CA VAL B 241 -17.33 11.83 -15.61
C VAL B 241 -15.91 11.47 -16.04
N ALA B 242 -15.78 10.41 -16.83
CA ALA B 242 -14.49 10.04 -17.40
C ALA B 242 -14.61 10.13 -18.91
N PHE B 243 -13.69 10.89 -19.53
CA PHE B 243 -13.77 11.14 -20.96
C PHE B 243 -12.48 10.79 -21.69
N THR B 244 -12.61 10.00 -22.75
CA THR B 244 -11.51 9.75 -23.66
C THR B 244 -11.89 10.31 -25.03
N GLY B 245 -10.99 11.11 -25.61
CA GLY B 245 -11.24 11.73 -26.90
C GLY B 245 -10.27 12.87 -27.20
N SER B 246 -10.74 13.88 -27.91
CA SER B 246 -9.89 14.99 -28.32
C SER B 246 -9.69 15.97 -27.19
N THR B 247 -8.53 16.63 -27.20
CA THR B 247 -8.22 17.65 -26.21
C THR B 247 -9.26 18.77 -26.25
N GLU B 248 -9.67 19.17 -27.46
CA GLU B 248 -10.68 20.19 -27.65
C GLU B 248 -11.96 19.93 -26.85
N ILE B 249 -12.53 18.74 -27.01
CA ILE B 249 -13.74 18.39 -26.27
C ILE B 249 -13.44 18.15 -24.79
N GLY B 250 -12.21 17.73 -24.50
CA GLY B 250 -11.77 17.57 -23.13
C GLY B 250 -11.96 18.84 -22.31
N ARG B 251 -11.67 19.97 -22.96
CA ARG B 251 -11.85 21.28 -22.34
C ARG B 251 -13.32 21.60 -22.12
N VAL B 252 -14.15 21.21 -23.08
CA VAL B 252 -15.59 21.39 -22.98
C VAL B 252 -16.19 20.56 -21.82
N ILE B 253 -15.68 19.35 -21.62
CA ILE B 253 -16.15 18.49 -20.53
C ILE B 253 -15.83 19.12 -19.18
N GLN B 254 -14.57 19.51 -19.03
CA GLN B 254 -14.11 20.13 -17.80
C GLN B 254 -14.92 21.39 -17.45
N VAL B 255 -15.17 22.22 -18.46
CA VAL B 255 -15.99 23.43 -18.28
C VAL B 255 -17.42 23.09 -17.87
N ALA B 256 -17.97 22.04 -18.48
CA ALA B 256 -19.34 21.63 -18.20
C ALA B 256 -19.46 21.18 -16.74
N ALA B 257 -18.42 20.48 -16.26
CA ALA B 257 -18.39 20.01 -14.88
C ALA B 257 -18.42 21.16 -13.88
N GLY B 258 -17.53 22.14 -14.07
CA GLY B 258 -17.48 23.30 -13.22
C GLY B 258 -18.75 24.16 -13.28
N SER B 259 -19.34 24.26 -14.46
CA SER B 259 -20.56 25.06 -14.66
C SER B 259 -21.79 24.37 -14.08
N SER B 260 -21.70 23.08 -13.80
CA SER B 260 -22.88 22.34 -13.37
C SER B 260 -22.84 22.03 -11.87
N ASN B 261 -22.41 20.83 -11.49
CA ASN B 261 -22.50 20.40 -10.11
C ASN B 261 -21.14 20.02 -9.51
N LEU B 262 -20.05 20.41 -10.19
CA LEU B 262 -18.70 20.13 -9.73
C LEU B 262 -18.37 18.62 -9.69
N LYS B 263 -18.97 17.85 -10.61
CA LYS B 263 -18.64 16.43 -10.75
C LYS B 263 -17.12 16.25 -10.91
N ARG B 264 -16.60 15.07 -10.52
CA ARG B 264 -15.19 14.79 -10.64
C ARG B 264 -14.89 14.48 -12.10
N VAL B 265 -13.70 14.86 -12.54
CA VAL B 265 -13.35 14.73 -13.96
C VAL B 265 -11.98 14.08 -14.16
N THR B 266 -11.95 13.03 -14.99
CA THR B 266 -10.67 12.52 -15.50
C THR B 266 -10.72 12.55 -17.03
N LEU B 267 -9.57 12.85 -17.66
CA LEU B 267 -9.50 13.00 -19.11
C LEU B 267 -8.34 12.19 -19.70
N GLU B 268 -8.61 11.49 -20.79
CA GLU B 268 -7.59 10.83 -21.58
C GLU B 268 -7.70 11.41 -22.97
N LEU B 269 -6.67 12.19 -23.37
CA LEU B 269 -6.76 12.94 -24.60
C LEU B 269 -5.74 12.49 -25.65
N GLY B 270 -5.43 13.37 -26.59
CA GLY B 270 -4.50 13.02 -27.65
C GLY B 270 -3.05 13.29 -27.28
N GLY B 271 -2.18 13.27 -28.28
CA GLY B 271 -0.76 13.52 -28.07
C GLY B 271 0.04 13.63 -29.37
N LYS B 272 1.35 13.78 -29.21
CA LYS B 272 2.27 13.84 -30.34
C LYS B 272 3.56 13.21 -29.84
N SER B 273 3.47 11.94 -29.51
CA SER B 273 4.49 11.24 -28.75
C SER B 273 5.80 11.06 -29.54
N PRO B 274 6.94 11.38 -28.90
CA PRO B 274 8.26 11.25 -29.52
C PRO B 274 8.85 9.85 -29.35
N ASN B 275 9.30 9.29 -30.46
CA ASN B 275 9.94 8.00 -30.47
C ASN B 275 11.41 8.23 -30.78
N ILE B 276 12.26 8.08 -29.77
CA ILE B 276 13.67 8.52 -29.84
C ILE B 276 14.62 7.37 -30.11
N ILE B 277 15.30 7.43 -31.24
CA ILE B 277 16.18 6.35 -31.66
C ILE B 277 17.65 6.76 -31.54
N MET B 278 18.31 6.26 -30.52
CA MET B 278 19.74 6.52 -30.33
C MET B 278 20.60 5.76 -31.33
N SER B 279 21.82 6.26 -31.57
CA SER B 279 22.72 5.69 -32.57
C SER B 279 23.14 4.25 -32.26
N ASP B 280 23.02 3.82 -31.01
CA ASP B 280 23.44 2.48 -30.63
C ASP B 280 22.28 1.48 -30.60
N ALA B 281 21.13 1.90 -31.08
CA ALA B 281 19.96 1.02 -31.09
C ALA B 281 20.12 -0.08 -32.13
N ASP B 282 19.43 -1.19 -31.93
CA ASP B 282 19.38 -2.23 -32.95
C ASP B 282 18.53 -1.72 -34.12
N MET B 283 19.16 -1.59 -35.28
CA MET B 283 18.50 -1.01 -36.46
C MET B 283 17.26 -1.76 -36.92
N ASP B 284 17.34 -3.09 -37.06
CA ASP B 284 16.21 -3.89 -37.53
C ASP B 284 15.02 -3.76 -36.58
N TRP B 285 15.29 -3.88 -35.29
CA TRP B 285 14.25 -3.81 -34.27
C TRP B 285 13.66 -2.41 -34.20
N ALA B 286 14.53 -1.39 -34.19
CA ALA B 286 14.08 0.01 -34.14
C ALA B 286 13.20 0.42 -35.33
N VAL B 287 13.60 0.00 -36.53
CA VAL B 287 12.83 0.32 -37.73
C VAL B 287 11.44 -0.28 -37.68
N GLU B 288 11.35 -1.56 -37.34
CA GLU B 288 10.07 -2.25 -37.30
C GLU B 288 9.16 -1.73 -36.18
N GLN B 289 9.74 -1.47 -35.02
CA GLN B 289 8.98 -0.93 -33.90
C GLN B 289 8.54 0.51 -34.17
N ALA B 290 9.38 1.27 -34.87
CA ALA B 290 9.05 2.66 -35.20
C ALA B 290 7.91 2.69 -36.18
N HIS B 291 7.86 1.67 -37.03
CA HIS B 291 6.80 1.49 -38.01
C HIS B 291 5.50 1.16 -37.29
N PHE B 292 5.55 0.13 -36.45
CA PHE B 292 4.42 -0.24 -35.62
C PHE B 292 3.91 0.96 -34.79
N ALA B 293 4.83 1.65 -34.12
CA ALA B 293 4.49 2.78 -33.25
C ALA B 293 3.64 3.84 -33.93
N LEU B 294 3.79 3.97 -35.24
CA LEU B 294 3.07 5.00 -35.99
C LEU B 294 1.85 4.44 -36.71
N PHE B 295 2.03 3.35 -37.44
CA PHE B 295 0.99 2.88 -38.35
C PHE B 295 -0.07 2.02 -37.70
N PHE B 296 0.14 1.63 -36.44
CA PHE B 296 -0.79 0.74 -35.76
C PHE B 296 -2.20 1.33 -35.76
N ASN B 297 -3.19 0.49 -36.06
CA ASN B 297 -4.60 0.89 -36.04
C ASN B 297 -4.87 2.03 -37.01
N GLN B 298 -4.30 1.95 -38.20
CA GLN B 298 -4.49 2.98 -39.23
C GLN B 298 -3.95 4.33 -38.74
N GLY B 299 -3.04 4.29 -37.78
CA GLY B 299 -2.47 5.52 -37.25
C GLY B 299 -3.40 6.18 -36.25
N GLN B 300 -4.56 5.57 -36.05
CA GLN B 300 -5.57 6.14 -35.17
C GLN B 300 -5.39 5.68 -33.73
N CYS B 301 -4.27 6.09 -33.14
CA CYS B 301 -3.92 5.69 -31.79
C CYS B 301 -3.45 6.92 -31.01
N CYS B 302 -4.04 7.17 -29.83
CA CYS B 302 -3.73 8.37 -29.06
C CYS B 302 -2.24 8.54 -28.81
N CYS B 303 -1.53 7.44 -28.58
CA CYS B 303 -0.13 7.51 -28.18
C CYS B 303 0.81 7.14 -29.32
N ALA B 304 0.34 7.30 -30.56
CA ALA B 304 1.16 6.99 -31.72
C ALA B 304 2.48 7.76 -31.69
N GLY B 305 3.57 7.08 -32.04
CA GLY B 305 4.88 7.70 -32.12
C GLY B 305 5.00 8.53 -33.38
N SER B 306 4.40 9.72 -33.37
CA SER B 306 4.29 10.55 -34.57
C SER B 306 5.41 11.59 -34.67
N ARG B 307 6.38 11.49 -33.76
CA ARG B 307 7.62 12.25 -33.86
C ARG B 307 8.80 11.31 -33.65
N THR B 308 9.35 10.79 -34.75
CA THR B 308 10.42 9.83 -34.69
C THR B 308 11.77 10.52 -34.80
N PHE B 309 12.42 10.74 -33.65
CA PHE B 309 13.72 11.40 -33.63
C PHE B 309 14.81 10.35 -33.83
N VAL B 310 15.64 10.56 -34.85
CA VAL B 310 16.72 9.61 -35.15
C VAL B 310 18.06 10.31 -35.11
N GLN B 311 18.99 9.75 -34.36
CA GLN B 311 20.32 10.33 -34.23
C GLN B 311 20.98 10.43 -35.59
N GLU B 312 21.72 11.52 -35.82
CA GLU B 312 22.21 11.87 -37.15
C GLU B 312 23.09 10.80 -37.80
N ASP B 313 23.84 10.06 -36.99
CA ASP B 313 24.75 9.05 -37.55
C ASP B 313 24.03 7.90 -38.23
N ILE B 314 22.77 7.67 -37.86
CA ILE B 314 22.01 6.55 -38.44
C ILE B 314 20.77 7.02 -39.20
N TYR B 315 20.63 8.33 -39.32
CA TYR B 315 19.42 8.91 -39.92
C TYR B 315 19.14 8.40 -41.33
N ASP B 316 20.10 8.56 -42.23
CA ASP B 316 19.91 8.19 -43.63
C ASP B 316 19.48 6.72 -43.80
N GLU B 317 20.17 5.82 -43.11
CA GLU B 317 19.82 4.40 -43.18
C GLU B 317 18.42 4.12 -42.60
N PHE B 318 18.16 4.69 -41.43
CA PHE B 318 16.87 4.51 -40.76
C PHE B 318 15.72 4.95 -41.67
N VAL B 319 15.91 6.08 -42.35
CA VAL B 319 14.89 6.62 -43.24
C VAL B 319 14.61 5.72 -44.45
N GLU B 320 15.68 5.23 -45.08
CA GLU B 320 15.55 4.36 -46.24
C GLU B 320 14.77 3.10 -45.88
N ARG B 321 15.08 2.49 -44.75
CA ARG B 321 14.41 1.26 -44.34
C ARG B 321 12.97 1.52 -43.92
N SER B 322 12.74 2.63 -43.22
CA SER B 322 11.37 3.04 -42.87
C SER B 322 10.49 3.21 -44.10
N VAL B 323 11.01 3.90 -45.12
CA VAL B 323 10.28 4.09 -46.37
C VAL B 323 10.01 2.76 -47.06
N ALA B 324 11.04 1.91 -47.10
CA ALA B 324 10.89 0.57 -47.68
C ALA B 324 9.74 -0.18 -46.99
N ARG B 325 9.72 -0.18 -45.66
CA ARG B 325 8.70 -0.88 -44.90
C ARG B 325 7.33 -0.25 -45.12
N ALA B 326 7.29 1.07 -45.23
CA ALA B 326 6.05 1.79 -45.50
C ALA B 326 5.45 1.42 -46.85
N LYS B 327 6.31 1.28 -47.87
CA LYS B 327 5.85 0.94 -49.21
C LYS B 327 5.39 -0.51 -49.31
N SER B 328 5.84 -1.35 -48.39
CA SER B 328 5.46 -2.76 -48.41
C SER B 328 4.19 -3.04 -47.60
N ARG B 329 3.76 -2.07 -46.80
CA ARG B 329 2.55 -2.24 -45.98
C ARG B 329 1.29 -2.47 -46.83
N VAL B 330 0.59 -3.57 -46.55
CA VAL B 330 -0.58 -3.98 -47.32
C VAL B 330 -1.84 -3.23 -46.89
N VAL B 331 -2.51 -2.61 -47.87
CA VAL B 331 -3.71 -1.85 -47.61
C VAL B 331 -4.87 -2.47 -48.39
N GLY B 332 -5.98 -2.74 -47.71
CA GLY B 332 -7.16 -3.22 -48.38
C GLY B 332 -8.24 -3.72 -47.43
N ASN B 333 -9.07 -4.59 -47.98
CA ASN B 333 -10.15 -5.23 -47.25
C ASN B 333 -9.67 -5.79 -45.92
N PRO B 334 -10.21 -5.24 -44.80
CA PRO B 334 -9.90 -5.66 -43.42
C PRO B 334 -10.13 -7.15 -43.14
N PHE B 335 -11.08 -7.79 -43.82
CA PHE B 335 -11.32 -9.22 -43.58
C PHE B 335 -10.32 -10.16 -44.28
N ASP B 336 -9.58 -9.62 -45.22
CA ASP B 336 -8.56 -10.40 -45.93
C ASP B 336 -7.38 -10.58 -44.98
N SER B 337 -6.84 -11.79 -44.93
CA SER B 337 -5.88 -12.10 -43.88
C SER B 337 -4.52 -11.41 -44.08
N LYS B 338 -4.19 -11.05 -45.31
CA LYS B 338 -2.92 -10.34 -45.53
C LYS B 338 -2.98 -8.84 -45.24
N THR B 339 -4.17 -8.32 -44.95
CA THR B 339 -4.33 -6.88 -44.78
C THR B 339 -3.70 -6.33 -43.47
N GLU B 340 -2.79 -5.36 -43.59
CA GLU B 340 -2.20 -4.78 -42.39
C GLU B 340 -2.87 -3.47 -42.02
N GLN B 341 -3.44 -2.82 -43.02
CA GLN B 341 -4.06 -1.51 -42.86
C GLN B 341 -5.42 -1.45 -43.51
N GLY B 342 -6.46 -1.24 -42.70
CA GLY B 342 -7.81 -1.03 -43.22
C GLY B 342 -8.01 0.44 -43.56
N PRO B 343 -9.28 0.86 -43.71
CA PRO B 343 -9.56 2.26 -44.01
C PRO B 343 -9.57 3.08 -42.74
N GLN B 344 -9.56 4.40 -42.86
CA GLN B 344 -9.78 5.30 -41.73
C GLN B 344 -11.24 5.18 -41.29
N VAL B 345 -11.55 5.64 -40.08
CA VAL B 345 -12.86 5.36 -39.48
C VAL B 345 -14.04 5.92 -40.27
N ASP B 346 -13.91 7.16 -40.74
CA ASP B 346 -15.01 7.80 -41.47
C ASP B 346 -14.52 8.83 -42.48
N GLU B 347 -15.46 9.52 -43.09
CA GLU B 347 -15.16 10.49 -44.14
C GLU B 347 -14.50 11.74 -43.56
N THR B 348 -14.93 12.16 -42.38
CA THR B 348 -14.34 13.32 -41.70
C THR B 348 -12.85 13.14 -41.40
N GLN B 349 -12.49 11.97 -40.87
CA GLN B 349 -11.10 11.68 -40.55
C GLN B 349 -10.30 11.55 -41.83
N PHE B 350 -10.92 10.94 -42.84
CA PHE B 350 -10.34 10.79 -44.16
C PHE B 350 -9.85 12.15 -44.70
N LYS B 351 -10.73 13.14 -44.69
CA LYS B 351 -10.40 14.48 -45.21
C LYS B 351 -9.43 15.22 -44.32
N LYS B 352 -9.55 15.01 -43.02
CA LYS B 352 -8.63 15.62 -42.06
C LYS B 352 -7.18 15.17 -42.33
N ILE B 353 -7.01 13.90 -42.65
CA ILE B 353 -5.67 13.35 -42.92
C ILE B 353 -5.12 13.86 -44.25
N LEU B 354 -5.98 13.96 -45.26
CA LEU B 354 -5.59 14.51 -46.55
C LEU B 354 -5.19 15.97 -46.40
N GLY B 355 -5.84 16.66 -45.46
CA GLY B 355 -5.50 18.04 -45.19
C GLY B 355 -4.12 18.18 -44.61
N TYR B 356 -3.81 17.37 -43.59
CA TYR B 356 -2.49 17.39 -42.96
C TYR B 356 -1.36 17.00 -43.92
N ILE B 357 -1.63 16.04 -44.80
CA ILE B 357 -0.65 15.62 -45.79
C ILE B 357 -0.34 16.81 -46.70
N ASN B 358 -1.39 17.49 -47.13
CA ASN B 358 -1.21 18.67 -47.97
C ASN B 358 -0.48 19.77 -47.22
N THR B 359 -0.81 19.94 -45.95
CA THR B 359 -0.14 20.88 -45.07
C THR B 359 1.36 20.58 -44.99
N GLY B 360 1.71 19.30 -44.82
CA GLY B 360 3.10 18.90 -44.72
C GLY B 360 3.89 19.23 -45.97
N LYS B 361 3.31 18.97 -47.13
CA LYS B 361 3.96 19.27 -48.41
C LYS B 361 4.23 20.77 -48.57
N GLN B 362 3.25 21.59 -48.21
CA GLN B 362 3.35 23.03 -48.39
C GLN B 362 4.23 23.65 -47.32
N GLU B 363 4.42 22.92 -46.22
CA GLU B 363 5.33 23.34 -45.15
C GLU B 363 6.80 23.02 -45.47
N GLY B 364 7.04 22.28 -46.53
CA GLY B 364 8.40 21.97 -46.94
C GLY B 364 8.92 20.65 -46.45
N ALA B 365 8.09 19.87 -45.77
CA ALA B 365 8.48 18.53 -45.34
C ALA B 365 8.69 17.66 -46.57
N LYS B 366 9.67 16.77 -46.51
CA LYS B 366 9.99 15.91 -47.64
C LYS B 366 9.08 14.70 -47.74
N LEU B 367 8.25 14.66 -48.77
CA LEU B 367 7.38 13.52 -49.02
C LEU B 367 8.21 12.40 -49.65
N LEU B 368 8.32 11.29 -48.94
CA LEU B 368 9.13 10.18 -49.42
C LEU B 368 8.32 9.02 -50.01
N CYS B 369 7.05 8.92 -49.63
CA CYS B 369 6.15 7.91 -50.19
C CYS B 369 4.70 8.14 -49.76
N GLY B 370 3.78 7.45 -50.42
CA GLY B 370 2.37 7.63 -50.18
C GLY B 370 1.94 9.07 -50.42
N GLY B 371 1.06 9.57 -49.55
CA GLY B 371 0.63 10.96 -49.64
C GLY B 371 -0.71 11.17 -50.33
N GLY B 372 -1.35 10.08 -50.75
CA GLY B 372 -2.62 10.16 -51.42
C GLY B 372 -3.61 9.07 -51.05
N ILE B 373 -4.73 9.04 -51.75
CA ILE B 373 -5.77 8.04 -51.55
C ILE B 373 -5.34 6.68 -52.09
N ALA B 374 -5.74 5.61 -51.41
CA ALA B 374 -5.24 4.28 -51.73
C ALA B 374 -6.30 3.38 -52.41
N ALA B 375 -7.54 3.85 -52.46
CA ALA B 375 -8.62 3.07 -53.06
C ALA B 375 -9.75 3.96 -53.56
N ASP B 376 -10.59 3.42 -54.43
CA ASP B 376 -11.68 4.19 -55.01
C ASP B 376 -12.99 4.00 -54.25
N ARG B 377 -12.91 3.27 -53.14
CA ARG B 377 -14.08 2.93 -52.36
C ARG B 377 -13.67 2.75 -50.90
N GLY B 378 -14.46 3.31 -50.00
CA GLY B 378 -14.08 3.31 -48.59
C GLY B 378 -13.18 4.50 -48.30
N TYR B 379 -12.52 4.49 -47.16
CA TYR B 379 -11.68 5.62 -46.78
C TYR B 379 -10.21 5.23 -46.57
N PHE B 380 -9.59 4.73 -47.63
CA PHE B 380 -8.23 4.21 -47.54
C PHE B 380 -7.18 5.25 -47.90
N ILE B 381 -6.15 5.36 -47.08
CA ILE B 381 -5.08 6.32 -47.31
C ILE B 381 -3.73 5.61 -47.40
N GLN B 382 -2.94 5.98 -48.39
CA GLN B 382 -1.60 5.42 -48.55
C GLN B 382 -0.72 5.65 -47.34
N PRO B 383 0.03 4.62 -46.90
CA PRO B 383 1.01 4.86 -45.85
C PRO B 383 1.95 5.99 -46.30
N THR B 384 2.12 6.98 -45.44
CA THR B 384 2.82 8.20 -45.83
C THR B 384 3.98 8.50 -44.90
N VAL B 385 5.13 8.82 -45.48
CA VAL B 385 6.29 9.17 -44.67
C VAL B 385 6.89 10.52 -45.07
N PHE B 386 7.03 11.41 -44.09
CA PHE B 386 7.69 12.68 -44.30
C PHE B 386 9.08 12.64 -43.67
N GLY B 387 10.07 13.16 -44.38
CA GLY B 387 11.44 13.24 -43.90
C GLY B 387 11.89 14.66 -43.63
N ASP B 388 12.99 14.80 -42.89
CA ASP B 388 13.54 16.11 -42.52
C ASP B 388 12.49 17.04 -41.93
N VAL B 389 11.64 16.50 -41.07
CA VAL B 389 10.63 17.29 -40.37
C VAL B 389 11.29 18.20 -39.35
N GLN B 390 10.79 19.42 -39.23
CA GLN B 390 11.31 20.38 -38.23
C GLN B 390 10.28 20.61 -37.13
N ASP B 391 10.75 20.93 -35.93
CA ASP B 391 9.89 21.16 -34.78
C ASP B 391 8.82 22.22 -35.04
N GLY B 392 9.15 23.22 -35.85
CA GLY B 392 8.23 24.31 -36.09
C GLY B 392 7.08 23.97 -37.02
N MET B 393 7.19 22.87 -37.76
CA MET B 393 6.15 22.48 -38.71
C MET B 393 4.86 22.07 -38.00
N THR B 394 3.74 22.32 -38.66
CA THR B 394 2.44 21.95 -38.11
C THR B 394 2.29 20.43 -37.97
N ILE B 395 2.79 19.70 -38.97
CA ILE B 395 2.69 18.24 -38.92
C ILE B 395 3.57 17.68 -37.83
N ALA B 396 4.47 18.53 -37.31
CA ALA B 396 5.32 18.13 -36.20
C ALA B 396 4.73 18.46 -34.81
N LYS B 397 3.65 19.25 -34.80
CA LYS B 397 3.07 19.73 -33.56
C LYS B 397 1.68 19.16 -33.26
N GLU B 398 0.88 18.96 -34.31
CA GLU B 398 -0.53 18.59 -34.15
C GLU B 398 -0.79 17.12 -34.45
N GLU B 399 -1.76 16.55 -33.74
CA GLU B 399 -2.15 15.16 -33.93
C GLU B 399 -2.85 14.94 -35.26
N ILE B 400 -2.31 14.05 -36.06
CA ILE B 400 -2.88 13.76 -37.38
C ILE B 400 -3.88 12.62 -37.31
N PHE B 401 -3.59 11.63 -36.46
CA PHE B 401 -4.45 10.46 -36.28
C PHE B 401 -4.65 9.71 -37.60
N GLY B 402 -3.56 9.53 -38.34
CA GLY B 402 -3.58 8.79 -39.60
C GLY B 402 -2.23 8.17 -39.90
N PRO B 403 -2.15 7.41 -41.01
CA PRO B 403 -0.90 6.73 -41.36
C PRO B 403 0.11 7.70 -41.94
N VAL B 404 0.51 8.69 -41.14
CA VAL B 404 1.40 9.74 -41.61
C VAL B 404 2.58 9.87 -40.66
N MET B 405 3.75 9.45 -41.12
CA MET B 405 4.94 9.36 -40.28
C MET B 405 5.84 10.58 -40.41
N GLN B 406 6.32 11.10 -39.28
CA GLN B 406 7.29 12.21 -39.30
C GLN B 406 8.64 11.74 -38.79
N ILE B 407 9.69 12.02 -39.55
CA ILE B 407 11.03 11.63 -39.13
C ILE B 407 11.93 12.84 -38.95
N LEU B 408 12.45 13.01 -37.74
CA LEU B 408 13.28 14.16 -37.41
C LEU B 408 14.72 13.75 -37.08
N LYS B 409 15.65 14.67 -37.25
CA LYS B 409 17.05 14.37 -36.98
C LYS B 409 17.53 15.15 -35.76
N PHE B 410 18.33 14.50 -34.92
CA PHE B 410 18.94 15.17 -33.78
C PHE B 410 20.37 14.68 -33.58
N LYS B 411 21.14 15.39 -32.76
CA LYS B 411 22.54 15.05 -32.52
C LYS B 411 22.79 14.55 -31.10
N THR B 412 22.47 15.37 -30.10
CA THR B 412 22.82 15.05 -28.71
C THR B 412 21.60 14.67 -27.87
N ILE B 413 21.87 13.96 -26.77
CA ILE B 413 20.82 13.55 -25.86
C ILE B 413 20.17 14.74 -25.15
N GLU B 414 20.97 15.76 -24.84
CA GLU B 414 20.46 16.95 -24.15
C GLU B 414 19.53 17.70 -25.09
N GLU B 415 19.88 17.69 -26.38
CA GLU B 415 19.08 18.36 -27.41
C GLU B 415 17.72 17.66 -27.59
N VAL B 416 17.74 16.35 -27.66
CA VAL B 416 16.52 15.60 -27.97
C VAL B 416 15.50 15.64 -26.83
N VAL B 417 15.98 15.71 -25.60
CA VAL B 417 15.12 15.88 -24.44
C VAL B 417 14.30 17.15 -24.56
N GLY B 418 14.97 18.27 -24.77
CA GLY B 418 14.33 19.57 -24.88
C GLY B 418 13.32 19.60 -26.01
N ARG B 419 13.71 19.08 -27.17
CA ARG B 419 12.83 19.08 -28.34
C ARG B 419 11.63 18.16 -28.12
N ALA B 420 11.85 17.06 -27.42
CA ALA B 420 10.77 16.11 -27.13
C ALA B 420 9.77 16.66 -26.12
N ASN B 421 10.27 17.37 -25.11
CA ASN B 421 9.40 17.97 -24.09
C ASN B 421 8.76 19.29 -24.50
N ASN B 422 9.25 19.89 -25.58
CA ASN B 422 8.70 21.16 -26.04
C ASN B 422 7.39 20.96 -26.76
N SER B 423 6.34 20.66 -26.01
CA SER B 423 5.03 20.34 -26.56
C SER B 423 3.98 20.50 -25.47
N THR B 424 2.76 20.80 -25.86
CA THR B 424 1.66 20.86 -24.90
C THR B 424 1.11 19.47 -24.64
N TYR B 425 1.55 18.49 -25.43
CA TYR B 425 1.17 17.09 -25.22
C TYR B 425 2.25 16.35 -24.41
N GLY B 426 1.84 15.26 -23.76
CA GLY B 426 2.75 14.47 -22.94
C GLY B 426 2.10 13.14 -22.60
N LEU B 427 1.56 12.47 -23.62
CA LEU B 427 0.90 11.18 -23.40
C LEU B 427 1.88 10.01 -23.25
N ALA B 428 2.79 9.89 -24.21
CA ALA B 428 3.76 8.80 -24.20
C ALA B 428 5.05 9.19 -24.88
N ALA B 429 6.03 8.30 -24.82
CA ALA B 429 7.33 8.50 -25.44
C ALA B 429 8.09 7.19 -25.41
N ALA B 430 9.09 7.05 -26.27
CA ALA B 430 9.89 5.85 -26.26
C ALA B 430 11.35 6.17 -26.50
N VAL B 431 12.21 5.26 -26.07
CA VAL B 431 13.66 5.37 -26.27
C VAL B 431 14.21 4.03 -26.75
N PHE B 432 14.95 4.05 -27.85
CA PHE B 432 15.64 2.86 -28.33
C PHE B 432 17.15 3.03 -28.17
N THR B 433 17.75 2.17 -27.35
CA THR B 433 19.18 2.20 -27.06
C THR B 433 19.61 0.93 -26.33
N LYS B 434 20.91 0.67 -26.35
CA LYS B 434 21.45 -0.48 -25.60
C LYS B 434 22.14 -0.01 -24.32
N ASP B 435 22.32 1.31 -24.21
CA ASP B 435 23.03 1.89 -23.10
C ASP B 435 22.12 2.08 -21.88
N LEU B 436 22.55 1.56 -20.74
CA LEU B 436 21.82 1.68 -19.48
C LEU B 436 21.61 3.13 -19.05
N ASP B 437 22.69 3.91 -19.05
CA ASP B 437 22.64 5.30 -18.63
C ASP B 437 21.71 6.16 -19.48
N LYS B 438 21.78 6.01 -20.80
CA LYS B 438 20.95 6.79 -21.71
C LYS B 438 19.48 6.45 -21.49
N ALA B 439 19.19 5.16 -21.33
CA ALA B 439 17.83 4.72 -21.06
C ALA B 439 17.32 5.36 -19.78
N ASN B 440 18.10 5.28 -18.71
CA ASN B 440 17.67 5.81 -17.41
C ASN B 440 17.54 7.33 -17.38
N TYR B 441 18.50 8.02 -18.00
CA TYR B 441 18.41 9.47 -18.06
C TYR B 441 17.18 9.94 -18.82
N LEU B 442 16.96 9.36 -20.00
CA LEU B 442 15.83 9.73 -20.84
C LEU B 442 14.48 9.40 -20.19
N SER B 443 14.35 8.19 -19.62
CA SER B 443 13.09 7.79 -19.02
C SER B 443 12.74 8.73 -17.89
N GLN B 444 13.76 9.28 -17.24
CA GLN B 444 13.54 10.25 -16.17
C GLN B 444 13.18 11.64 -16.70
N ALA B 445 13.85 12.05 -17.78
CA ALA B 445 13.74 13.42 -18.29
C ALA B 445 12.46 13.70 -19.08
N LEU B 446 11.94 12.69 -19.77
CA LEU B 446 10.78 12.86 -20.64
C LEU B 446 9.49 13.12 -19.86
N GLN B 447 8.74 14.14 -20.27
CA GLN B 447 7.47 14.47 -19.62
C GLN B 447 6.32 13.72 -20.29
N ALA B 448 6.18 12.44 -19.95
CA ALA B 448 5.19 11.59 -20.59
C ALA B 448 4.64 10.58 -19.61
N GLY B 449 3.36 10.26 -19.76
CA GLY B 449 2.71 9.34 -18.83
C GLY B 449 3.23 7.93 -18.92
N THR B 450 3.67 7.55 -20.10
CA THR B 450 4.28 6.24 -20.32
C THR B 450 5.55 6.40 -21.15
N VAL B 451 6.65 5.85 -20.63
CA VAL B 451 7.88 5.80 -21.39
C VAL B 451 8.25 4.36 -21.70
N TRP B 452 8.24 4.00 -22.98
CA TRP B 452 8.69 2.68 -23.44
C TRP B 452 10.18 2.66 -23.78
N VAL B 453 10.86 1.61 -23.33
CA VAL B 453 12.27 1.43 -23.62
C VAL B 453 12.49 0.18 -24.46
N ASN B 454 12.99 0.38 -25.68
CA ASN B 454 13.19 -0.69 -26.66
C ASN B 454 11.92 -1.44 -27.01
N CYS B 455 10.80 -0.72 -27.02
CA CYS B 455 9.51 -1.30 -27.37
C CYS B 455 8.53 -0.14 -27.53
N TYR B 456 7.30 -0.45 -27.93
CA TYR B 456 6.28 0.56 -28.13
C TYR B 456 4.88 -0.05 -28.10
N ASP B 457 3.90 0.74 -27.68
CA ASP B 457 2.50 0.28 -27.57
C ASP B 457 2.39 -1.00 -26.74
N VAL B 458 3.22 -1.12 -25.70
CA VAL B 458 3.10 -2.23 -24.77
C VAL B 458 2.15 -1.83 -23.65
N PHE B 459 0.91 -2.29 -23.74
CA PHE B 459 -0.10 -1.98 -22.74
C PHE B 459 -0.28 -3.18 -21.83
N GLY B 460 -0.38 -2.91 -20.55
CA GLY B 460 -0.68 -3.95 -19.58
C GLY B 460 -1.79 -3.49 -18.68
N ALA B 461 -2.72 -4.39 -18.38
CA ALA B 461 -3.83 -4.10 -17.46
C ALA B 461 -3.31 -3.69 -16.10
N GLN B 462 -2.10 -4.17 -15.78
CA GLN B 462 -1.45 -3.90 -14.50
C GLN B 462 -0.76 -2.51 -14.44
N SER B 463 -0.44 -1.95 -15.60
CA SER B 463 0.33 -0.71 -15.63
C SER B 463 -0.50 0.47 -16.11
N PRO B 464 -0.51 1.56 -15.32
CA PRO B 464 -1.35 2.73 -15.58
C PRO B 464 -0.97 3.47 -16.85
N PHE B 465 -1.96 4.12 -17.46
CA PHE B 465 -1.78 4.81 -18.72
C PHE B 465 -2.55 6.12 -18.66
N GLY B 466 -1.92 7.21 -19.08
CA GLY B 466 -2.51 8.53 -19.00
C GLY B 466 -1.51 9.62 -19.38
N GLY B 467 -2.01 10.84 -19.57
CA GLY B 467 -1.18 11.91 -20.09
C GLY B 467 -0.68 12.94 -19.08
N TYR B 468 0.51 13.46 -19.35
CA TYR B 468 1.02 14.68 -18.72
C TYR B 468 0.39 15.84 -19.48
N LYS B 469 0.40 17.03 -18.86
CA LYS B 469 -0.02 18.28 -19.50
C LYS B 469 -1.43 18.20 -20.09
N MET B 470 -1.57 18.63 -21.35
CA MET B 470 -2.88 18.71 -21.99
C MET B 470 -3.25 17.39 -22.67
N SER B 471 -2.46 16.35 -22.44
CA SER B 471 -2.83 15.00 -22.89
C SER B 471 -3.83 14.32 -21.95
N GLY B 472 -4.19 15.00 -20.87
CA GLY B 472 -5.19 14.48 -19.96
C GLY B 472 -4.85 14.67 -18.49
N SER B 473 -5.62 14.04 -17.62
CA SER B 473 -5.36 14.05 -16.18
C SER B 473 -5.97 12.81 -15.58
N GLY B 474 -5.31 12.27 -14.56
CA GLY B 474 -5.68 10.98 -14.02
C GLY B 474 -5.08 9.86 -14.83
N ARG B 475 -5.21 8.64 -14.34
CA ARG B 475 -4.71 7.47 -15.05
C ARG B 475 -5.77 6.39 -15.15
N GLU B 476 -5.68 5.58 -16.20
CA GLU B 476 -6.50 4.38 -16.34
C GLU B 476 -5.59 3.17 -16.30
N LEU B 477 -6.20 1.98 -16.11
CA LEU B 477 -5.50 0.71 -15.90
C LEU B 477 -4.76 0.66 -14.55
N GLY B 478 -4.34 -0.53 -14.17
CA GLY B 478 -3.61 -0.75 -12.94
C GLY B 478 -4.39 -0.37 -11.69
N GLU B 479 -3.73 -0.41 -10.55
CA GLU B 479 -4.38 -0.01 -9.31
C GLU B 479 -4.78 1.47 -9.37
N TYR B 480 -3.96 2.27 -10.04
CA TYR B 480 -4.24 3.69 -10.17
C TYR B 480 -5.61 3.99 -10.79
N GLY B 481 -6.10 3.08 -11.62
CA GLY B 481 -7.38 3.29 -12.30
C GLY B 481 -8.58 3.24 -11.38
N LEU B 482 -8.35 2.83 -10.13
CA LEU B 482 -9.42 2.69 -9.16
C LEU B 482 -9.61 4.01 -8.42
N GLN B 483 -8.57 4.85 -8.41
CA GLN B 483 -8.58 6.07 -7.60
C GLN B 483 -9.73 7.00 -7.96
N ALA B 484 -9.91 7.25 -9.26
CA ALA B 484 -10.89 8.21 -9.73
C ALA B 484 -12.32 7.72 -9.49
N TYR B 485 -12.45 6.44 -9.19
CA TYR B 485 -13.75 5.83 -8.97
C TYR B 485 -14.00 5.56 -7.50
N THR B 486 -13.24 6.22 -6.65
CA THR B 486 -13.38 6.04 -5.20
C THR B 486 -13.61 7.35 -4.49
N GLU B 487 -14.61 7.41 -3.62
CA GLU B 487 -14.78 8.56 -2.75
C GLU B 487 -14.32 8.21 -1.35
N VAL B 488 -13.45 9.03 -0.77
CA VAL B 488 -12.85 8.71 0.52
C VAL B 488 -13.64 9.31 1.67
N LYS B 489 -13.97 8.47 2.64
CA LYS B 489 -14.64 8.90 3.87
C LYS B 489 -13.82 8.54 5.10
N THR B 490 -13.54 9.54 5.93
CA THR B 490 -12.88 9.32 7.20
C THR B 490 -13.91 9.15 8.31
N VAL B 491 -13.75 8.12 9.13
CA VAL B 491 -14.59 7.95 10.30
C VAL B 491 -13.73 8.07 11.55
N THR B 492 -13.97 9.10 12.35
CA THR B 492 -13.21 9.30 13.59
C THR B 492 -14.09 9.12 14.83
N VAL B 493 -13.81 8.09 15.62
CA VAL B 493 -14.63 7.70 16.77
C VAL B 493 -13.92 7.90 18.10
N LYS B 494 -14.60 8.52 19.06
CA LYS B 494 -14.05 8.69 20.40
C LYS B 494 -14.03 7.35 21.14
N VAL B 495 -12.89 7.03 21.76
CA VAL B 495 -12.76 5.76 22.48
C VAL B 495 -12.38 6.05 23.93
N PRO B 496 -12.70 5.12 24.86
CA PRO B 496 -12.39 5.30 26.30
C PRO B 496 -10.91 5.52 26.57
N GLN B 497 -10.03 4.79 25.89
CA GLN B 497 -8.58 4.95 26.07
C GLN B 497 -7.80 4.34 24.89
N LYS B 498 -7.12 5.19 24.13
CA LYS B 498 -6.35 4.77 22.97
C LYS B 498 -5.05 4.10 23.41
N ASN B 499 -4.77 2.93 22.85
CA ASN B 499 -3.48 2.28 23.01
C ASN B 499 -2.87 1.92 21.64
N SER B 500 -1.54 1.80 21.60
CA SER B 500 -0.84 1.41 20.37
C SER B 500 -1.21 0.01 19.96
N VAL C 8 36.18 17.60 8.84
CA VAL C 8 35.91 16.90 10.08
C VAL C 8 36.53 17.61 11.29
N PRO C 9 35.75 17.82 12.35
CA PRO C 9 36.28 18.51 13.54
C PRO C 9 37.30 17.66 14.27
N ALA C 10 38.25 18.30 14.93
CA ALA C 10 39.29 17.61 15.68
C ALA C 10 38.70 16.81 16.84
N PRO C 11 38.95 15.49 16.84
CA PRO C 11 38.43 14.59 17.88
C PRO C 11 39.31 14.56 19.13
N ASN C 12 38.73 14.17 20.25
CA ASN C 12 39.53 13.85 21.41
C ASN C 12 39.94 12.40 21.29
N GLN C 13 41.21 12.16 21.03
CA GLN C 13 41.75 10.82 20.83
C GLN C 13 41.79 10.01 22.12
N GLN C 14 41.44 10.64 23.22
CA GLN C 14 41.30 9.93 24.48
C GLN C 14 39.98 10.31 25.16
N PRO C 15 38.86 9.95 24.52
CA PRO C 15 37.53 10.31 25.03
C PRO C 15 37.26 9.61 26.35
N GLU C 16 36.79 10.37 27.33
CA GLU C 16 36.41 9.80 28.62
C GLU C 16 35.22 8.86 28.44
N VAL C 17 35.17 7.82 29.25
CA VAL C 17 34.02 6.93 29.26
C VAL C 17 33.08 7.26 30.43
N PHE C 18 31.82 7.55 30.12
CA PHE C 18 30.86 7.92 31.15
C PHE C 18 29.89 6.77 31.46
N CYS C 19 29.69 5.87 30.51
CA CYS C 19 28.69 4.80 30.69
C CYS C 19 29.31 3.43 30.42
N ASN C 20 29.26 2.57 31.43
CA ASN C 20 29.86 1.25 31.32
C ASN C 20 29.14 0.24 32.20
N GLN C 21 27.85 0.48 32.45
CA GLN C 21 27.07 -0.44 33.27
C GLN C 21 25.86 -0.99 32.52
N ILE C 22 24.94 -1.61 33.24
CA ILE C 22 23.73 -2.17 32.66
C ILE C 22 22.60 -1.14 32.73
N PHE C 23 21.89 -0.97 31.60
CA PHE C 23 20.89 0.07 31.50
C PHE C 23 19.48 -0.51 31.58
N ILE C 24 18.81 -0.28 32.71
CA ILE C 24 17.45 -0.78 32.92
C ILE C 24 16.57 0.30 33.55
N ASN C 25 15.36 0.47 33.03
CA ASN C 25 14.45 1.50 33.53
C ASN C 25 15.10 2.87 33.59
N ASN C 26 15.84 3.21 32.53
CA ASN C 26 16.56 4.46 32.45
C ASN C 26 17.58 4.69 33.59
N GLU C 27 18.00 3.61 34.25
CA GLU C 27 18.94 3.68 35.35
C GLU C 27 20.15 2.78 35.11
N TRP C 28 21.32 3.23 35.58
CA TRP C 28 22.53 2.43 35.47
C TRP C 28 22.72 1.53 36.70
N HIS C 29 22.98 0.24 36.44
CA HIS C 29 23.22 -0.75 37.49
C HIS C 29 24.47 -1.58 37.20
N ASP C 30 25.14 -2.02 38.26
CA ASP C 30 26.14 -3.05 38.11
C ASP C 30 25.46 -4.39 37.81
N ALA C 31 26.24 -5.33 37.30
CA ALA C 31 25.77 -6.69 37.14
C ALA C 31 25.38 -7.24 38.50
N VAL C 32 24.34 -8.06 38.54
CA VAL C 32 23.90 -8.66 39.80
C VAL C 32 25.06 -9.38 40.48
N SER C 33 25.82 -10.11 39.68
CA SER C 33 26.98 -10.86 40.15
C SER C 33 28.16 -9.93 40.46
N ARG C 34 28.08 -8.69 40.00
CA ARG C 34 29.15 -7.68 40.18
C ARG C 34 30.38 -7.94 39.31
N LYS C 35 30.32 -8.96 38.47
CA LYS C 35 31.39 -9.27 37.55
C LYS C 35 31.51 -8.19 36.47
N THR C 36 32.73 -7.97 36.01
CA THR C 36 32.99 -7.06 34.90
C THR C 36 33.90 -7.73 33.87
N PHE C 37 33.92 -7.14 32.68
CA PHE C 37 34.82 -7.59 31.61
C PHE C 37 35.48 -6.40 30.95
N PRO C 38 36.71 -6.61 30.43
CA PRO C 38 37.42 -5.52 29.80
C PRO C 38 37.04 -5.38 28.33
N THR C 39 36.99 -4.13 27.86
CA THR C 39 36.92 -3.88 26.44
C THR C 39 38.24 -3.20 26.02
N VAL C 40 38.73 -3.53 24.82
CA VAL C 40 40.08 -3.15 24.39
C VAL C 40 40.09 -2.19 23.20
N ASN C 41 41.11 -1.33 23.15
CA ASN C 41 41.47 -0.60 21.94
C ASN C 41 42.23 -1.51 21.00
N PRO C 42 41.61 -1.83 19.83
CA PRO C 42 42.24 -2.72 18.84
C PRO C 42 43.47 -2.13 18.18
N SER C 43 43.62 -0.81 18.21
CA SER C 43 44.78 -0.14 17.64
C SER C 43 46.02 -0.25 18.52
N THR C 44 45.84 -0.45 19.82
CA THR C 44 46.97 -0.49 20.75
C THR C 44 47.00 -1.80 21.53
N GLY C 45 45.88 -2.51 21.58
CA GLY C 45 45.76 -3.73 22.36
C GLY C 45 45.67 -3.49 23.86
N GLU C 46 45.51 -2.22 24.25
CA GLU C 46 45.37 -1.87 25.66
C GLU C 46 43.91 -1.81 26.09
N VAL C 47 43.66 -2.06 27.38
CA VAL C 47 42.32 -2.05 27.93
C VAL C 47 41.79 -0.63 28.07
N ILE C 48 40.58 -0.39 27.58
CA ILE C 48 39.97 0.92 27.69
C ILE C 48 39.35 1.11 29.07
N CYS C 49 38.53 0.15 29.49
CA CYS C 49 37.87 0.22 30.79
C CYS C 49 37.16 -1.10 31.04
N GLN C 50 36.67 -1.30 32.26
CA GLN C 50 35.85 -2.46 32.59
C GLN C 50 34.38 -2.15 32.32
N VAL C 51 33.62 -3.19 31.94
CA VAL C 51 32.21 -3.05 31.64
C VAL C 51 31.43 -4.11 32.40
N ALA C 52 30.30 -3.72 33.02
CA ALA C 52 29.47 -4.66 33.77
C ALA C 52 29.11 -5.87 32.90
N GLU C 53 29.34 -7.07 33.41
CA GLU C 53 29.03 -8.28 32.64
C GLU C 53 27.64 -8.80 32.95
N GLY C 54 26.64 -8.36 32.20
CA GLY C 54 25.28 -8.81 32.38
C GLY C 54 25.09 -10.27 32.00
N ASP C 55 24.25 -10.95 32.75
CA ASP C 55 23.99 -12.36 32.51
C ASP C 55 22.48 -12.58 32.67
N LYS C 56 22.08 -13.84 32.77
CA LYS C 56 20.67 -14.25 32.85
C LYS C 56 19.85 -13.36 33.79
N GLU C 57 20.29 -13.22 35.02
CA GLU C 57 19.52 -12.50 36.02
C GLU C 57 19.32 -11.03 35.63
N ASP C 58 20.33 -10.44 34.99
CA ASP C 58 20.25 -9.06 34.53
C ASP C 58 19.31 -8.93 33.33
N VAL C 59 19.31 -9.97 32.49
CA VAL C 59 18.35 -10.05 31.39
C VAL C 59 16.94 -10.13 31.97
N ASP C 60 16.77 -10.94 33.02
CA ASP C 60 15.46 -11.10 33.65
C ASP C 60 14.90 -9.77 34.18
N LYS C 61 15.76 -8.96 34.78
CA LYS C 61 15.35 -7.64 35.26
C LYS C 61 14.97 -6.71 34.11
N ALA C 62 15.74 -6.75 33.01
CA ALA C 62 15.47 -5.93 31.84
C ALA C 62 14.14 -6.29 31.19
N VAL C 63 13.88 -7.58 31.04
CA VAL C 63 12.63 -8.04 30.46
C VAL C 63 11.45 -7.63 31.33
N LYS C 64 11.63 -7.80 32.65
CA LYS C 64 10.64 -7.39 33.63
C LYS C 64 10.28 -5.92 33.45
N ALA C 65 11.28 -5.07 33.27
CA ALA C 65 11.05 -3.64 33.10
C ALA C 65 10.38 -3.33 31.76
N ALA C 66 10.75 -4.10 30.73
CA ALA C 66 10.20 -3.92 29.39
C ALA C 66 8.74 -4.33 29.34
N ARG C 67 8.41 -5.44 30.00
CA ARG C 67 7.03 -5.89 30.11
C ARG C 67 6.17 -4.86 30.85
N ALA C 68 6.68 -4.32 31.94
CA ALA C 68 5.96 -3.30 32.70
C ALA C 68 5.71 -2.04 31.85
N ALA C 69 6.70 -1.60 31.11
CA ALA C 69 6.56 -0.42 30.25
C ALA C 69 5.57 -0.67 29.11
N PHE C 70 5.40 -1.93 28.71
CA PHE C 70 4.53 -2.27 27.60
C PHE C 70 3.08 -2.55 28.05
N GLN C 71 2.84 -2.47 29.35
CA GLN C 71 1.52 -2.82 29.88
C GLN C 71 0.43 -1.90 29.33
N LEU C 72 -0.74 -2.46 29.08
CA LEU C 72 -1.88 -1.70 28.58
C LEU C 72 -2.14 -0.51 29.49
N GLY C 73 -2.26 0.66 28.89
CA GLY C 73 -2.58 1.85 29.63
C GLY C 73 -1.36 2.56 30.18
N SER C 74 -0.16 2.13 29.78
CA SER C 74 1.08 2.77 30.24
C SER C 74 1.38 3.99 29.37
N PRO C 75 2.24 4.90 29.85
CA PRO C 75 2.62 6.09 29.10
C PRO C 75 3.06 5.75 27.68
N TRP C 76 3.77 4.64 27.51
CA TRP C 76 4.30 4.26 26.20
C TRP C 76 3.24 3.67 25.27
N ARG C 77 2.26 2.98 25.84
CA ARG C 77 1.16 2.41 25.04
C ARG C 77 0.12 3.48 24.67
N ARG C 78 -0.02 4.51 25.50
CA ARG C 78 -1.03 5.55 25.28
C ARG C 78 -0.45 6.74 24.50
N MET C 79 0.88 6.80 24.42
CA MET C 79 1.54 7.90 23.73
C MET C 79 1.09 7.98 22.26
N ASP C 80 0.81 9.20 21.79
CA ASP C 80 0.45 9.40 20.39
C ASP C 80 1.56 8.87 19.51
N ALA C 81 1.19 8.16 18.44
CA ALA C 81 2.15 7.68 17.47
C ALA C 81 3.06 8.82 17.01
N SER C 82 2.46 9.97 16.72
CA SER C 82 3.23 11.12 16.25
C SER C 82 4.30 11.54 17.27
N HIS C 83 3.98 11.37 18.55
CA HIS C 83 4.92 11.74 19.60
C HIS C 83 6.09 10.75 19.71
N ARG C 84 5.87 9.48 19.38
CA ARG C 84 6.97 8.53 19.24
C ARG C 84 7.95 9.02 18.17
N GLY C 85 7.40 9.57 17.08
CA GLY C 85 8.19 10.13 16.01
C GLY C 85 9.07 11.28 16.52
N ARG C 86 8.46 12.18 17.28
CA ARG C 86 9.20 13.32 17.85
C ARG C 86 10.35 12.85 18.75
N LEU C 87 10.10 11.79 19.52
CA LEU C 87 11.11 11.28 20.45
C LEU C 87 12.31 10.73 19.69
N LEU C 88 12.05 9.99 18.61
CA LEU C 88 13.10 9.53 17.70
C LEU C 88 13.89 10.68 17.08
N ASN C 89 13.17 11.74 16.69
CA ASN C 89 13.81 12.93 16.19
C ASN C 89 14.66 13.63 17.24
N ARG C 90 14.19 13.64 18.48
CA ARG C 90 14.96 14.26 19.56
C ARG C 90 16.24 13.46 19.83
N LEU C 91 16.14 12.14 19.77
CA LEU C 91 17.30 11.28 19.95
C LEU C 91 18.34 11.58 18.88
N ALA C 92 17.91 11.65 17.63
CA ALA C 92 18.83 11.99 16.54
C ALA C 92 19.54 13.34 16.78
N ASP C 93 18.77 14.33 17.24
CA ASP C 93 19.34 15.65 17.52
C ASP C 93 20.42 15.59 18.60
N LEU C 94 20.18 14.77 19.62
CA LEU C 94 21.14 14.64 20.69
C LEU C 94 22.41 13.96 20.18
N ILE C 95 22.23 12.92 19.37
CA ILE C 95 23.35 12.22 18.75
C ILE C 95 24.17 13.16 17.88
N GLU C 96 23.49 14.04 17.14
CA GLU C 96 24.20 14.99 16.31
C GLU C 96 24.97 15.98 17.17
N ARG C 97 24.37 16.36 18.30
CA ARG C 97 25.05 17.24 19.25
C ARG C 97 26.36 16.62 19.75
N ASP C 98 26.34 15.32 20.01
CA ASP C 98 27.50 14.62 20.55
C ASP C 98 28.24 13.84 19.46
N ARG C 99 28.06 14.24 18.20
CA ARG C 99 28.60 13.49 17.07
C ARG C 99 30.11 13.27 17.18
N THR C 100 30.84 14.35 17.43
CA THR C 100 32.30 14.29 17.54
C THR C 100 32.74 13.30 18.61
N TYR C 101 32.17 13.44 19.79
CA TYR C 101 32.48 12.53 20.88
C TYR C 101 32.18 11.07 20.49
N LEU C 102 30.98 10.82 19.99
CA LEU C 102 30.56 9.45 19.65
C LEU C 102 31.42 8.82 18.54
N ALA C 103 31.78 9.61 17.54
CA ALA C 103 32.61 9.10 16.44
C ALA C 103 34.01 8.75 16.94
N ALA C 104 34.54 9.55 17.85
CA ALA C 104 35.84 9.27 18.45
C ALA C 104 35.80 8.00 19.29
N LEU C 105 34.76 7.87 20.10
CA LEU C 105 34.60 6.73 20.97
C LEU C 105 34.37 5.46 20.14
N GLU C 106 33.65 5.61 19.02
CA GLU C 106 33.40 4.48 18.10
C GLU C 106 34.73 3.97 17.52
N THR C 107 35.59 4.89 17.13
CA THR C 107 36.91 4.55 16.61
C THR C 107 37.83 3.92 17.68
N LEU C 108 37.78 4.46 18.89
CA LEU C 108 38.57 3.94 20.00
C LEU C 108 38.26 2.47 20.23
N ASP C 109 36.98 2.15 20.35
CA ASP C 109 36.53 0.82 20.74
C ASP C 109 36.49 -0.17 19.56
N ASN C 110 36.23 0.32 18.36
CA ASN C 110 36.04 -0.56 17.19
C ASN C 110 37.27 -0.65 16.30
N GLY C 111 37.95 0.47 16.10
CA GLY C 111 39.15 0.50 15.27
C GLY C 111 39.06 1.22 13.93
N LYS C 112 37.83 1.44 13.45
CA LYS C 112 37.64 2.07 12.15
C LYS C 112 38.13 3.52 12.15
N PRO C 113 38.58 4.01 10.99
CA PRO C 113 39.10 5.37 10.85
C PRO C 113 38.14 6.42 11.41
N TYR C 114 38.66 7.37 12.18
CA TYR C 114 37.81 8.42 12.76
C TYR C 114 37.04 9.20 11.70
N VAL C 115 37.69 9.46 10.57
CA VAL C 115 37.03 10.19 9.50
C VAL C 115 35.82 9.41 8.99
N ILE C 116 35.95 8.10 8.89
CA ILE C 116 34.84 7.25 8.46
C ILE C 116 33.74 7.21 9.53
N SER C 117 34.13 7.07 10.79
CA SER C 117 33.17 7.06 11.90
C SER C 117 32.29 8.31 11.85
N TYR C 118 32.92 9.45 11.59
CA TYR C 118 32.22 10.72 11.60
C TYR C 118 31.34 10.94 10.37
N LEU C 119 31.94 10.83 9.18
CA LEU C 119 31.26 11.17 7.93
C LEU C 119 30.34 10.07 7.40
N VAL C 120 30.59 8.83 7.81
CA VAL C 120 29.83 7.70 7.27
C VAL C 120 28.89 7.09 8.32
N ASP C 121 29.46 6.38 9.29
CA ASP C 121 28.70 5.77 10.39
C ASP C 121 27.68 6.70 11.06
N LEU C 122 28.17 7.77 11.68
CA LEU C 122 27.28 8.72 12.36
C LEU C 122 26.21 9.29 11.42
N ASP C 123 26.60 9.62 10.20
CA ASP C 123 25.67 10.10 9.18
C ASP C 123 24.52 9.11 8.95
N MET C 124 24.86 7.83 8.81
CA MET C 124 23.87 6.78 8.59
C MET C 124 22.99 6.52 9.81
N VAL C 125 23.57 6.66 10.99
CA VAL C 125 22.79 6.58 12.22
C VAL C 125 21.72 7.68 12.26
N LEU C 126 22.13 8.91 11.93
CA LEU C 126 21.21 10.05 11.91
C LEU C 126 20.10 9.88 10.87
N LYS C 127 20.50 9.44 9.67
CA LYS C 127 19.55 9.25 8.58
C LYS C 127 18.55 8.13 8.86
N CYS C 128 19.01 7.08 9.52
CA CYS C 128 18.14 5.98 9.89
C CYS C 128 17.11 6.40 10.93
N LEU C 129 17.56 7.08 11.98
CA LEU C 129 16.65 7.47 13.05
C LEU C 129 15.63 8.50 12.58
N ARG C 130 16.07 9.44 11.76
CA ARG C 130 15.16 10.45 11.24
C ARG C 130 14.16 9.87 10.26
N TYR C 131 14.59 8.88 9.48
CA TYR C 131 13.72 8.18 8.56
C TYR C 131 12.57 7.52 9.32
N TYR C 132 12.88 6.74 10.34
CA TYR C 132 11.83 6.03 11.06
C TYR C 132 10.97 6.94 11.94
N ALA C 133 11.50 8.10 12.33
CA ALA C 133 10.71 9.09 13.05
C ALA C 133 9.48 9.47 12.22
N GLY C 134 9.60 9.43 10.90
CA GLY C 134 8.51 9.74 9.99
C GLY C 134 7.50 8.62 9.79
N TRP C 135 7.90 7.39 10.07
CA TRP C 135 7.02 6.22 9.93
C TRP C 135 6.05 6.03 11.11
N ALA C 136 6.42 6.57 12.27
CA ALA C 136 5.69 6.31 13.53
C ALA C 136 4.18 6.45 13.43
N ASP C 137 3.69 7.45 12.70
CA ASP C 137 2.24 7.61 12.53
C ASP C 137 1.73 7.35 11.10
N LYS C 138 2.39 6.48 10.36
CA LYS C 138 2.03 6.25 8.95
C LYS C 138 1.91 4.79 8.51
N TYR C 139 2.20 3.86 9.40
CA TYR C 139 2.11 2.44 9.05
C TYR C 139 0.69 1.93 9.28
N HIS C 140 -0.23 2.25 8.37
CA HIS C 140 -1.65 1.99 8.57
C HIS C 140 -2.02 0.51 8.55
N GLY C 141 -3.07 0.16 9.28
CA GLY C 141 -3.73 -1.12 9.03
C GLY C 141 -4.71 -0.97 7.87
N LYS C 142 -5.66 -1.91 7.72
CA LYS C 142 -6.57 -1.88 6.58
C LYS C 142 -8.05 -1.97 6.98
N THR C 143 -8.93 -1.38 6.17
CA THR C 143 -10.35 -1.70 6.26
C THR C 143 -10.71 -2.57 5.06
N ILE C 144 -11.50 -3.61 5.32
CA ILE C 144 -11.55 -4.76 4.43
C ILE C 144 -12.99 -5.13 4.05
N PRO C 145 -13.29 -5.14 2.74
CA PRO C 145 -14.63 -5.43 2.20
C PRO C 145 -14.98 -6.92 2.23
N ILE C 146 -15.09 -7.47 3.43
CA ILE C 146 -15.38 -8.88 3.63
C ILE C 146 -16.83 -9.19 3.24
N ASP C 147 -17.12 -10.44 2.90
CA ASP C 147 -18.48 -10.90 2.55
C ASP C 147 -19.41 -10.79 3.74
N GLY C 148 -20.70 -10.63 3.45
CA GLY C 148 -21.73 -10.61 4.47
C GLY C 148 -21.89 -9.27 5.15
N ASP C 149 -22.78 -9.22 6.15
CA ASP C 149 -23.07 -7.99 6.89
C ASP C 149 -22.07 -7.78 8.00
N PHE C 150 -20.84 -7.46 7.63
CA PHE C 150 -19.76 -7.32 8.60
C PHE C 150 -18.87 -6.17 8.20
N PHE C 151 -18.30 -5.52 9.20
CA PHE C 151 -17.23 -4.55 9.00
C PHE C 151 -15.95 -5.15 9.56
N SER C 152 -14.96 -5.33 8.70
CA SER C 152 -13.69 -5.92 9.09
C SER C 152 -12.49 -4.97 8.89
N TYR C 153 -11.59 -4.95 9.86
CA TYR C 153 -10.39 -4.14 9.74
C TYR C 153 -9.23 -4.78 10.50
N THR C 154 -8.03 -4.28 10.25
CA THR C 154 -6.86 -4.71 11.01
C THR C 154 -6.19 -3.58 11.80
N ARG C 155 -5.68 -3.93 12.98
CA ARG C 155 -4.83 -3.05 13.75
C ARG C 155 -3.40 -3.57 13.59
N HIS C 156 -2.47 -2.65 13.41
CA HIS C 156 -1.07 -3.02 13.40
C HIS C 156 -0.50 -2.69 14.77
N GLU C 157 -0.62 -3.63 15.70
CA GLU C 157 -0.16 -3.44 17.07
C GLU C 157 1.33 -3.78 17.17
N PRO C 158 1.98 -3.33 18.25
CA PRO C 158 3.39 -3.72 18.47
C PRO C 158 3.46 -5.20 18.84
N VAL C 159 4.52 -5.87 18.38
N VAL C 159 4.50 -5.88 18.36
CA VAL C 159 4.72 -7.28 18.70
CA VAL C 159 4.71 -7.30 18.70
C VAL C 159 5.02 -7.47 20.18
C VAL C 159 5.00 -7.48 20.20
N GLY C 160 5.53 -6.42 20.83
CA GLY C 160 5.76 -6.44 22.26
C GLY C 160 7.21 -6.31 22.73
N VAL C 161 7.61 -7.21 23.63
CA VAL C 161 8.97 -7.21 24.15
C VAL C 161 9.95 -7.76 23.11
N CYS C 162 10.79 -6.90 22.59
CA CYS C 162 11.74 -7.28 21.54
C CYS C 162 13.18 -7.44 22.05
N GLY C 163 13.71 -8.64 21.97
CA GLY C 163 15.13 -8.83 22.20
C GLY C 163 15.92 -8.51 20.94
N GLN C 164 16.93 -7.66 21.06
CA GLN C 164 17.76 -7.29 19.91
C GLN C 164 19.24 -7.55 20.17
N ILE C 165 19.83 -8.44 19.38
CA ILE C 165 21.21 -8.86 19.59
C ILE C 165 22.03 -8.47 18.39
N ILE C 166 23.05 -7.65 18.63
CA ILE C 166 23.79 -7.04 17.54
C ILE C 166 25.29 -7.32 17.60
N PRO C 167 26.01 -7.16 16.46
CA PRO C 167 27.43 -7.44 16.35
C PRO C 167 28.29 -6.20 16.59
N TRP C 168 29.59 -6.34 16.29
CA TRP C 168 30.57 -5.34 16.64
C TRP C 168 31.08 -4.48 15.47
N ASN C 169 30.68 -4.83 14.23
CA ASN C 169 31.34 -4.24 13.06
C ASN C 169 30.86 -2.81 12.73
N PHE C 170 29.61 -2.53 13.07
CA PHE C 170 29.06 -1.18 13.00
C PHE C 170 28.18 -0.95 14.22
N PRO C 171 28.82 -0.83 15.42
CA PRO C 171 28.14 -0.74 16.71
C PRO C 171 26.99 0.29 16.78
N LEU C 172 27.26 1.57 16.55
CA LEU C 172 26.21 2.58 16.55
C LEU C 172 25.15 2.34 15.47
N LEU C 173 25.59 2.10 14.24
CA LEU C 173 24.66 1.88 13.13
C LEU C 173 23.74 0.67 13.34
N MET C 174 24.31 -0.43 13.83
CA MET C 174 23.51 -1.62 14.12
C MET C 174 22.48 -1.35 15.20
N GLN C 175 22.86 -0.55 16.19
CA GLN C 175 21.92 -0.15 17.23
C GLN C 175 20.76 0.65 16.63
N ALA C 176 21.08 1.56 15.72
CA ALA C 176 20.09 2.42 15.09
C ALA C 176 19.15 1.63 14.16
N TRP C 177 19.70 0.71 13.38
CA TRP C 177 18.87 -0.13 12.52
C TRP C 177 17.85 -0.96 13.31
N LYS C 178 18.15 -1.22 14.59
CA LYS C 178 17.26 -1.98 15.45
C LYS C 178 16.25 -1.09 16.18
N LEU C 179 16.73 -0.04 16.82
CA LEU C 179 15.84 0.85 17.57
C LEU C 179 14.84 1.56 16.63
N GLY C 180 15.31 2.01 15.48
CA GLY C 180 14.50 2.77 14.54
C GLY C 180 13.09 2.21 14.31
N PRO C 181 12.99 1.05 13.65
CA PRO C 181 11.67 0.46 13.36
C PRO C 181 10.93 -0.01 14.61
N ALA C 182 11.66 -0.46 15.62
CA ALA C 182 11.03 -1.01 16.81
C ALA C 182 10.28 0.07 17.62
N LEU C 183 10.95 1.18 17.87
CA LEU C 183 10.36 2.29 18.63
C LEU C 183 9.31 3.03 17.79
N ALA C 184 9.52 3.08 16.47
CA ALA C 184 8.56 3.75 15.60
C ALA C 184 7.19 3.09 15.69
N THR C 185 7.18 1.79 15.95
CA THR C 185 5.94 1.02 16.00
C THR C 185 5.52 0.74 17.43
N GLY C 186 6.17 1.37 18.39
CA GLY C 186 5.70 1.31 19.77
C GLY C 186 6.07 0.06 20.55
N ASN C 187 7.11 -0.64 20.14
CA ASN C 187 7.60 -1.79 20.91
C ASN C 187 8.49 -1.35 22.07
N VAL C 188 8.89 -2.33 22.89
CA VAL C 188 9.91 -2.10 23.92
C VAL C 188 11.11 -3.00 23.63
N VAL C 189 12.29 -2.59 24.11
CA VAL C 189 13.51 -3.26 23.71
C VAL C 189 14.37 -3.77 24.87
N VAL C 190 14.86 -4.99 24.75
CA VAL C 190 16.00 -5.46 25.54
C VAL C 190 17.15 -5.79 24.58
N MET C 191 18.13 -4.89 24.54
CA MET C 191 19.22 -4.99 23.57
C MET C 191 20.50 -5.50 24.22
N LYS C 192 21.09 -6.53 23.59
CA LYS C 192 22.37 -7.09 24.04
C LYS C 192 23.46 -6.75 23.02
N VAL C 193 24.32 -5.79 23.36
CA VAL C 193 25.37 -5.33 22.44
C VAL C 193 26.61 -6.22 22.47
N ALA C 194 27.42 -6.13 21.41
CA ALA C 194 28.61 -6.97 21.28
C ALA C 194 29.63 -6.69 22.38
N GLU C 195 30.19 -7.75 22.97
CA GLU C 195 31.14 -7.59 24.06
C GLU C 195 32.42 -6.88 23.58
N GLN C 196 32.69 -6.95 22.28
CA GLN C 196 33.86 -6.28 21.72
C GLN C 196 33.67 -4.76 21.60
N THR C 197 32.42 -4.31 21.47
CA THR C 197 32.14 -2.89 21.25
C THR C 197 30.89 -2.37 21.96
N PRO C 198 30.86 -2.43 23.31
CA PRO C 198 29.65 -2.04 24.03
C PRO C 198 29.53 -0.54 24.32
N LEU C 199 30.64 0.19 24.24
CA LEU C 199 30.72 1.55 24.78
C LEU C 199 29.77 2.58 24.12
N THR C 200 29.88 2.75 22.81
CA THR C 200 29.08 3.77 22.15
C THR C 200 27.58 3.58 22.36
N ALA C 201 27.12 2.33 22.29
CA ALA C 201 25.69 2.03 22.48
C ALA C 201 25.24 2.40 23.88
N LEU C 202 26.11 2.20 24.87
CA LEU C 202 25.78 2.56 26.26
C LEU C 202 25.61 4.07 26.42
N TYR C 203 26.46 4.87 25.77
CA TYR C 203 26.33 6.31 25.85
C TYR C 203 25.02 6.79 25.18
N VAL C 204 24.65 6.15 24.08
CA VAL C 204 23.37 6.42 23.44
C VAL C 204 22.19 6.18 24.41
N ALA C 205 22.32 5.18 25.27
CA ALA C 205 21.28 4.93 26.28
C ALA C 205 21.05 6.18 27.12
N ASN C 206 22.14 6.86 27.46
CA ASN C 206 22.04 8.14 28.18
C ASN C 206 21.25 9.17 27.37
N LEU C 207 21.41 9.16 26.05
CA LEU C 207 20.70 10.10 25.20
C LEU C 207 19.23 9.70 25.06
N ILE C 208 18.97 8.40 25.10
CA ILE C 208 17.60 7.89 25.09
C ILE C 208 16.83 8.39 26.31
N LYS C 209 17.48 8.33 27.46
CA LYS C 209 16.89 8.86 28.69
C LYS C 209 16.68 10.38 28.58
N GLU C 210 17.72 11.09 28.18
CA GLU C 210 17.66 12.55 28.06
C GLU C 210 16.57 12.97 27.08
N ALA C 211 16.36 12.14 26.04
CA ALA C 211 15.40 12.43 24.98
C ALA C 211 13.97 12.45 25.50
N GLY C 212 13.67 11.63 26.50
CA GLY C 212 12.34 11.61 27.09
C GLY C 212 11.62 10.27 27.00
N PHE C 213 12.25 9.25 26.43
CA PHE C 213 11.63 7.93 26.37
C PHE C 213 11.29 7.40 27.75
N PRO C 214 10.08 6.86 27.93
CA PRO C 214 9.66 6.34 29.24
C PRO C 214 10.58 5.22 29.73
N PRO C 215 10.75 5.08 31.04
CA PRO C 215 11.61 4.05 31.64
C PRO C 215 11.16 2.65 31.26
N GLY C 216 12.09 1.81 30.84
CA GLY C 216 11.78 0.44 30.48
C GLY C 216 11.57 0.25 28.99
N VAL C 217 11.39 1.34 28.26
CA VAL C 217 11.16 1.26 26.82
C VAL C 217 12.41 0.77 26.09
N VAL C 218 13.57 1.25 26.50
CA VAL C 218 14.82 0.74 25.98
C VAL C 218 15.75 0.29 27.12
N ASN C 219 16.14 -0.98 27.12
CA ASN C 219 17.06 -1.51 28.13
C ASN C 219 18.24 -2.14 27.41
N ILE C 220 19.44 -1.87 27.91
CA ILE C 220 20.66 -2.39 27.31
C ILE C 220 21.52 -3.20 28.28
N VAL C 221 21.79 -4.45 27.91
CA VAL C 221 22.60 -5.34 28.73
C VAL C 221 23.90 -5.70 28.01
N PRO C 222 25.01 -5.08 28.40
CA PRO C 222 26.31 -5.50 27.87
C PRO C 222 26.71 -6.84 28.51
N GLY C 223 27.41 -7.68 27.76
CA GLY C 223 27.75 -9.00 28.25
C GLY C 223 28.06 -9.94 27.10
N PHE C 224 28.17 -11.23 27.40
CA PHE C 224 28.58 -12.20 26.40
C PHE C 224 27.41 -12.89 25.73
N GLY C 225 27.70 -13.64 24.66
CA GLY C 225 26.68 -14.27 23.85
C GLY C 225 25.96 -15.42 24.51
N PRO C 226 26.68 -16.52 24.78
CA PRO C 226 26.08 -17.73 25.36
C PRO C 226 25.45 -17.49 26.74
N THR C 227 25.79 -16.37 27.37
CA THR C 227 25.19 -16.01 28.65
C THR C 227 23.98 -15.06 28.50
N ALA C 228 24.26 -13.77 28.27
CA ALA C 228 23.19 -12.77 28.16
C ALA C 228 22.36 -12.94 26.88
N GLY C 229 23.05 -13.16 25.76
CA GLY C 229 22.38 -13.34 24.48
C GLY C 229 21.45 -14.53 24.48
N ALA C 230 21.94 -15.68 24.94
CA ALA C 230 21.16 -16.89 24.96
C ALA C 230 19.97 -16.78 25.91
N ALA C 231 20.15 -16.01 26.98
CA ALA C 231 19.08 -15.80 27.96
C ALA C 231 17.91 -15.03 27.34
N ILE C 232 18.23 -14.04 26.52
CA ILE C 232 17.23 -13.30 25.75
C ILE C 232 16.50 -14.19 24.73
N ALA C 233 17.26 -14.90 23.90
CA ALA C 233 16.68 -15.77 22.86
C ALA C 233 15.75 -16.87 23.42
N SER C 234 16.03 -17.32 24.63
CA SER C 234 15.27 -18.40 25.27
C SER C 234 14.27 -17.91 26.31
N HIS C 235 14.16 -16.60 26.48
CA HIS C 235 13.34 -16.05 27.55
C HIS C 235 11.86 -16.27 27.26
N GLU C 236 11.13 -16.68 28.30
CA GLU C 236 9.74 -17.04 28.15
C GLU C 236 8.83 -15.84 27.96
N ASP C 237 9.34 -14.64 28.27
CA ASP C 237 8.51 -13.42 28.18
C ASP C 237 9.02 -12.42 27.15
N VAL C 238 9.88 -12.87 26.24
CA VAL C 238 10.28 -12.08 25.09
C VAL C 238 9.45 -12.53 23.88
N ASP C 239 8.81 -11.57 23.22
CA ASP C 239 7.88 -11.87 22.15
C ASP C 239 8.57 -12.06 20.80
N LYS C 240 9.67 -11.35 20.59
CA LYS C 240 10.32 -11.33 19.28
C LYS C 240 11.83 -11.10 19.47
N VAL C 241 12.62 -11.77 18.65
CA VAL C 241 14.06 -11.58 18.68
C VAL C 241 14.58 -11.20 17.30
N ALA C 242 15.39 -10.16 17.23
CA ALA C 242 16.06 -9.79 16.00
C ALA C 242 17.57 -9.98 16.24
N PHE C 243 18.20 -10.77 15.38
CA PHE C 243 19.61 -11.09 15.55
C PHE C 243 20.39 -10.72 14.30
N THR C 244 21.51 -10.03 14.50
CA THR C 244 22.45 -9.78 13.44
C THR C 244 23.82 -10.35 13.86
N GLY C 245 24.36 -11.25 13.04
CA GLY C 245 25.64 -11.86 13.34
C GLY C 245 25.99 -13.03 12.43
N SER C 246 26.69 -14.02 12.99
CA SER C 246 27.17 -15.14 12.19
C SER C 246 26.05 -16.09 11.86
N THR C 247 26.20 -16.84 10.77
CA THR C 247 25.22 -17.82 10.36
C THR C 247 25.10 -18.90 11.43
N GLU C 248 26.24 -19.29 11.99
CA GLU C 248 26.31 -20.31 13.03
C GLU C 248 25.43 -19.98 14.24
N ILE C 249 25.57 -18.78 14.78
CA ILE C 249 24.78 -18.39 15.95
C ILE C 249 23.30 -18.15 15.56
N GLY C 250 23.08 -17.80 14.31
CA GLY C 250 21.72 -17.67 13.80
C GLY C 250 20.92 -18.96 13.94
N ARG C 251 21.57 -20.11 13.73
CA ARG C 251 20.94 -21.41 13.96
C ARG C 251 20.54 -21.56 15.42
N VAL C 252 21.42 -21.12 16.31
CA VAL C 252 21.19 -21.24 17.75
C VAL C 252 20.01 -20.38 18.18
N ILE C 253 19.92 -19.18 17.62
CA ILE C 253 18.81 -18.28 17.94
C ILE C 253 17.49 -18.90 17.52
N GLN C 254 17.44 -19.42 16.30
CA GLN C 254 16.22 -20.00 15.75
C GLN C 254 15.77 -21.24 16.54
N VAL C 255 16.76 -22.06 16.94
CA VAL C 255 16.47 -23.22 17.78
C VAL C 255 15.91 -22.80 19.14
N ALA C 256 16.59 -21.84 19.78
CA ALA C 256 16.17 -21.35 21.10
C ALA C 256 14.75 -20.80 21.08
N ALA C 257 14.36 -20.21 19.96
CA ALA C 257 13.02 -19.65 19.80
C ALA C 257 11.98 -20.75 19.88
N GLY C 258 12.13 -21.76 19.03
CA GLY C 258 11.23 -22.90 19.01
C GLY C 258 11.27 -23.76 20.25
N SER C 259 12.39 -23.71 20.96
CA SER C 259 12.59 -24.51 22.15
C SER C 259 11.99 -23.85 23.38
N SER C 260 11.61 -22.58 23.25
CA SER C 260 11.01 -21.85 24.35
C SER C 260 9.54 -21.49 24.10
N ASN C 261 9.28 -20.27 23.62
CA ASN C 261 7.91 -19.75 23.56
C ASN C 261 7.44 -19.36 22.15
N LEU C 262 8.11 -19.86 21.13
CA LEU C 262 7.78 -19.54 19.73
C LEU C 262 7.79 -18.03 19.44
N LYS C 263 8.69 -17.30 20.11
CA LYS C 263 8.90 -15.89 19.78
C LYS C 263 9.22 -15.76 18.30
N ARG C 264 8.81 -14.65 17.70
CA ARG C 264 9.08 -14.37 16.29
C ARG C 264 10.56 -14.07 16.06
N VAL C 265 11.09 -14.49 14.92
CA VAL C 265 12.53 -14.39 14.64
C VAL C 265 12.83 -13.76 13.29
N THR C 266 13.76 -12.79 13.29
CA THR C 266 14.33 -12.29 12.05
C THR C 266 15.84 -12.36 12.21
N LEU C 267 16.56 -12.66 11.13
CA LEU C 267 18.00 -12.91 11.19
C LEU C 267 18.73 -12.18 10.07
N GLU C 268 19.78 -11.44 10.44
CA GLU C 268 20.67 -10.81 9.49
C GLU C 268 22.05 -11.45 9.64
N LEU C 269 22.40 -12.31 8.69
CA LEU C 269 23.61 -13.11 8.84
C LEU C 269 24.72 -12.71 7.85
N GLY C 270 25.68 -13.58 7.66
CA GLY C 270 26.82 -13.29 6.81
C GLY C 270 26.56 -13.57 5.34
N GLY C 271 27.62 -13.51 4.53
CA GLY C 271 27.48 -13.78 3.12
C GLY C 271 28.81 -14.01 2.42
N LYS C 272 28.73 -14.27 1.12
CA LYS C 272 29.92 -14.39 0.29
C LYS C 272 29.57 -13.78 -1.06
N SER C 273 29.34 -12.47 -1.05
CA SER C 273 28.68 -11.79 -2.14
C SER C 273 29.51 -11.67 -3.40
N PRO C 274 28.93 -12.05 -4.55
CA PRO C 274 29.62 -11.93 -5.84
C PRO C 274 29.54 -10.52 -6.41
N ASN C 275 30.68 -10.03 -6.87
CA ASN C 275 30.72 -8.75 -7.55
C ASN C 275 31.17 -8.99 -8.98
N ILE C 276 30.24 -8.85 -9.91
CA ILE C 276 30.44 -9.27 -11.30
C ILE C 276 30.81 -8.12 -12.25
N ILE C 277 32.01 -8.21 -12.83
CA ILE C 277 32.48 -7.16 -13.75
C ILE C 277 32.43 -7.62 -15.21
N MET C 278 31.50 -7.06 -15.98
CA MET C 278 31.40 -7.40 -17.40
C MET C 278 32.48 -6.69 -18.20
N SER C 279 32.77 -7.19 -19.40
CA SER C 279 33.87 -6.67 -20.22
C SER C 279 33.64 -5.26 -20.78
N ASP C 280 32.42 -4.73 -20.64
CA ASP C 280 32.13 -3.40 -21.16
C ASP C 280 32.03 -2.36 -20.05
N ALA C 281 32.50 -2.73 -18.86
CA ALA C 281 32.43 -1.84 -17.71
C ALA C 281 33.48 -0.75 -17.78
N ASP C 282 33.19 0.40 -17.19
CA ASP C 282 34.20 1.43 -17.02
C ASP C 282 35.28 0.87 -16.09
N MET C 283 36.46 0.61 -16.65
CA MET C 283 37.55 -0.02 -15.92
C MET C 283 37.88 0.70 -14.63
N ASP C 284 38.19 2.00 -14.72
CA ASP C 284 38.58 2.78 -13.56
C ASP C 284 37.52 2.76 -12.46
N TRP C 285 36.27 3.03 -12.82
CA TRP C 285 35.17 3.01 -11.86
C TRP C 285 34.99 1.62 -11.23
N ALA C 286 35.07 0.59 -12.06
CA ALA C 286 34.84 -0.77 -11.60
C ALA C 286 35.97 -1.24 -10.68
N VAL C 287 37.19 -0.80 -10.94
CA VAL C 287 38.31 -1.19 -10.10
C VAL C 287 38.19 -0.56 -8.72
N GLU C 288 37.89 0.74 -8.70
CA GLU C 288 37.81 1.48 -7.43
C GLU C 288 36.63 1.00 -6.59
N GLN C 289 35.53 0.67 -7.26
CA GLN C 289 34.36 0.19 -6.55
C GLN C 289 34.54 -1.23 -6.04
N ALA C 290 35.27 -2.06 -6.79
CA ALA C 290 35.55 -3.43 -6.37
C ALA C 290 36.47 -3.42 -5.15
N HIS C 291 37.40 -2.47 -5.12
CA HIS C 291 38.27 -2.25 -3.98
C HIS C 291 37.43 -1.87 -2.74
N PHE C 292 36.58 -0.85 -2.91
CA PHE C 292 35.69 -0.42 -1.84
C PHE C 292 34.77 -1.55 -1.38
N ALA C 293 34.29 -2.35 -2.33
CA ALA C 293 33.33 -3.43 -2.03
C ALA C 293 33.92 -4.47 -1.08
N LEU C 294 35.23 -4.68 -1.17
CA LEU C 294 35.86 -5.69 -0.34
C LEU C 294 36.43 -5.11 0.93
N PHE C 295 37.25 -4.05 0.79
CA PHE C 295 38.06 -3.54 1.88
C PHE C 295 37.36 -2.60 2.85
N PHE C 296 36.15 -2.15 2.50
CA PHE C 296 35.41 -1.21 3.35
C PHE C 296 35.31 -1.74 4.78
N ASN C 297 35.55 -0.85 5.75
CA ASN C 297 35.46 -1.20 7.17
C ASN C 297 36.37 -2.39 7.53
N GLN C 298 37.62 -2.32 7.09
CA GLN C 298 38.61 -3.36 7.38
C GLN C 298 38.15 -4.72 6.84
N GLY C 299 37.29 -4.71 5.83
CA GLY C 299 36.74 -5.93 5.25
C GLY C 299 35.69 -6.59 6.12
N GLN C 300 35.32 -5.93 7.22
CA GLN C 300 34.39 -6.50 8.19
C GLN C 300 32.96 -6.04 7.90
N CYS C 301 32.46 -6.43 6.73
N CYS C 301 32.48 -6.40 6.71
CA CYS C 301 31.11 -6.05 6.31
CA CYS C 301 31.11 -6.10 6.30
C CYS C 301 30.35 -7.30 5.84
C CYS C 301 30.40 -7.39 5.95
N CYS C 302 29.15 -7.51 6.39
CA CYS C 302 28.34 -8.68 6.06
C CYS C 302 28.23 -8.90 4.56
N CYS C 303 28.12 -7.80 3.82
CA CYS C 303 27.84 -7.87 2.39
C CYS C 303 29.06 -7.51 1.53
N ALA C 304 30.26 -7.70 2.06
CA ALA C 304 31.48 -7.44 1.30
C ALA C 304 31.50 -8.25 0.01
N GLY C 305 31.93 -7.62 -1.09
CA GLY C 305 32.07 -8.30 -2.38
C GLY C 305 33.32 -9.17 -2.40
N SER C 306 33.23 -10.33 -1.78
CA SER C 306 34.40 -11.19 -1.55
C SER C 306 34.59 -12.25 -2.64
N ARG C 307 33.73 -12.24 -3.65
CA ARG C 307 33.95 -12.98 -4.88
C ARG C 307 33.86 -12.03 -6.07
N THR C 308 35.01 -11.53 -6.50
CA THR C 308 35.07 -10.62 -7.64
C THR C 308 35.22 -11.40 -8.95
N PHE C 309 34.11 -11.58 -9.65
CA PHE C 309 34.12 -12.20 -10.96
C PHE C 309 34.42 -11.18 -12.04
N VAL C 310 35.46 -11.43 -12.82
CA VAL C 310 35.84 -10.55 -13.91
C VAL C 310 35.87 -11.31 -15.24
N GLN C 311 35.25 -10.73 -16.27
CA GLN C 311 35.18 -11.34 -17.59
C GLN C 311 36.57 -11.43 -18.21
N GLU C 312 36.85 -12.54 -18.89
CA GLU C 312 38.23 -12.88 -19.27
C GLU C 312 38.94 -11.85 -20.15
N ASP C 313 38.17 -11.12 -20.96
CA ASP C 313 38.79 -10.11 -21.84
C ASP C 313 39.42 -8.95 -21.07
N ILE C 314 38.98 -8.71 -19.84
CA ILE C 314 39.53 -7.61 -19.08
C ILE C 314 40.19 -8.09 -17.77
N TYR C 315 40.26 -9.41 -17.60
CA TYR C 315 40.78 -9.98 -16.35
C TYR C 315 42.17 -9.47 -15.96
N ASP C 316 43.13 -9.63 -16.87
CA ASP C 316 44.52 -9.27 -16.59
C ASP C 316 44.67 -7.81 -16.18
N GLU C 317 44.06 -6.91 -16.94
CA GLU C 317 44.15 -5.49 -16.65
C GLU C 317 43.48 -5.16 -15.32
N PHE C 318 42.32 -5.77 -15.10
CA PHE C 318 41.58 -5.55 -13.86
C PHE C 318 42.42 -5.98 -12.66
N VAL C 319 43.02 -7.16 -12.75
CA VAL C 319 43.85 -7.67 -11.67
C VAL C 319 45.00 -6.73 -11.37
N GLU C 320 45.78 -6.38 -12.39
CA GLU C 320 46.92 -5.47 -12.24
C GLU C 320 46.53 -4.18 -11.53
N ARG C 321 45.46 -3.54 -11.97
CA ARG C 321 45.00 -2.29 -11.37
C ARG C 321 44.49 -2.49 -9.94
N SER C 322 43.81 -3.61 -9.69
CA SER C 322 43.31 -3.94 -8.35
C SER C 322 44.45 -4.15 -7.36
N VAL C 323 45.51 -4.79 -7.83
CA VAL C 323 46.71 -5.01 -7.00
C VAL C 323 47.42 -3.71 -6.64
N ALA C 324 47.61 -2.86 -7.64
CA ALA C 324 48.22 -1.55 -7.43
C ALA C 324 47.47 -0.72 -6.39
N ARG C 325 46.13 -0.77 -6.44
CA ARG C 325 45.30 0.00 -5.53
C ARG C 325 45.39 -0.55 -4.11
N ALA C 326 45.47 -1.87 -3.99
CA ALA C 326 45.59 -2.51 -2.69
C ALA C 326 46.93 -2.19 -2.05
N LYS C 327 47.98 -2.11 -2.88
CA LYS C 327 49.31 -1.79 -2.38
C LYS C 327 49.40 -0.36 -1.85
N SER C 328 48.56 0.53 -2.38
CA SER C 328 48.60 1.94 -2.01
C SER C 328 47.62 2.27 -0.87
N ARG C 329 46.84 1.28 -0.46
CA ARG C 329 45.89 1.48 0.62
C ARG C 329 46.60 1.74 1.95
N VAL C 330 46.31 2.88 2.56
CA VAL C 330 47.02 3.30 3.77
C VAL C 330 46.49 2.59 5.01
N VAL C 331 47.36 1.83 5.67
CA VAL C 331 46.99 1.13 6.89
C VAL C 331 47.72 1.76 8.08
N GLY C 332 46.99 2.06 9.15
CA GLY C 332 47.61 2.67 10.32
C GLY C 332 46.65 3.28 11.32
N ASN C 333 47.17 4.20 12.13
CA ASN C 333 46.45 4.84 13.22
C ASN C 333 45.11 5.42 12.75
N PRO C 334 44.02 4.96 13.38
CA PRO C 334 42.65 5.32 12.99
C PRO C 334 42.37 6.81 13.11
N PHE C 335 43.09 7.48 14.00
CA PHE C 335 42.91 8.92 14.18
C PHE C 335 43.73 9.79 13.19
N ASP C 336 44.53 9.15 12.36
CA ASP C 336 45.26 9.87 11.31
C ASP C 336 44.34 10.07 10.10
N SER C 337 44.19 11.32 9.66
CA SER C 337 43.27 11.66 8.60
C SER C 337 43.63 11.02 7.27
N LYS C 338 44.82 10.42 7.21
CA LYS C 338 45.30 9.76 6.00
C LYS C 338 45.03 8.25 5.99
N THR C 339 44.73 7.68 7.15
CA THR C 339 44.47 6.24 7.25
C THR C 339 43.17 5.82 6.56
N GLU C 340 43.26 4.82 5.70
CA GLU C 340 42.07 4.25 5.06
C GLU C 340 41.60 3.00 5.80
N GLN C 341 42.53 2.34 6.47
CA GLN C 341 42.23 1.06 7.11
C GLN C 341 42.85 0.94 8.50
N GLY C 342 42.00 0.92 9.52
CA GLY C 342 42.47 0.71 10.88
C GLY C 342 42.72 -0.78 11.11
N PRO C 343 42.79 -1.19 12.39
CA PRO C 343 42.98 -2.61 12.71
C PRO C 343 41.69 -3.42 12.60
N GLN C 344 41.81 -4.75 12.61
CA GLN C 344 40.66 -5.61 12.82
C GLN C 344 40.16 -5.47 14.25
N VAL C 345 38.97 -5.96 14.55
CA VAL C 345 38.31 -5.64 15.83
C VAL C 345 38.96 -6.26 17.08
N ASP C 346 39.50 -7.46 16.94
CA ASP C 346 40.14 -8.10 18.08
C ASP C 346 41.06 -9.24 17.67
N GLU C 347 41.68 -9.83 18.70
CA GLU C 347 42.64 -10.90 18.55
C GLU C 347 42.07 -12.09 17.79
N THR C 348 40.88 -12.50 18.21
CA THR C 348 40.18 -13.65 17.63
C THR C 348 39.94 -13.49 16.13
N GLN C 349 39.43 -12.32 15.72
CA GLN C 349 39.18 -12.02 14.32
C GLN C 349 40.49 -11.92 13.55
N PHE C 350 41.46 -11.25 14.18
CA PHE C 350 42.82 -11.12 13.66
C PHE C 350 43.39 -12.48 13.23
N LYS C 351 43.46 -13.41 14.16
CA LYS C 351 44.00 -14.75 13.88
C LYS C 351 43.18 -15.48 12.83
N LYS C 352 41.87 -15.29 12.88
CA LYS C 352 40.96 -15.96 11.95
C LYS C 352 41.27 -15.55 10.51
N ILE C 353 41.43 -14.26 10.27
CA ILE C 353 41.78 -13.77 8.95
C ILE C 353 43.11 -14.34 8.47
N LEU C 354 44.13 -14.28 9.34
CA LEU C 354 45.44 -14.86 9.03
C LEU C 354 45.34 -16.35 8.71
N GLY C 355 44.43 -17.04 9.41
CA GLY C 355 44.16 -18.44 9.16
C GLY C 355 43.62 -18.69 7.75
N TYR C 356 42.67 -17.85 7.32
CA TYR C 356 42.15 -17.96 5.96
C TYR C 356 43.17 -17.59 4.89
N ILE C 357 44.08 -16.67 5.20
CA ILE C 357 45.13 -16.34 4.25
C ILE C 357 46.06 -17.54 4.05
N ASN C 358 46.34 -18.26 5.14
CA ASN C 358 47.11 -19.48 5.05
C ASN C 358 46.45 -20.52 4.15
N THR C 359 45.15 -20.72 4.34
N THR C 359 45.16 -20.71 4.36
CA THR C 359 44.41 -21.67 3.52
CA THR C 359 44.38 -21.65 3.54
C THR C 359 44.38 -21.26 2.06
C THR C 359 44.42 -21.26 2.07
N GLY C 360 44.40 -19.95 1.81
CA GLY C 360 44.48 -19.43 0.45
C GLY C 360 45.79 -19.82 -0.22
N LYS C 361 46.89 -19.70 0.52
CA LYS C 361 48.19 -20.12 0.00
C LYS C 361 48.21 -21.61 -0.22
N GLN C 362 47.77 -22.36 0.79
CA GLN C 362 47.83 -23.81 0.77
C GLN C 362 47.04 -24.44 -0.38
N GLU C 363 45.97 -23.79 -0.79
CA GLU C 363 45.05 -24.36 -1.78
C GLU C 363 45.36 -23.92 -3.22
N GLY C 364 46.41 -23.13 -3.40
CA GLY C 364 46.87 -22.76 -4.72
C GLY C 364 46.32 -21.45 -5.25
N ALA C 365 45.69 -20.67 -4.38
CA ALA C 365 45.30 -19.33 -4.78
C ALA C 365 46.55 -18.45 -4.94
N LYS C 366 46.58 -17.65 -5.99
CA LYS C 366 47.74 -16.83 -6.29
C LYS C 366 47.80 -15.55 -5.44
N LEU C 367 48.68 -15.57 -4.45
CA LEU C 367 48.90 -14.40 -3.59
C LEU C 367 49.63 -13.32 -4.38
N LEU C 368 49.00 -12.15 -4.51
CA LEU C 368 49.53 -11.09 -5.36
C LEU C 368 50.08 -9.89 -4.56
N CYS C 369 49.60 -9.73 -3.34
CA CYS C 369 50.12 -8.67 -2.44
C CYS C 369 49.63 -8.88 -1.02
N GLY C 370 50.32 -8.24 -0.07
CA GLY C 370 50.03 -8.41 1.33
C GLY C 370 50.21 -9.85 1.77
N GLY C 371 49.39 -10.28 2.73
CA GLY C 371 49.42 -11.66 3.19
C GLY C 371 49.94 -11.82 4.60
N GLY C 372 50.39 -10.72 5.21
CA GLY C 372 50.93 -10.79 6.55
C GLY C 372 50.44 -9.71 7.50
N ILE C 373 51.08 -9.63 8.67
CA ILE C 373 50.75 -8.62 9.67
C ILE C 373 51.31 -7.28 9.24
N ALA C 374 50.59 -6.20 9.53
CA ALA C 374 50.98 -4.89 9.02
C ALA C 374 51.53 -3.94 10.08
N ALA C 375 51.62 -4.39 11.33
CA ALA C 375 52.17 -3.56 12.39
C ALA C 375 52.61 -4.39 13.59
N ASP C 376 53.48 -3.82 14.42
N ASP C 376 53.47 -3.82 14.42
CA ASP C 376 54.01 -4.53 15.58
CA ASP C 376 54.01 -4.53 15.58
C ASP C 376 53.19 -4.29 16.84
C ASP C 376 53.13 -4.40 16.82
N ARG C 377 52.05 -3.63 16.68
CA ARG C 377 51.16 -3.36 17.80
C ARG C 377 49.76 -3.18 17.23
N GLY C 378 48.75 -3.67 17.95
CA GLY C 378 47.39 -3.64 17.47
C GLY C 378 47.11 -4.81 16.54
N TYR C 379 45.98 -4.79 15.84
CA TYR C 379 45.59 -5.91 15.00
C TYR C 379 45.48 -5.54 13.53
N PHE C 380 46.58 -5.11 12.93
CA PHE C 380 46.58 -4.66 11.54
C PHE C 380 47.01 -5.76 10.59
N ILE C 381 46.29 -5.86 9.47
CA ILE C 381 46.61 -6.84 8.43
C ILE C 381 46.76 -6.14 7.10
N GLN C 382 47.84 -6.47 6.39
CA GLN C 382 48.09 -5.92 5.06
C GLN C 382 46.92 -6.23 4.13
N PRO C 383 46.49 -5.21 3.34
CA PRO C 383 45.50 -5.48 2.29
C PRO C 383 45.98 -6.62 1.42
N THR C 384 45.17 -7.66 1.29
CA THR C 384 45.59 -8.89 0.61
C THR C 384 44.73 -9.18 -0.63
N VAL C 385 45.37 -9.54 -1.74
CA VAL C 385 44.66 -9.90 -2.96
C VAL C 385 45.08 -11.26 -3.50
N PHE C 386 44.10 -12.16 -3.64
CA PHE C 386 44.32 -13.45 -4.28
C PHE C 386 43.74 -13.43 -5.69
N GLY C 387 44.54 -13.88 -6.65
CA GLY C 387 44.10 -14.02 -8.03
C GLY C 387 43.95 -15.48 -8.42
N ASP C 388 43.32 -15.73 -9.58
CA ASP C 388 43.14 -17.09 -10.11
C ASP C 388 42.36 -17.98 -9.14
N VAL C 389 41.46 -17.38 -8.36
CA VAL C 389 40.69 -18.12 -7.36
C VAL C 389 39.66 -19.02 -8.04
N GLN C 390 39.43 -20.20 -7.47
CA GLN C 390 38.44 -21.13 -7.99
C GLN C 390 37.33 -21.45 -6.98
N ASP C 391 36.14 -21.76 -7.50
CA ASP C 391 34.93 -21.92 -6.69
C ASP C 391 35.08 -22.96 -5.58
N GLY C 392 35.95 -23.94 -5.81
CA GLY C 392 36.13 -25.02 -4.86
C GLY C 392 37.00 -24.63 -3.67
N MET C 393 37.73 -23.53 -3.81
CA MET C 393 38.61 -23.07 -2.74
C MET C 393 37.85 -22.56 -1.51
N THR C 394 38.47 -22.72 -0.34
CA THR C 394 37.89 -22.28 0.93
C THR C 394 37.69 -20.77 0.99
N ILE C 395 38.66 -20.01 0.51
CA ILE C 395 38.57 -18.56 0.52
C ILE C 395 37.52 -18.04 -0.47
N ALA C 396 37.00 -18.94 -1.30
CA ALA C 396 35.92 -18.60 -2.22
C ALA C 396 34.57 -18.95 -1.62
N LYS C 397 34.57 -19.76 -0.58
CA LYS C 397 33.33 -20.35 -0.06
C LYS C 397 32.92 -19.80 1.30
N GLU C 398 33.89 -19.48 2.13
CA GLU C 398 33.62 -19.07 3.50
C GLU C 398 33.87 -17.58 3.72
N GLU C 399 33.07 -17.00 4.61
CA GLU C 399 33.21 -15.59 4.96
C GLU C 399 34.48 -15.34 5.77
N ILE C 400 35.39 -14.54 5.21
CA ILE C 400 36.65 -14.23 5.86
C ILE C 400 36.53 -13.04 6.83
N PHE C 401 35.74 -12.03 6.44
CA PHE C 401 35.49 -10.84 7.25
C PHE C 401 36.81 -10.10 7.53
N GLY C 402 37.67 -10.08 6.53
CA GLY C 402 38.93 -9.35 6.62
C GLY C 402 39.31 -8.73 5.28
N PRO C 403 40.45 -8.02 5.25
CA PRO C 403 40.87 -7.34 4.02
C PRO C 403 41.54 -8.31 3.08
N VAL C 404 40.77 -9.29 2.60
CA VAL C 404 41.29 -10.34 1.74
C VAL C 404 40.41 -10.46 0.50
N MET C 405 40.96 -10.09 -0.64
CA MET C 405 40.19 -10.04 -1.87
C MET C 405 40.34 -11.29 -2.72
N GLN C 406 39.24 -11.78 -3.26
CA GLN C 406 39.26 -12.91 -4.18
C GLN C 406 38.84 -12.46 -5.58
N ILE C 407 39.68 -12.74 -6.57
CA ILE C 407 39.36 -12.41 -7.94
C ILE C 407 39.27 -13.67 -8.78
N LEU C 408 38.12 -13.87 -9.42
CA LEU C 408 37.91 -15.08 -10.21
C LEU C 408 37.73 -14.67 -11.67
N LYS C 409 37.79 -15.64 -12.57
CA LYS C 409 37.65 -15.37 -14.00
C LYS C 409 36.48 -16.14 -14.57
N PHE C 410 35.72 -15.52 -15.45
CA PHE C 410 34.59 -16.22 -16.09
C PHE C 410 34.50 -15.78 -17.54
N LYS C 411 33.65 -16.48 -18.32
CA LYS C 411 33.50 -16.12 -19.70
C LYS C 411 32.07 -15.69 -20.08
N THR C 412 31.08 -16.55 -19.82
CA THR C 412 29.72 -16.22 -20.22
C THR C 412 28.82 -15.74 -19.08
N ILE C 413 27.69 -15.16 -19.48
CA ILE C 413 26.71 -14.65 -18.55
C ILE C 413 26.02 -15.85 -17.86
N GLU C 414 25.70 -16.84 -18.69
CA GLU C 414 25.10 -18.09 -18.25
C GLU C 414 25.97 -18.71 -17.14
N GLU C 415 27.25 -18.87 -17.47
CA GLU C 415 28.21 -19.45 -16.55
C GLU C 415 28.26 -18.68 -15.22
N VAL C 416 28.40 -17.35 -15.31
CA VAL C 416 28.60 -16.54 -14.11
C VAL C 416 27.36 -16.51 -13.19
N VAL C 417 26.17 -16.56 -13.78
CA VAL C 417 24.95 -16.62 -12.99
C VAL C 417 24.94 -17.88 -12.13
N GLY C 418 25.27 -19.01 -12.75
CA GLY C 418 25.27 -20.29 -12.06
C GLY C 418 26.32 -20.36 -10.94
N ARG C 419 27.51 -19.85 -11.23
CA ARG C 419 28.58 -19.86 -10.23
C ARG C 419 28.28 -18.89 -9.08
N ALA C 420 27.77 -17.71 -9.41
CA ALA C 420 27.43 -16.74 -8.37
C ALA C 420 26.31 -17.27 -7.47
N ASN C 421 25.35 -17.95 -8.06
CA ASN C 421 24.24 -18.52 -7.31
C ASN C 421 24.57 -19.84 -6.59
N ASN C 422 25.70 -20.43 -6.93
CA ASN C 422 26.08 -21.71 -6.32
C ASN C 422 26.70 -21.48 -4.94
N SER C 423 25.85 -21.13 -3.99
CA SER C 423 26.29 -20.74 -2.65
C SER C 423 25.13 -20.86 -1.68
N THR C 424 25.44 -21.17 -0.42
CA THR C 424 24.39 -21.20 0.61
C THR C 424 24.11 -19.79 1.13
N TYR C 425 24.93 -18.83 0.71
CA TYR C 425 24.74 -17.43 1.06
C TYR C 425 24.00 -16.68 -0.06
N GLY C 426 23.46 -15.50 0.26
CA GLY C 426 22.76 -14.69 -0.72
C GLY C 426 22.39 -13.31 -0.20
N LEU C 427 23.33 -12.67 0.48
CA LEU C 427 23.06 -11.39 1.10
C LEU C 427 23.04 -10.28 0.04
N ALA C 428 24.07 -10.25 -0.79
CA ALA C 428 24.16 -9.18 -1.78
C ALA C 428 24.89 -9.66 -3.02
N ALA C 429 24.94 -8.77 -4.01
CA ALA C 429 25.65 -8.99 -5.27
C ALA C 429 25.68 -7.68 -6.03
N ALA C 430 26.54 -7.62 -7.04
CA ALA C 430 26.63 -6.42 -7.86
C ALA C 430 26.94 -6.77 -9.31
N VAL C 431 26.62 -5.85 -10.21
CA VAL C 431 26.86 -6.00 -11.63
C VAL C 431 27.40 -4.68 -12.16
N PHE C 432 28.55 -4.73 -12.83
CA PHE C 432 29.15 -3.56 -13.46
C PHE C 432 29.16 -3.71 -14.97
N THR C 433 28.34 -2.90 -15.64
CA THR C 433 28.21 -2.99 -17.09
C THR C 433 27.53 -1.75 -17.65
N LYS C 434 27.67 -1.53 -18.95
CA LYS C 434 27.01 -0.42 -19.63
C LYS C 434 25.80 -0.91 -20.43
N ASP C 435 25.64 -2.22 -20.48
CA ASP C 435 24.57 -2.81 -21.27
C ASP C 435 23.25 -2.92 -20.49
N LEU C 436 22.20 -2.33 -21.06
CA LEU C 436 20.87 -2.37 -20.46
C LEU C 436 20.36 -3.80 -20.22
N ASP C 437 20.39 -4.64 -21.26
CA ASP C 437 19.88 -6.00 -21.14
C ASP C 437 20.66 -6.86 -20.12
N LYS C 438 22.00 -6.83 -20.20
CA LYS C 438 22.84 -7.54 -19.24
C LYS C 438 22.51 -7.13 -17.81
N ALA C 439 22.35 -5.82 -17.59
CA ALA C 439 22.06 -5.32 -16.25
C ALA C 439 20.75 -5.87 -15.74
N ASN C 440 19.75 -5.92 -16.62
CA ASN C 440 18.42 -6.38 -16.23
C ASN C 440 18.37 -7.89 -16.04
N TYR C 441 18.95 -8.64 -16.98
CA TYR C 441 18.96 -10.09 -16.86
C TYR C 441 19.67 -10.53 -15.57
N LEU C 442 20.81 -9.92 -15.28
CA LEU C 442 21.58 -10.27 -14.09
C LEU C 442 20.85 -9.90 -12.79
N SER C 443 20.31 -8.68 -12.72
CA SER C 443 19.64 -8.24 -11.49
C SER C 443 18.46 -9.14 -11.17
N GLN C 444 17.88 -9.72 -12.22
CA GLN C 444 16.79 -10.66 -12.06
C GLN C 444 17.27 -12.07 -11.65
N ALA C 445 18.34 -12.53 -12.31
CA ALA C 445 18.83 -13.90 -12.13
C ALA C 445 19.52 -14.15 -10.78
N LEU C 446 20.10 -13.11 -10.19
CA LEU C 446 20.91 -13.26 -8.97
C LEU C 446 20.07 -13.49 -7.72
N GLN C 447 20.41 -14.54 -6.97
CA GLN C 447 19.69 -14.83 -5.73
C GLN C 447 20.30 -14.07 -4.56
N ALA C 448 20.00 -12.78 -4.48
CA ALA C 448 20.56 -11.92 -3.44
C ALA C 448 19.58 -10.87 -3.00
N GLY C 449 19.64 -10.49 -1.72
CA GLY C 449 18.68 -9.58 -1.13
C GLY C 449 18.87 -8.17 -1.62
N THR C 450 20.10 -7.85 -2.01
CA THR C 450 20.39 -6.56 -2.63
C THR C 450 21.26 -6.81 -3.86
N VAL C 451 20.87 -6.23 -4.99
CA VAL C 451 21.70 -6.26 -6.18
C VAL C 451 22.02 -4.85 -6.62
N TRP C 452 23.29 -4.47 -6.49
CA TRP C 452 23.76 -3.16 -6.90
C TRP C 452 24.18 -3.15 -8.38
N VAL C 453 23.82 -2.11 -9.10
CA VAL C 453 24.28 -1.96 -10.48
C VAL C 453 25.21 -0.74 -10.65
N ASN C 454 26.40 -1.00 -11.17
CA ASN C 454 27.42 0.05 -11.32
C ASN C 454 27.72 0.81 -10.04
N CYS C 455 27.63 0.13 -8.89
CA CYS C 455 27.93 0.71 -7.58
C CYS C 455 27.98 -0.42 -6.57
N TYR C 456 28.29 -0.08 -5.32
CA TYR C 456 28.39 -1.07 -4.25
C TYR C 456 28.25 -0.41 -2.88
N ASP C 457 27.71 -1.17 -1.92
CA ASP C 457 27.56 -0.70 -0.55
C ASP C 457 26.79 0.62 -0.49
N VAL C 458 25.81 0.76 -1.37
CA VAL C 458 24.92 1.92 -1.32
C VAL C 458 23.75 1.61 -0.43
N PHE C 459 23.79 2.10 0.81
CA PHE C 459 22.71 1.84 1.75
C PHE C 459 21.83 3.07 1.89
N GLY C 460 20.52 2.84 1.83
CA GLY C 460 19.58 3.91 2.05
C GLY C 460 18.58 3.50 3.12
N ALA C 461 18.29 4.43 4.02
CA ALA C 461 17.26 4.18 5.03
C ALA C 461 15.93 3.78 4.40
N GLN C 462 15.72 4.26 3.17
CA GLN C 462 14.47 4.03 2.45
C GLN C 462 14.39 2.64 1.79
N SER C 463 15.54 2.00 1.60
CA SER C 463 15.61 0.73 0.87
C SER C 463 15.97 -0.46 1.76
N PRO C 464 15.15 -1.51 1.71
CA PRO C 464 15.32 -2.69 2.57
C PRO C 464 16.62 -3.44 2.27
N PHE C 465 17.08 -4.20 3.26
CA PHE C 465 18.35 -4.92 3.18
C PHE C 465 18.22 -6.22 3.97
N GLY C 466 18.72 -7.31 3.41
CA GLY C 466 18.64 -8.59 4.07
C GLY C 466 18.95 -9.73 3.13
N GLY C 467 19.02 -10.95 3.65
CA GLY C 467 19.57 -12.03 2.85
C GLY C 467 18.57 -13.02 2.30
N TYR C 468 18.93 -13.60 1.16
CA TYR C 468 18.31 -14.84 0.68
C TYR C 468 18.97 -16.01 1.40
N LYS C 469 18.38 -17.19 1.26
CA LYS C 469 18.99 -18.44 1.74
C LYS C 469 19.47 -18.37 3.18
N MET C 470 20.72 -18.78 3.41
CA MET C 470 21.25 -18.83 4.77
C MET C 470 21.92 -17.53 5.20
N SER C 471 21.74 -16.48 4.41
CA SER C 471 22.21 -15.15 4.79
C SER C 471 21.19 -14.46 5.70
N GLY C 472 20.08 -15.14 6.00
CA GLY C 472 19.12 -14.60 6.94
C GLY C 472 17.67 -14.71 6.48
N SER C 473 16.78 -14.06 7.22
CA SER C 473 15.36 -14.03 6.88
C SER C 473 14.79 -12.73 7.39
N GLY C 474 13.86 -12.14 6.63
CA GLY C 474 13.31 -10.85 6.99
C GLY C 474 14.19 -9.74 6.43
N ARG C 475 13.70 -8.51 6.52
CA ARG C 475 14.43 -7.36 5.98
C ARG C 475 14.45 -6.22 6.98
N GLU C 476 15.51 -5.42 6.93
CA GLU C 476 15.62 -4.22 7.76
C GLU C 476 15.68 -3.01 6.84
N LEU C 477 15.50 -1.82 7.40
CA LEU C 477 15.40 -0.57 6.61
C LEU C 477 14.12 -0.49 5.77
N GLY C 478 13.80 0.73 5.34
CA GLY C 478 12.62 0.94 4.51
C GLY C 478 11.34 0.65 5.26
N GLU C 479 10.24 0.59 4.52
CA GLU C 479 8.95 0.21 5.10
C GLU C 479 8.94 -1.25 5.56
N TYR C 480 9.70 -2.08 4.86
CA TYR C 480 9.77 -3.51 5.17
C TYR C 480 10.34 -3.76 6.56
N GLY C 481 11.17 -2.86 7.04
CA GLY C 481 11.73 -2.96 8.38
C GLY C 481 10.70 -2.88 9.48
N LEU C 482 9.51 -2.40 9.16
CA LEU C 482 8.44 -2.27 10.14
C LEU C 482 7.68 -3.56 10.33
N GLN C 483 7.71 -4.43 9.32
CA GLN C 483 6.86 -5.62 9.29
C GLN C 483 7.12 -6.58 10.45
N ALA C 484 8.39 -6.82 10.74
CA ALA C 484 8.78 -7.76 11.80
C ALA C 484 8.42 -7.26 13.19
N TYR C 485 8.17 -5.95 13.31
CA TYR C 485 7.86 -5.36 14.60
C TYR C 485 6.38 -5.07 14.76
N THR C 486 5.57 -5.71 13.93
CA THR C 486 4.13 -5.53 13.95
C THR C 486 3.37 -6.85 14.09
N GLU C 487 2.41 -6.88 15.01
CA GLU C 487 1.51 -8.03 15.14
C GLU C 487 0.14 -7.63 14.61
N VAL C 488 -0.38 -8.38 13.64
CA VAL C 488 -1.62 -8.03 12.98
C VAL C 488 -2.85 -8.58 13.70
N LYS C 489 -3.79 -7.70 14.02
CA LYS C 489 -5.04 -8.10 14.63
C LYS C 489 -6.24 -7.80 13.73
N THR C 490 -7.01 -8.81 13.39
CA THR C 490 -8.24 -8.62 12.63
C THR C 490 -9.41 -8.42 13.59
N VAL C 491 -10.16 -7.35 13.39
CA VAL C 491 -11.43 -7.16 14.09
C VAL C 491 -12.59 -7.26 13.10
N THR C 492 -13.53 -8.15 13.38
CA THR C 492 -14.67 -8.36 12.49
C THR C 492 -15.97 -8.14 13.26
N VAL C 493 -16.73 -7.14 12.84
CA VAL C 493 -17.91 -6.69 13.59
C VAL C 493 -19.18 -6.92 12.79
N LYS C 494 -20.20 -7.48 13.45
CA LYS C 494 -21.51 -7.65 12.84
C LYS C 494 -22.20 -6.30 12.75
N VAL C 495 -22.67 -5.96 11.54
CA VAL C 495 -23.38 -4.70 11.32
C VAL C 495 -24.81 -4.94 10.81
N PRO C 496 -25.71 -3.97 11.01
CA PRO C 496 -27.11 -4.10 10.58
C PRO C 496 -27.28 -4.37 9.08
N GLN C 497 -26.54 -3.64 8.26
CA GLN C 497 -26.60 -3.85 6.82
C GLN C 497 -25.37 -3.30 6.11
N LYS C 498 -24.53 -4.22 5.61
CA LYS C 498 -23.33 -3.84 4.89
C LYS C 498 -23.62 -3.21 3.53
N ASN C 499 -23.02 -2.05 3.28
CA ASN C 499 -23.10 -1.41 1.98
C ASN C 499 -21.70 -1.05 1.47
N SER C 500 -21.53 -1.05 0.15
CA SER C 500 -20.26 -0.67 -0.47
C SER C 500 -19.86 0.76 -0.13
N VAL D 8 -29.59 -28.02 -1.03
CA VAL D 8 -28.48 -28.97 -0.99
C VAL D 8 -28.82 -30.23 -1.77
N PRO D 9 -27.97 -30.58 -2.74
CA PRO D 9 -28.15 -31.78 -3.58
C PRO D 9 -27.98 -33.07 -2.79
N ALA D 10 -28.72 -34.10 -3.19
CA ALA D 10 -28.60 -35.41 -2.58
C ALA D 10 -27.21 -35.96 -2.84
N PRO D 11 -26.49 -36.34 -1.77
CA PRO D 11 -25.12 -36.85 -1.89
C PRO D 11 -25.08 -38.31 -2.29
N ASN D 12 -23.92 -38.72 -2.78
CA ASN D 12 -23.60 -40.14 -2.86
C ASN D 12 -22.96 -40.52 -1.52
N GLN D 13 -23.68 -41.28 -0.71
CA GLN D 13 -23.23 -41.61 0.64
C GLN D 13 -22.11 -42.65 0.62
N GLN D 14 -21.76 -43.13 -0.58
CA GLN D 14 -20.63 -44.04 -0.74
C GLN D 14 -19.80 -43.62 -1.95
N PRO D 15 -19.10 -42.48 -1.85
CA PRO D 15 -18.29 -41.98 -2.96
C PRO D 15 -17.10 -42.89 -3.25
N GLU D 16 -16.86 -43.16 -4.54
CA GLU D 16 -15.74 -43.98 -4.95
C GLU D 16 -14.44 -43.19 -4.82
N VAL D 17 -13.40 -43.82 -4.26
CA VAL D 17 -12.08 -43.21 -4.16
C VAL D 17 -11.25 -43.45 -5.42
N PHE D 18 -10.76 -42.38 -6.03
CA PHE D 18 -9.98 -42.51 -7.27
C PHE D 18 -8.48 -42.29 -7.09
N CYS D 19 -8.11 -41.58 -6.03
CA CYS D 19 -6.70 -41.23 -5.84
C CYS D 19 -6.23 -41.59 -4.44
N ASN D 20 -5.12 -42.32 -4.36
CA ASN D 20 -4.61 -42.81 -3.08
C ASN D 20 -3.11 -43.04 -3.10
N GLN D 21 -2.42 -42.37 -4.01
CA GLN D 21 -0.97 -42.54 -4.12
C GLN D 21 -0.25 -41.21 -3.92
N ILE D 22 1.06 -41.23 -4.11
CA ILE D 22 1.88 -40.03 -4.01
C ILE D 22 1.85 -39.26 -5.32
N PHE D 23 1.74 -37.93 -5.23
CA PHE D 23 1.60 -37.09 -6.41
C PHE D 23 2.84 -36.26 -6.65
N ILE D 24 3.57 -36.59 -7.71
CA ILE D 24 4.79 -35.90 -8.06
C ILE D 24 4.91 -35.75 -9.57
N ASN D 25 5.25 -34.53 -10.02
CA ASN D 25 5.35 -34.24 -11.44
C ASN D 25 4.09 -34.64 -12.20
N ASN D 26 2.93 -34.40 -11.60
CA ASN D 26 1.65 -34.69 -12.22
C ASN D 26 1.47 -36.17 -12.53
N GLU D 27 2.22 -37.01 -11.83
CA GLU D 27 2.13 -38.45 -11.98
C GLU D 27 1.89 -39.11 -10.62
N TRP D 28 1.20 -40.24 -10.64
CA TRP D 28 0.91 -41.00 -9.43
C TRP D 28 1.94 -42.10 -9.17
N HIS D 29 2.45 -42.17 -7.96
CA HIS D 29 3.50 -43.13 -7.64
C HIS D 29 3.23 -43.83 -6.32
N ASP D 30 3.64 -45.09 -6.23
CA ASP D 30 3.68 -45.79 -4.95
C ASP D 30 4.83 -45.24 -4.11
N ALA D 31 4.80 -45.47 -2.81
CA ALA D 31 5.93 -45.16 -1.98
C ALA D 31 7.12 -46.01 -2.41
N VAL D 32 8.33 -45.47 -2.29
CA VAL D 32 9.54 -46.21 -2.66
C VAL D 32 9.62 -47.53 -1.89
N SER D 33 9.10 -47.50 -0.67
CA SER D 33 9.10 -48.69 0.18
C SER D 33 7.94 -49.61 -0.14
N ARG D 34 7.04 -49.16 -1.01
CA ARG D 34 5.86 -49.92 -1.43
C ARG D 34 4.86 -50.15 -0.28
N LYS D 35 5.06 -49.47 0.84
CA LYS D 35 4.15 -49.59 1.97
C LYS D 35 2.91 -48.71 1.80
N THR D 36 1.80 -49.14 2.40
CA THR D 36 0.60 -48.32 2.43
C THR D 36 0.06 -48.19 3.85
N PHE D 37 -0.90 -47.29 4.05
CA PHE D 37 -1.55 -47.16 5.34
C PHE D 37 -3.03 -46.94 5.15
N PRO D 38 -3.84 -47.43 6.11
CA PRO D 38 -5.29 -47.31 5.93
C PRO D 38 -5.80 -45.97 6.45
N THR D 39 -6.88 -45.48 5.84
CA THR D 39 -7.62 -44.36 6.38
C THR D 39 -9.04 -44.82 6.70
N VAL D 40 -9.58 -44.33 7.82
CA VAL D 40 -10.79 -44.89 8.40
C VAL D 40 -11.96 -43.93 8.28
N ASN D 41 -13.17 -44.50 8.11
CA ASN D 41 -14.40 -43.75 8.29
C ASN D 41 -14.74 -43.66 9.78
N PRO D 42 -14.58 -42.45 10.36
CA PRO D 42 -14.81 -42.28 11.81
C PRO D 42 -16.25 -42.48 12.26
N SER D 43 -17.21 -42.49 11.33
CA SER D 43 -18.59 -42.71 11.69
C SER D 43 -18.90 -44.19 11.90
N THR D 44 -17.94 -45.07 11.58
CA THR D 44 -18.15 -46.51 11.65
C THR D 44 -16.93 -47.25 12.19
N GLY D 45 -15.75 -46.72 11.93
CA GLY D 45 -14.53 -47.35 12.37
C GLY D 45 -13.98 -48.30 11.33
N GLU D 46 -14.61 -48.30 10.16
N GLU D 46 -14.61 -48.31 10.16
CA GLU D 46 -14.21 -49.21 9.08
CA GLU D 46 -14.21 -49.22 9.09
C GLU D 46 -13.28 -48.53 8.09
C GLU D 46 -13.28 -48.54 8.08
N VAL D 47 -12.31 -49.30 7.59
CA VAL D 47 -11.32 -48.79 6.64
C VAL D 47 -11.97 -48.39 5.32
N ILE D 48 -11.59 -47.23 4.81
CA ILE D 48 -12.10 -46.76 3.52
C ILE D 48 -11.27 -47.34 2.38
N CYS D 49 -9.95 -47.19 2.48
CA CYS D 49 -9.03 -47.72 1.48
C CYS D 49 -7.62 -47.64 2.03
N GLN D 50 -6.65 -48.13 1.27
CA GLN D 50 -5.25 -47.96 1.60
C GLN D 50 -4.68 -46.75 0.87
N VAL D 51 -3.67 -46.13 1.46
CA VAL D 51 -3.01 -44.97 0.85
C VAL D 51 -1.50 -45.15 0.95
N ALA D 52 -0.79 -44.84 -0.15
CA ALA D 52 0.67 -44.92 -0.18
C ALA D 52 1.26 -44.16 1.00
N GLU D 53 2.18 -44.80 1.73
CA GLU D 53 2.81 -44.12 2.85
C GLU D 53 4.13 -43.46 2.46
N GLY D 54 4.11 -42.14 2.27
CA GLY D 54 5.31 -41.43 1.90
C GLY D 54 6.29 -41.28 3.05
N ASP D 55 7.58 -41.31 2.74
CA ASP D 55 8.61 -41.16 3.76
C ASP D 55 9.74 -40.31 3.19
N LYS D 56 10.88 -40.32 3.86
CA LYS D 56 12.05 -39.51 3.52
C LYS D 56 12.40 -39.55 2.04
N GLU D 57 12.49 -40.75 1.47
CA GLU D 57 12.89 -40.90 0.07
C GLU D 57 11.84 -40.37 -0.91
N ASP D 58 10.59 -40.40 -0.50
CA ASP D 58 9.50 -39.90 -1.34
C ASP D 58 9.49 -38.37 -1.31
N VAL D 59 9.77 -37.81 -0.13
CA VAL D 59 9.87 -36.37 0.03
C VAL D 59 11.02 -35.81 -0.81
N ASP D 60 12.17 -36.48 -0.76
CA ASP D 60 13.34 -36.10 -1.55
C ASP D 60 13.02 -36.01 -3.04
N LYS D 61 12.29 -37.00 -3.56
CA LYS D 61 11.87 -36.98 -4.95
C LYS D 61 10.96 -35.77 -5.21
N ALA D 62 10.04 -35.53 -4.30
CA ALA D 62 9.10 -34.43 -4.45
C ALA D 62 9.84 -33.08 -4.49
N VAL D 63 10.78 -32.92 -3.57
CA VAL D 63 11.54 -31.68 -3.47
C VAL D 63 12.35 -31.43 -4.72
N LYS D 64 12.87 -32.51 -5.29
CA LYS D 64 13.65 -32.43 -6.52
C LYS D 64 12.79 -32.02 -7.71
N ALA D 65 11.58 -32.56 -7.77
CA ALA D 65 10.63 -32.19 -8.82
C ALA D 65 10.24 -30.72 -8.70
N ALA D 66 10.10 -30.25 -7.45
CA ALA D 66 9.73 -28.86 -7.18
C ALA D 66 10.85 -27.90 -7.58
N ARG D 67 12.08 -28.23 -7.18
CA ARG D 67 13.26 -27.44 -7.49
C ARG D 67 13.43 -27.30 -9.00
N ALA D 68 13.28 -28.39 -9.72
CA ALA D 68 13.41 -28.34 -11.17
C ALA D 68 12.30 -27.50 -11.80
N ALA D 69 11.11 -27.51 -11.19
CA ALA D 69 10.00 -26.70 -11.70
C ALA D 69 10.19 -25.23 -11.39
N PHE D 70 11.01 -24.92 -10.38
CA PHE D 70 11.24 -23.55 -9.98
C PHE D 70 12.52 -22.95 -10.60
N GLN D 71 13.20 -23.74 -11.43
CA GLN D 71 14.45 -23.27 -12.02
C GLN D 71 14.24 -22.04 -12.90
N LEU D 72 15.21 -21.11 -12.87
CA LEU D 72 15.12 -19.90 -13.68
C LEU D 72 14.96 -20.27 -15.14
N GLY D 73 14.01 -19.65 -15.82
CA GLY D 73 13.78 -19.94 -17.22
C GLY D 73 12.78 -21.06 -17.48
N SER D 74 12.21 -21.63 -16.42
CA SER D 74 11.27 -22.74 -16.57
C SER D 74 9.88 -22.22 -16.93
N PRO D 75 8.96 -23.10 -17.38
CA PRO D 75 7.62 -22.64 -17.76
C PRO D 75 6.88 -21.93 -16.63
N TRP D 76 7.06 -22.42 -15.41
CA TRP D 76 6.40 -21.83 -14.25
C TRP D 76 7.03 -20.50 -13.81
N ARG D 77 8.33 -20.35 -14.00
CA ARG D 77 9.01 -19.11 -13.65
C ARG D 77 8.76 -18.02 -14.69
N ARG D 78 8.51 -18.42 -15.93
CA ARG D 78 8.32 -17.46 -17.02
C ARG D 78 6.85 -17.10 -17.26
N MET D 79 5.95 -17.91 -16.71
CA MET D 79 4.52 -17.71 -16.93
C MET D 79 4.09 -16.34 -16.42
N ASP D 80 3.33 -15.63 -17.25
CA ASP D 80 2.74 -14.35 -16.83
C ASP D 80 2.01 -14.51 -15.49
N ALA D 81 2.22 -13.55 -14.60
CA ALA D 81 1.51 -13.54 -13.31
C ALA D 81 0.00 -13.63 -13.49
N SER D 82 -0.54 -12.90 -14.46
CA SER D 82 -1.97 -12.94 -14.75
C SER D 82 -2.42 -14.36 -15.09
N HIS D 83 -1.52 -15.14 -15.71
CA HIS D 83 -1.89 -16.49 -16.09
C HIS D 83 -1.95 -17.41 -14.87
N ARG D 84 -1.06 -17.17 -13.90
CA ARG D 84 -1.14 -17.88 -12.62
C ARG D 84 -2.52 -17.70 -12.02
N GLY D 85 -3.06 -16.49 -12.12
CA GLY D 85 -4.39 -16.20 -11.63
C GLY D 85 -5.46 -17.03 -12.33
N ARG D 86 -5.42 -17.08 -13.66
CA ARG D 86 -6.36 -17.87 -14.44
C ARG D 86 -6.34 -19.37 -14.05
N LEU D 87 -5.15 -19.92 -13.86
CA LEU D 87 -5.00 -21.32 -13.45
C LEU D 87 -5.67 -21.58 -12.11
N LEU D 88 -5.53 -20.64 -11.18
CA LEU D 88 -6.19 -20.77 -9.89
C LEU D 88 -7.70 -20.73 -10.07
N ASN D 89 -8.16 -19.82 -10.92
CA ASN D 89 -9.58 -19.68 -11.19
C ASN D 89 -10.11 -20.92 -11.84
N ARG D 90 -9.32 -21.50 -12.73
CA ARG D 90 -9.65 -22.76 -13.40
C ARG D 90 -9.75 -23.92 -12.40
N LEU D 91 -8.81 -23.97 -11.45
CA LEU D 91 -8.83 -24.96 -10.38
C LEU D 91 -10.11 -24.87 -9.54
N ALA D 92 -10.55 -23.65 -9.29
CA ALA D 92 -11.78 -23.45 -8.53
C ALA D 92 -12.99 -23.97 -9.30
N ASP D 93 -13.06 -23.67 -10.59
CA ASP D 93 -14.17 -24.14 -11.43
C ASP D 93 -14.27 -25.66 -11.46
N LEU D 94 -13.13 -26.33 -11.43
CA LEU D 94 -13.11 -27.78 -11.47
C LEU D 94 -13.61 -28.30 -10.14
N ILE D 95 -13.18 -27.66 -9.06
CA ILE D 95 -13.63 -28.03 -7.72
C ILE D 95 -15.14 -27.82 -7.57
N GLU D 96 -15.63 -26.69 -8.07
CA GLU D 96 -17.07 -26.43 -8.00
C GLU D 96 -17.86 -27.45 -8.84
N ARG D 97 -17.25 -27.93 -9.90
CA ARG D 97 -17.85 -28.97 -10.73
C ARG D 97 -18.03 -30.26 -9.91
N ASP D 98 -17.01 -30.60 -9.13
CA ASP D 98 -17.04 -31.81 -8.33
C ASP D 98 -17.39 -31.53 -6.87
N ARG D 99 -18.13 -30.44 -6.64
CA ARG D 99 -18.45 -30.02 -5.28
C ARG D 99 -19.18 -31.11 -4.51
N THR D 100 -20.25 -31.64 -5.11
CA THR D 100 -21.04 -32.69 -4.47
C THR D 100 -20.20 -33.92 -4.10
N TYR D 101 -19.34 -34.34 -5.02
CA TYR D 101 -18.46 -35.48 -4.77
C TYR D 101 -17.47 -35.19 -3.64
N LEU D 102 -16.87 -34.00 -3.68
CA LEU D 102 -15.82 -33.62 -2.72
C LEU D 102 -16.37 -33.41 -1.31
N ALA D 103 -17.59 -32.89 -1.21
CA ALA D 103 -18.22 -32.69 0.09
C ALA D 103 -18.52 -34.05 0.72
N ALA D 104 -19.09 -34.95 -0.08
CA ALA D 104 -19.40 -36.31 0.39
C ALA D 104 -18.15 -37.04 0.83
N LEU D 105 -17.09 -36.99 0.02
CA LEU D 105 -15.83 -37.65 0.34
C LEU D 105 -15.18 -37.01 1.55
N GLU D 106 -15.32 -35.69 1.68
CA GLU D 106 -14.82 -34.99 2.86
C GLU D 106 -15.46 -35.53 4.12
N THR D 107 -16.78 -35.66 4.08
CA THR D 107 -17.53 -36.20 5.20
C THR D 107 -17.14 -37.63 5.51
N LEU D 108 -17.06 -38.47 4.48
CA LEU D 108 -16.71 -39.87 4.62
C LEU D 108 -15.42 -40.08 5.41
N ASP D 109 -14.44 -39.21 5.15
CA ASP D 109 -13.09 -39.39 5.68
C ASP D 109 -12.86 -38.62 6.98
N ASN D 110 -13.65 -37.57 7.21
CA ASN D 110 -13.46 -36.68 8.35
C ASN D 110 -14.55 -36.81 9.42
N GLY D 111 -15.80 -36.99 9.00
CA GLY D 111 -16.88 -37.19 9.95
C GLY D 111 -17.88 -36.07 10.02
N LYS D 112 -17.49 -34.89 9.56
CA LYS D 112 -18.35 -33.72 9.63
C LYS D 112 -19.58 -33.89 8.75
N PRO D 113 -20.71 -33.32 9.18
CA PRO D 113 -21.98 -33.40 8.46
C PRO D 113 -21.83 -33.00 6.99
N TYR D 114 -22.40 -33.80 6.08
CA TYR D 114 -22.33 -33.54 4.65
C TYR D 114 -22.83 -32.15 4.27
N VAL D 115 -23.93 -31.73 4.87
CA VAL D 115 -24.51 -30.43 4.59
C VAL D 115 -23.54 -29.29 4.91
N ILE D 116 -22.74 -29.48 5.96
CA ILE D 116 -21.74 -28.48 6.33
C ILE D 116 -20.53 -28.53 5.39
N SER D 117 -20.08 -29.75 5.06
CA SER D 117 -19.02 -29.90 4.06
C SER D 117 -19.41 -29.20 2.76
N TYR D 118 -20.68 -29.27 2.40
CA TYR D 118 -21.12 -28.76 1.11
C TYR D 118 -21.32 -27.23 1.12
N LEU D 119 -22.06 -26.74 2.12
CA LEU D 119 -22.42 -25.33 2.16
C LEU D 119 -21.32 -24.45 2.79
N VAL D 120 -20.50 -25.05 3.64
CA VAL D 120 -19.49 -24.29 4.34
C VAL D 120 -18.09 -24.54 3.79
N ASP D 121 -17.54 -25.72 4.06
CA ASP D 121 -16.17 -26.05 3.67
C ASP D 121 -15.91 -25.78 2.20
N LEU D 122 -16.72 -26.36 1.33
CA LEU D 122 -16.54 -26.23 -0.11
C LEU D 122 -16.70 -24.80 -0.55
N ASP D 123 -17.62 -24.08 0.09
CA ASP D 123 -17.86 -22.68 -0.25
C ASP D 123 -16.62 -21.87 0.05
N MET D 124 -16.02 -22.12 1.21
CA MET D 124 -14.84 -21.38 1.66
C MET D 124 -13.60 -21.73 0.85
N VAL D 125 -13.51 -22.98 0.39
CA VAL D 125 -12.44 -23.39 -0.52
C VAL D 125 -12.49 -22.57 -1.81
N LEU D 126 -13.67 -22.45 -2.37
CA LEU D 126 -13.85 -21.73 -3.63
C LEU D 126 -13.53 -20.25 -3.48
N LYS D 127 -14.04 -19.65 -2.40
CA LYS D 127 -13.80 -18.24 -2.14
C LYS D 127 -12.33 -17.94 -1.90
N CYS D 128 -11.64 -18.82 -1.18
CA CYS D 128 -10.21 -18.65 -0.94
C CYS D 128 -9.42 -18.69 -2.25
N LEU D 129 -9.65 -19.70 -3.07
CA LEU D 129 -8.90 -19.84 -4.33
C LEU D 129 -9.20 -18.69 -5.29
N ARG D 130 -10.47 -18.30 -5.36
CA ARG D 130 -10.88 -17.24 -6.27
C ARG D 130 -10.39 -15.88 -5.80
N TYR D 131 -10.23 -15.73 -4.49
CA TYR D 131 -9.67 -14.50 -3.95
C TYR D 131 -8.23 -14.35 -4.35
N TYR D 132 -7.43 -15.40 -4.12
CA TYR D 132 -6.01 -15.33 -4.44
C TYR D 132 -5.72 -15.31 -5.94
N ALA D 133 -6.62 -15.87 -6.75
CA ALA D 133 -6.50 -15.76 -8.19
C ALA D 133 -6.35 -14.28 -8.58
N GLY D 134 -7.06 -13.41 -7.85
CA GLY D 134 -7.04 -11.99 -8.11
C GLY D 134 -5.78 -11.28 -7.65
N TRP D 135 -5.04 -11.87 -6.70
CA TRP D 135 -3.80 -11.28 -6.18
C TRP D 135 -2.58 -11.51 -7.08
N ALA D 136 -2.63 -12.54 -7.91
CA ALA D 136 -1.48 -13.04 -8.65
C ALA D 136 -0.63 -11.94 -9.30
N ASP D 137 -1.28 -10.93 -9.87
CA ASP D 137 -0.57 -9.90 -10.61
C ASP D 137 -0.72 -8.50 -10.00
N LYS D 138 -0.95 -8.45 -8.69
CA LYS D 138 -1.21 -7.17 -8.04
C LYS D 138 -0.37 -6.90 -6.80
N TYR D 139 0.53 -7.83 -6.45
CA TYR D 139 1.34 -7.68 -5.25
C TYR D 139 2.64 -6.93 -5.56
N HIS D 140 2.54 -5.62 -5.75
CA HIS D 140 3.62 -4.80 -6.29
C HIS D 140 4.82 -4.67 -5.37
N GLY D 141 6.00 -4.54 -5.98
CA GLY D 141 7.15 -4.08 -5.23
C GLY D 141 7.13 -2.57 -5.26
N LYS D 142 8.24 -1.93 -4.91
CA LYS D 142 8.27 -0.47 -4.76
C LYS D 142 9.39 0.22 -5.54
N THR D 143 9.15 1.46 -5.98
CA THR D 143 10.24 2.31 -6.44
C THR D 143 10.46 3.34 -5.35
N ILE D 144 11.73 3.57 -5.03
CA ILE D 144 12.12 4.17 -3.75
C ILE D 144 13.06 5.34 -3.94
N PRO D 145 12.68 6.51 -3.37
CA PRO D 145 13.42 7.78 -3.52
C PRO D 145 14.62 7.86 -2.58
N ILE D 146 15.61 6.99 -2.81
CA ILE D 146 16.81 6.91 -1.98
C ILE D 146 17.70 8.14 -2.16
N ASP D 147 18.54 8.43 -1.17
CA ASP D 147 19.51 9.53 -1.30
C ASP D 147 20.51 9.31 -2.44
N GLY D 148 21.07 10.40 -2.95
CA GLY D 148 22.12 10.34 -3.95
C GLY D 148 21.65 10.09 -5.37
N ASP D 149 22.61 10.01 -6.28
CA ASP D 149 22.33 9.74 -7.68
C ASP D 149 22.09 8.26 -7.95
N PHE D 150 20.97 7.74 -7.42
CA PHE D 150 20.66 6.34 -7.57
C PHE D 150 19.17 6.14 -7.84
N PHE D 151 18.86 5.03 -8.49
CA PHE D 151 17.48 4.58 -8.63
C PHE D 151 17.34 3.26 -7.89
N SER D 152 16.43 3.21 -6.93
CA SER D 152 16.25 2.00 -6.14
C SER D 152 14.83 1.47 -6.23
N TYR D 153 14.71 0.16 -6.33
CA TYR D 153 13.39 -0.48 -6.36
C TYR D 153 13.44 -1.91 -5.81
N THR D 154 12.29 -2.45 -5.46
CA THR D 154 12.24 -3.81 -4.98
C THR D 154 11.45 -4.74 -5.89
N ARG D 155 11.90 -5.97 -5.99
CA ARG D 155 11.14 -7.02 -6.65
C ARG D 155 10.55 -7.91 -5.58
N HIS D 156 9.29 -8.31 -5.74
CA HIS D 156 8.73 -9.30 -4.86
C HIS D 156 8.81 -10.65 -5.55
N GLU D 157 9.83 -11.42 -5.19
CA GLU D 157 10.08 -12.72 -5.82
C GLU D 157 9.50 -13.83 -4.96
N PRO D 158 9.26 -15.02 -5.57
CA PRO D 158 8.80 -16.16 -4.78
C PRO D 158 9.90 -16.64 -3.85
N VAL D 159 9.52 -17.12 -2.66
N VAL D 159 9.52 -17.12 -2.67
CA VAL D 159 10.48 -17.67 -1.72
CA VAL D 159 10.49 -17.68 -1.73
C VAL D 159 11.06 -19.00 -2.25
C VAL D 159 11.07 -18.98 -2.29
N GLY D 160 10.28 -19.71 -3.05
CA GLY D 160 10.77 -20.89 -3.73
C GLY D 160 10.05 -22.20 -3.40
N VAL D 161 10.81 -23.18 -2.93
CA VAL D 161 10.25 -24.49 -2.60
C VAL D 161 9.59 -24.43 -1.22
N CYS D 162 8.27 -24.55 -1.19
CA CYS D 162 7.51 -24.41 0.05
C CYS D 162 6.94 -25.73 0.56
N GLY D 163 7.43 -26.17 1.72
CA GLY D 163 6.85 -27.30 2.44
C GLY D 163 5.60 -26.87 3.20
N GLN D 164 4.51 -27.59 2.97
CA GLN D 164 3.25 -27.22 3.58
C GLN D 164 2.62 -28.44 4.26
N ILE D 165 2.53 -28.37 5.59
CA ILE D 165 2.04 -29.47 6.40
C ILE D 165 0.74 -29.07 7.04
N ILE D 166 -0.33 -29.81 6.78
CA ILE D 166 -1.68 -29.43 7.22
C ILE D 166 -2.36 -30.50 8.09
N PRO D 167 -3.34 -30.07 8.91
CA PRO D 167 -4.05 -30.98 9.83
C PRO D 167 -5.30 -31.62 9.20
N TRP D 168 -6.10 -32.30 10.01
CA TRP D 168 -7.23 -33.09 9.54
C TRP D 168 -8.61 -32.47 9.81
N ASN D 169 -8.66 -31.42 10.63
CA ASN D 169 -9.97 -30.87 11.01
C ASN D 169 -10.73 -30.17 9.87
N PHE D 170 -9.98 -29.58 8.95
CA PHE D 170 -10.56 -28.99 7.74
C PHE D 170 -9.66 -29.32 6.54
N PRO D 171 -9.70 -30.59 6.07
CA PRO D 171 -8.75 -31.08 5.07
C PRO D 171 -8.69 -30.23 3.80
N LEU D 172 -9.81 -30.09 3.10
CA LEU D 172 -9.82 -29.34 1.85
C LEU D 172 -9.52 -27.86 2.08
N LEU D 173 -10.10 -27.31 3.15
CA LEU D 173 -9.95 -25.89 3.43
C LEU D 173 -8.50 -25.54 3.77
N MET D 174 -7.88 -26.37 4.60
CA MET D 174 -6.48 -26.17 4.94
C MET D 174 -5.56 -26.24 3.74
N GLN D 175 -5.90 -27.11 2.79
CA GLN D 175 -5.14 -27.21 1.55
C GLN D 175 -5.27 -25.93 0.68
N ALA D 176 -6.48 -25.39 0.62
CA ALA D 176 -6.72 -24.16 -0.16
C ALA D 176 -6.04 -22.91 0.47
N TRP D 177 -6.06 -22.82 1.80
CA TRP D 177 -5.39 -21.72 2.48
C TRP D 177 -3.88 -21.76 2.23
N LYS D 178 -3.38 -22.95 1.93
CA LYS D 178 -1.98 -23.16 1.60
C LYS D 178 -1.67 -22.83 0.15
N LEU D 179 -2.36 -23.52 -0.76
CA LEU D 179 -2.07 -23.40 -2.20
C LEU D 179 -2.37 -21.97 -2.73
N GLY D 180 -3.51 -21.42 -2.32
CA GLY D 180 -3.93 -20.09 -2.73
C GLY D 180 -2.81 -19.06 -2.85
N PRO D 181 -2.25 -18.64 -1.70
CA PRO D 181 -1.18 -17.64 -1.67
C PRO D 181 0.13 -18.11 -2.31
N ALA D 182 0.48 -19.37 -2.08
CA ALA D 182 1.74 -19.92 -2.59
C ALA D 182 1.78 -19.88 -4.12
N LEU D 183 0.70 -20.34 -4.74
CA LEU D 183 0.61 -20.38 -6.19
C LEU D 183 0.44 -18.99 -6.83
N ALA D 184 -0.36 -18.15 -6.16
CA ALA D 184 -0.59 -16.78 -6.64
C ALA D 184 0.74 -16.03 -6.83
N THR D 185 1.70 -16.30 -5.94
CA THR D 185 2.98 -15.62 -5.97
C THR D 185 4.12 -16.40 -6.63
N GLY D 186 3.76 -17.47 -7.35
CA GLY D 186 4.68 -18.21 -8.18
C GLY D 186 5.64 -19.19 -7.51
N ASN D 187 5.35 -19.57 -6.27
CA ASN D 187 6.13 -20.58 -5.56
C ASN D 187 5.80 -21.98 -6.05
N VAL D 188 6.56 -22.97 -5.61
CA VAL D 188 6.26 -24.38 -5.86
C VAL D 188 6.10 -25.10 -4.53
N VAL D 189 5.42 -26.24 -4.55
CA VAL D 189 4.93 -26.80 -3.29
C VAL D 189 5.20 -28.27 -3.10
N VAL D 190 5.66 -28.63 -1.89
CA VAL D 190 5.62 -30.01 -1.44
C VAL D 190 4.71 -30.11 -0.21
N MET D 191 3.56 -30.74 -0.36
CA MET D 191 2.54 -30.71 0.69
C MET D 191 2.36 -32.07 1.38
N LYS D 192 2.33 -32.06 2.70
CA LYS D 192 2.14 -33.28 3.46
C LYS D 192 0.77 -33.22 4.14
N VAL D 193 -0.19 -33.96 3.60
CA VAL D 193 -1.53 -34.02 4.16
C VAL D 193 -1.60 -34.93 5.38
N ALA D 194 -2.63 -34.75 6.19
CA ALA D 194 -2.78 -35.53 7.41
C ALA D 194 -3.10 -36.99 7.10
N GLU D 195 -2.49 -37.92 7.84
CA GLU D 195 -2.74 -39.34 7.67
C GLU D 195 -4.20 -39.68 7.95
N GLN D 196 -4.83 -38.92 8.85
CA GLN D 196 -6.24 -39.16 9.17
C GLN D 196 -7.17 -38.83 8.03
N THR D 197 -6.79 -37.87 7.17
CA THR D 197 -7.67 -37.36 6.12
C THR D 197 -6.91 -37.00 4.84
N PRO D 198 -6.40 -38.00 4.12
CA PRO D 198 -5.57 -37.70 2.96
C PRO D 198 -6.36 -37.63 1.66
N LEU D 199 -7.57 -38.19 1.64
CA LEU D 199 -8.24 -38.50 0.38
C LEU D 199 -8.68 -37.29 -0.45
N THR D 200 -9.30 -36.31 0.20
CA THR D 200 -9.86 -35.19 -0.56
C THR D 200 -8.75 -34.38 -1.23
N ALA D 201 -7.63 -34.22 -0.55
CA ALA D 201 -6.51 -33.43 -1.07
C ALA D 201 -5.84 -34.13 -2.26
N LEU D 202 -5.77 -35.45 -2.23
CA LEU D 202 -5.21 -36.22 -3.36
C LEU D 202 -6.06 -36.08 -4.61
N TYR D 203 -7.37 -36.07 -4.45
CA TYR D 203 -8.24 -35.88 -5.60
C TYR D 203 -8.07 -34.47 -6.19
N VAL D 204 -7.92 -33.47 -5.33
CA VAL D 204 -7.65 -32.10 -5.80
C VAL D 204 -6.35 -32.04 -6.61
N ALA D 205 -5.39 -32.87 -6.23
CA ALA D 205 -4.13 -32.97 -6.97
C ALA D 205 -4.39 -33.29 -8.43
N ASN D 206 -5.36 -34.16 -8.66
CA ASN D 206 -5.72 -34.57 -10.01
C ASN D 206 -6.35 -33.39 -10.75
N LEU D 207 -7.10 -32.57 -10.01
CA LEU D 207 -7.71 -31.40 -10.60
C LEU D 207 -6.63 -30.34 -10.90
N ILE D 208 -5.59 -30.29 -10.07
CA ILE D 208 -4.49 -29.37 -10.31
C ILE D 208 -3.85 -29.72 -11.67
N LYS D 209 -3.72 -31.02 -11.93
CA LYS D 209 -3.25 -31.51 -13.22
C LYS D 209 -4.20 -31.14 -14.36
N GLU D 210 -5.48 -31.46 -14.20
CA GLU D 210 -6.48 -31.14 -15.19
C GLU D 210 -6.58 -29.63 -15.43
N ALA D 211 -6.34 -28.84 -14.39
CA ALA D 211 -6.35 -27.38 -14.53
C ALA D 211 -5.26 -26.86 -15.47
N GLY D 212 -4.12 -27.54 -15.49
CA GLY D 212 -3.05 -27.16 -16.41
C GLY D 212 -1.80 -26.63 -15.73
N PHE D 213 -1.67 -26.86 -14.42
CA PHE D 213 -0.45 -26.46 -13.72
C PHE D 213 0.70 -27.32 -14.21
N PRO D 214 1.83 -26.70 -14.55
CA PRO D 214 3.02 -27.45 -14.98
C PRO D 214 3.42 -28.48 -13.94
N PRO D 215 3.95 -29.63 -14.37
CA PRO D 215 4.37 -30.71 -13.47
C PRO D 215 5.46 -30.23 -12.53
N GLY D 216 5.37 -30.63 -11.27
CA GLY D 216 6.37 -30.24 -10.30
C GLY D 216 5.98 -29.02 -9.47
N VAL D 217 4.97 -28.28 -9.91
CA VAL D 217 4.57 -27.05 -9.21
C VAL D 217 3.84 -27.38 -7.91
N VAL D 218 2.97 -28.38 -7.95
CA VAL D 218 2.38 -28.89 -6.72
C VAL D 218 2.63 -30.40 -6.57
N ASN D 219 3.26 -30.77 -5.47
CA ASN D 219 3.51 -32.18 -5.16
C ASN D 219 2.93 -32.53 -3.79
N ILE D 220 2.32 -33.70 -3.67
CA ILE D 220 1.65 -34.07 -2.42
C ILE D 220 2.10 -35.44 -1.90
N VAL D 221 2.62 -35.46 -0.68
CA VAL D 221 3.12 -36.68 -0.08
C VAL D 221 2.29 -37.09 1.14
N PRO D 222 1.35 -38.04 0.93
CA PRO D 222 0.61 -38.61 2.05
C PRO D 222 1.53 -39.46 2.92
N GLY D 223 1.23 -39.56 4.21
CA GLY D 223 2.11 -40.25 5.14
C GLY D 223 2.06 -39.63 6.52
N PHE D 224 2.88 -40.16 7.43
CA PHE D 224 2.86 -39.76 8.82
C PHE D 224 3.76 -38.55 9.11
N GLY D 225 3.68 -38.06 10.34
CA GLY D 225 4.33 -36.83 10.72
C GLY D 225 5.83 -36.93 10.96
N PRO D 226 6.23 -37.74 11.96
CA PRO D 226 7.65 -37.89 12.33
C PRO D 226 8.51 -38.43 11.19
N THR D 227 7.86 -38.91 10.15
CA THR D 227 8.57 -39.40 8.97
C THR D 227 8.54 -38.38 7.83
N ALA D 228 7.44 -38.34 7.08
CA ALA D 228 7.34 -37.46 5.91
C ALA D 228 7.31 -35.98 6.30
N GLY D 229 6.63 -35.66 7.39
CA GLY D 229 6.60 -34.28 7.87
C GLY D 229 7.96 -33.77 8.29
N ALA D 230 8.62 -34.54 9.15
CA ALA D 230 9.96 -34.19 9.62
C ALA D 230 10.96 -34.04 8.45
N ALA D 231 10.96 -35.01 7.55
CA ALA D 231 11.85 -34.95 6.38
C ALA D 231 11.68 -33.65 5.62
N ILE D 232 10.45 -33.13 5.57
CA ILE D 232 10.17 -31.86 4.91
C ILE D 232 10.75 -30.69 5.69
N ALA D 233 10.51 -30.66 7.00
CA ALA D 233 10.93 -29.54 7.83
C ALA D 233 12.45 -29.45 8.01
N SER D 234 13.14 -30.57 7.78
CA SER D 234 14.58 -30.60 7.91
C SER D 234 15.31 -30.65 6.56
N HIS D 235 14.55 -30.63 5.47
CA HIS D 235 15.17 -30.74 4.15
C HIS D 235 16.09 -29.56 3.85
N GLU D 236 17.26 -29.86 3.29
CA GLU D 236 18.27 -28.85 3.00
C GLU D 236 17.88 -27.98 1.80
N ASP D 237 16.92 -28.44 1.01
CA ASP D 237 16.57 -27.72 -0.23
C ASP D 237 15.13 -27.19 -0.20
N VAL D 238 14.54 -27.16 0.99
CA VAL D 238 13.24 -26.53 1.17
C VAL D 238 13.46 -25.12 1.72
N ASP D 239 12.99 -24.12 0.99
CA ASP D 239 13.27 -22.72 1.34
C ASP D 239 12.38 -22.20 2.45
N LYS D 240 11.19 -22.77 2.56
CA LYS D 240 10.20 -22.24 3.49
C LYS D 240 9.23 -23.34 3.89
N VAL D 241 8.81 -23.33 5.15
CA VAL D 241 7.78 -24.25 5.65
C VAL D 241 6.61 -23.52 6.31
N ALA D 242 5.40 -23.96 6.02
CA ALA D 242 4.21 -23.47 6.70
C ALA D 242 3.51 -24.63 7.36
N PHE D 243 3.24 -24.48 8.65
CA PHE D 243 2.71 -25.58 9.43
C PHE D 243 1.45 -25.16 10.16
N THR D 244 0.41 -25.98 10.04
CA THR D 244 -0.80 -25.80 10.83
C THR D 244 -1.05 -27.09 11.62
N GLY D 245 -1.17 -26.99 12.93
CA GLY D 245 -1.35 -28.15 13.77
C GLY D 245 -1.19 -27.80 15.25
N SER D 246 -0.70 -28.76 16.03
CA SER D 246 -0.56 -28.59 17.47
C SER D 246 0.63 -27.70 17.81
N THR D 247 0.54 -26.98 18.92
CA THR D 247 1.64 -26.17 19.41
C THR D 247 2.88 -27.02 19.65
N GLU D 248 2.68 -28.23 20.18
CA GLU D 248 3.78 -29.14 20.47
C GLU D 248 4.64 -29.40 19.25
N ILE D 249 4.03 -29.78 18.14
CA ILE D 249 4.76 -30.05 16.90
C ILE D 249 5.26 -28.75 16.23
N GLY D 250 4.59 -27.65 16.51
CA GLY D 250 5.02 -26.36 15.99
C GLY D 250 6.43 -26.02 16.46
N ARG D 251 6.73 -26.40 17.69
CA ARG D 251 8.06 -26.19 18.25
C ARG D 251 9.09 -27.08 17.57
N VAL D 252 8.68 -28.29 17.23
CA VAL D 252 9.55 -29.23 16.52
C VAL D 252 9.90 -28.70 15.12
N ILE D 253 8.90 -28.20 14.41
CA ILE D 253 9.08 -27.58 13.10
C ILE D 253 10.07 -26.44 13.17
N GLN D 254 9.86 -25.54 14.15
CA GLN D 254 10.72 -24.39 14.34
C GLN D 254 12.16 -24.81 14.65
N VAL D 255 12.33 -25.76 15.55
CA VAL D 255 13.66 -26.29 15.86
C VAL D 255 14.32 -26.94 14.65
N ALA D 256 13.55 -27.72 13.88
CA ALA D 256 14.07 -28.38 12.67
C ALA D 256 14.55 -27.37 11.62
N ALA D 257 13.78 -26.31 11.43
CA ALA D 257 14.18 -25.22 10.53
C ALA D 257 15.54 -24.64 10.88
N GLY D 258 15.72 -24.27 12.15
CA GLY D 258 16.99 -23.71 12.59
C GLY D 258 18.13 -24.70 12.54
N SER D 259 17.82 -25.97 12.78
CA SER D 259 18.84 -27.01 12.80
C SER D 259 19.38 -27.31 11.40
N SER D 260 18.56 -27.09 10.37
CA SER D 260 18.95 -27.46 9.00
C SER D 260 19.47 -26.27 8.20
N ASN D 261 18.58 -25.63 7.42
CA ASN D 261 19.01 -24.63 6.45
C ASN D 261 18.43 -23.24 6.66
N LEU D 262 17.92 -22.99 7.85
CA LEU D 262 17.35 -21.68 8.19
C LEU D 262 16.18 -21.30 7.27
N LYS D 263 15.44 -22.30 6.80
CA LYS D 263 14.22 -22.05 6.02
C LYS D 263 13.25 -21.15 6.80
N ARG D 264 12.46 -20.36 6.09
CA ARG D 264 11.51 -19.45 6.73
C ARG D 264 10.34 -20.26 7.26
N VAL D 265 9.74 -19.77 8.35
CA VAL D 265 8.70 -20.54 9.02
C VAL D 265 7.53 -19.64 9.39
N THR D 266 6.31 -20.11 9.11
CA THR D 266 5.12 -19.58 9.73
C THR D 266 4.32 -20.70 10.36
N LEU D 267 3.58 -20.38 11.43
CA LEU D 267 2.93 -21.40 12.21
C LEU D 267 1.50 -20.98 12.56
N GLU D 268 0.57 -21.90 12.36
CA GLU D 268 -0.81 -21.69 12.79
C GLU D 268 -1.13 -22.81 13.79
N LEU D 269 -1.20 -22.45 15.08
CA LEU D 269 -1.25 -23.45 16.12
C LEU D 269 -2.64 -23.48 16.80
N GLY D 270 -2.68 -23.94 18.04
CA GLY D 270 -3.94 -24.14 18.73
C GLY D 270 -4.41 -22.87 19.41
N GLY D 271 -5.38 -23.02 20.32
CA GLY D 271 -5.85 -21.89 21.07
C GLY D 271 -6.78 -22.29 22.21
N LYS D 272 -7.13 -21.29 23.02
CA LYS D 272 -8.11 -21.49 24.08
C LYS D 272 -8.88 -20.16 24.16
N SER D 273 -9.66 -19.90 23.12
CA SER D 273 -10.21 -18.57 22.87
C SER D 273 -11.37 -18.19 23.79
N PRO D 274 -11.33 -16.96 24.31
CA PRO D 274 -12.37 -16.43 25.21
C PRO D 274 -13.54 -15.80 24.45
N ASN D 275 -14.75 -16.21 24.78
CA ASN D 275 -15.95 -15.60 24.25
C ASN D 275 -16.59 -14.81 25.40
N ILE D 276 -16.57 -13.49 25.26
CA ILE D 276 -16.99 -12.61 26.35
C ILE D 276 -18.40 -12.06 26.13
N ILE D 277 -19.32 -12.43 27.02
CA ILE D 277 -20.69 -11.99 26.90
C ILE D 277 -20.99 -10.93 27.96
N MET D 278 -21.08 -9.67 27.54
CA MET D 278 -21.43 -8.57 28.45
C MET D 278 -22.90 -8.62 28.83
N SER D 279 -23.27 -7.86 29.85
CA SER D 279 -24.62 -7.95 30.43
C SER D 279 -25.71 -7.27 29.59
N ASP D 280 -25.31 -6.44 28.64
CA ASP D 280 -26.28 -5.77 27.77
C ASP D 280 -26.41 -6.46 26.41
N ALA D 281 -25.89 -7.68 26.31
CA ALA D 281 -25.95 -8.40 25.05
C ALA D 281 -27.34 -8.99 24.78
N ASP D 282 -27.71 -9.07 23.50
CA ASP D 282 -28.93 -9.75 23.10
C ASP D 282 -28.78 -11.22 23.48
N MET D 283 -29.62 -11.66 24.43
CA MET D 283 -29.50 -13.01 25.01
C MET D 283 -29.65 -14.12 23.98
N ASP D 284 -30.72 -14.09 23.19
CA ASP D 284 -30.98 -15.13 22.19
C ASP D 284 -29.82 -15.28 21.21
N TRP D 285 -29.32 -14.14 20.74
CA TRP D 285 -28.23 -14.11 19.78
C TRP D 285 -26.97 -14.68 20.42
N ALA D 286 -26.65 -14.20 21.61
CA ALA D 286 -25.40 -14.60 22.29
C ALA D 286 -25.38 -16.07 22.67
N VAL D 287 -26.52 -16.59 23.10
CA VAL D 287 -26.60 -17.99 23.50
C VAL D 287 -26.32 -18.89 22.32
N GLU D 288 -27.00 -18.62 21.21
CA GLU D 288 -26.84 -19.43 20.01
C GLU D 288 -25.44 -19.31 19.44
N GLN D 289 -24.92 -18.09 19.40
CA GLN D 289 -23.58 -17.87 18.87
C GLN D 289 -22.49 -18.48 19.75
N ALA D 290 -22.70 -18.48 21.06
CA ALA D 290 -21.77 -19.13 21.98
C ALA D 290 -21.76 -20.62 21.73
N HIS D 291 -22.94 -21.16 21.41
CA HIS D 291 -23.10 -22.58 21.07
C HIS D 291 -22.32 -22.91 19.82
N PHE D 292 -22.59 -22.16 18.75
CA PHE D 292 -21.86 -22.32 17.50
C PHE D 292 -20.36 -22.15 17.73
N ALA D 293 -19.97 -21.18 18.54
CA ALA D 293 -18.55 -20.86 18.75
C ALA D 293 -17.74 -22.03 19.30
N LEU D 294 -18.41 -22.92 20.03
CA LEU D 294 -17.71 -24.03 20.67
C LEU D 294 -17.93 -25.33 19.92
N PHE D 295 -19.19 -25.60 19.54
CA PHE D 295 -19.58 -26.90 19.02
C PHE D 295 -19.36 -27.04 17.52
N PHE D 296 -19.02 -25.95 16.84
CA PHE D 296 -18.82 -26.01 15.40
C PHE D 296 -17.77 -27.06 15.03
N ASN D 297 -18.07 -27.87 14.03
CA ASN D 297 -17.15 -28.90 13.54
C ASN D 297 -16.72 -29.85 14.65
N GLN D 298 -17.70 -30.33 15.42
CA GLN D 298 -17.42 -31.28 16.52
C GLN D 298 -16.46 -30.72 17.56
N GLY D 299 -16.40 -29.39 17.65
CA GLY D 299 -15.49 -28.73 18.57
C GLY D 299 -14.05 -28.76 18.08
N GLN D 300 -13.84 -29.39 16.93
CA GLN D 300 -12.50 -29.54 16.36
C GLN D 300 -12.10 -28.33 15.52
N CYS D 301 -12.01 -27.18 16.17
N CYS D 301 -12.04 -27.17 16.18
CA CYS D 301 -11.64 -25.93 15.49
CA CYS D 301 -11.62 -25.94 15.52
C CYS D 301 -10.57 -25.20 16.31
C CYS D 301 -10.51 -25.28 16.33
N CYS D 302 -9.49 -24.79 15.64
CA CYS D 302 -8.38 -24.11 16.32
C CYS D 302 -8.83 -22.92 17.17
N CYS D 303 -9.85 -22.20 16.72
CA CYS D 303 -10.28 -20.97 17.37
C CYS D 303 -11.60 -21.12 18.13
N ALA D 304 -11.94 -22.35 18.49
CA ALA D 304 -13.17 -22.62 19.25
C ALA D 304 -13.27 -21.73 20.49
N GLY D 305 -14.46 -21.17 20.71
CA GLY D 305 -14.69 -20.37 21.90
C GLY D 305 -14.81 -21.27 23.12
N SER D 306 -13.68 -21.77 23.57
CA SER D 306 -13.66 -22.78 24.64
C SER D 306 -13.62 -22.18 26.05
N ARG D 307 -13.64 -20.85 26.13
CA ARG D 307 -13.79 -20.17 27.41
C ARG D 307 -14.91 -19.15 27.30
N THR D 308 -16.12 -19.56 27.69
CA THR D 308 -17.28 -18.69 27.64
C THR D 308 -17.44 -17.86 28.92
N PHE D 309 -16.89 -16.65 28.93
CA PHE D 309 -17.02 -15.74 30.08
C PHE D 309 -18.36 -15.05 30.02
N VAL D 310 -19.11 -15.16 31.10
CA VAL D 310 -20.44 -14.53 31.17
C VAL D 310 -20.59 -13.61 32.36
N GLN D 311 -21.02 -12.37 32.12
CA GLN D 311 -21.17 -11.36 33.17
C GLN D 311 -22.22 -11.84 34.18
N GLU D 312 -21.88 -11.73 35.47
CA GLU D 312 -22.68 -12.32 36.55
C GLU D 312 -24.17 -11.99 36.51
N ASP D 313 -24.54 -10.81 36.01
CA ASP D 313 -25.95 -10.41 36.00
C ASP D 313 -26.82 -11.32 35.15
N ILE D 314 -26.20 -11.95 34.14
CA ILE D 314 -26.95 -12.79 33.22
C ILE D 314 -26.45 -14.23 33.22
N TYR D 315 -25.51 -14.53 34.11
CA TYR D 315 -24.87 -15.86 34.16
C TYR D 315 -25.86 -17.01 34.18
N ASP D 316 -26.70 -17.04 35.21
CA ASP D 316 -27.62 -18.16 35.41
C ASP D 316 -28.59 -18.37 34.27
N GLU D 317 -29.15 -17.28 33.74
CA GLU D 317 -30.05 -17.41 32.60
C GLU D 317 -29.30 -17.94 31.37
N PHE D 318 -28.07 -17.46 31.19
CA PHE D 318 -27.27 -17.87 30.03
C PHE D 318 -26.92 -19.36 30.11
N VAL D 319 -26.56 -19.82 31.31
CA VAL D 319 -26.21 -21.23 31.47
C VAL D 319 -27.42 -22.10 31.16
N GLU D 320 -28.57 -21.76 31.76
CA GLU D 320 -29.81 -22.48 31.52
C GLU D 320 -30.06 -22.74 30.04
N ARG D 321 -30.06 -21.66 29.27
CA ARG D 321 -30.34 -21.72 27.84
C ARG D 321 -29.24 -22.42 27.05
N SER D 322 -28.00 -22.27 27.50
CA SER D 322 -26.87 -22.95 26.86
C SER D 322 -26.94 -24.47 27.06
N VAL D 323 -27.40 -24.89 28.23
CA VAL D 323 -27.60 -26.32 28.50
C VAL D 323 -28.74 -26.88 27.65
N ALA D 324 -29.87 -26.17 27.63
CA ALA D 324 -31.01 -26.59 26.83
C ALA D 324 -30.66 -26.75 25.35
N ARG D 325 -29.96 -25.75 24.80
CA ARG D 325 -29.50 -25.80 23.42
C ARG D 325 -28.56 -26.99 23.19
N ALA D 326 -27.66 -27.22 24.13
CA ALA D 326 -26.74 -28.34 24.04
C ALA D 326 -27.48 -29.68 24.04
N LYS D 327 -28.43 -29.82 24.96
CA LYS D 327 -29.20 -31.05 25.08
C LYS D 327 -30.02 -31.33 23.82
N SER D 328 -30.29 -30.29 23.04
CA SER D 328 -31.09 -30.45 21.83
C SER D 328 -30.23 -30.70 20.57
N ARG D 329 -28.92 -30.56 20.71
CA ARG D 329 -28.04 -30.73 19.56
C ARG D 329 -28.09 -32.17 19.04
N VAL D 330 -28.42 -32.32 17.76
CA VAL D 330 -28.58 -33.65 17.18
C VAL D 330 -27.25 -34.29 16.79
N VAL D 331 -26.99 -35.46 17.35
CA VAL D 331 -25.77 -36.22 17.04
C VAL D 331 -26.17 -37.49 16.30
N GLY D 332 -25.48 -37.78 15.20
CA GLY D 332 -25.76 -38.99 14.44
C GLY D 332 -25.00 -39.09 13.14
N ASN D 333 -25.61 -39.77 12.17
CA ASN D 333 -25.00 -40.01 10.87
C ASN D 333 -24.84 -38.71 10.10
N PRO D 334 -23.60 -38.36 9.73
CA PRO D 334 -23.28 -37.11 9.02
C PRO D 334 -24.00 -36.95 7.68
N PHE D 335 -24.39 -38.05 7.05
CA PHE D 335 -25.14 -37.98 5.80
C PHE D 335 -26.63 -37.74 6.02
N ASP D 336 -27.06 -37.71 7.27
CA ASP D 336 -28.45 -37.41 7.58
C ASP D 336 -28.58 -35.89 7.63
N SER D 337 -29.51 -35.35 6.86
CA SER D 337 -29.67 -33.91 6.73
C SER D 337 -29.98 -33.21 8.05
N LYS D 338 -30.38 -33.99 9.06
CA LYS D 338 -30.75 -33.45 10.36
C LYS D 338 -29.60 -33.40 11.37
N THR D 339 -28.52 -34.11 11.07
CA THR D 339 -27.39 -34.18 11.98
C THR D 339 -26.63 -32.86 12.07
N GLU D 340 -26.35 -32.42 13.29
CA GLU D 340 -25.58 -31.20 13.53
C GLU D 340 -24.14 -31.54 13.89
N GLN D 341 -23.95 -32.71 14.49
CA GLN D 341 -22.64 -33.12 14.95
C GLN D 341 -22.33 -34.58 14.57
N GLY D 342 -21.26 -34.77 13.81
CA GLY D 342 -20.82 -36.10 13.46
C GLY D 342 -19.91 -36.63 14.55
N PRO D 343 -19.09 -37.65 14.22
CA PRO D 343 -18.14 -38.21 15.18
C PRO D 343 -16.87 -37.37 15.27
N GLN D 344 -16.05 -37.64 16.28
CA GLN D 344 -14.70 -37.08 16.33
C GLN D 344 -13.83 -37.77 15.28
N VAL D 345 -12.67 -37.19 14.96
CA VAL D 345 -11.90 -37.64 13.79
C VAL D 345 -11.38 -39.07 13.90
N ASP D 346 -10.90 -39.45 15.08
CA ASP D 346 -10.37 -40.79 15.27
C ASP D 346 -10.49 -41.25 16.71
N GLU D 347 -9.92 -42.41 17.00
CA GLU D 347 -9.99 -43.01 18.32
C GLU D 347 -9.16 -42.20 19.31
N THR D 348 -7.96 -41.80 18.89
CA THR D 348 -7.06 -41.05 19.75
C THR D 348 -7.69 -39.76 20.29
N GLN D 349 -8.38 -39.03 19.42
CA GLN D 349 -9.10 -37.80 19.79
C GLN D 349 -10.24 -38.11 20.72
N PHE D 350 -11.01 -39.12 20.32
CA PHE D 350 -12.15 -39.63 21.07
C PHE D 350 -11.78 -39.82 22.53
N LYS D 351 -10.62 -40.42 22.78
CA LYS D 351 -10.21 -40.76 24.15
C LYS D 351 -9.60 -39.58 24.91
N LYS D 352 -8.82 -38.75 24.22
CA LYS D 352 -8.30 -37.52 24.82
C LYS D 352 -9.46 -36.67 25.35
N ILE D 353 -10.47 -36.46 24.53
CA ILE D 353 -11.64 -35.70 24.93
C ILE D 353 -12.29 -36.28 26.19
N LEU D 354 -12.63 -37.56 26.15
CA LEU D 354 -13.25 -38.24 27.29
C LEU D 354 -12.40 -38.05 28.56
N GLY D 355 -11.09 -38.18 28.39
CA GLY D 355 -10.16 -37.92 29.49
C GLY D 355 -10.32 -36.52 30.06
N TYR D 356 -10.38 -35.52 29.17
CA TYR D 356 -10.54 -34.13 29.62
C TYR D 356 -11.84 -33.92 30.38
N ILE D 357 -12.91 -34.57 29.95
CA ILE D 357 -14.18 -34.53 30.68
C ILE D 357 -14.01 -35.06 32.10
N ASN D 358 -13.27 -36.16 32.27
CA ASN D 358 -13.04 -36.71 33.59
C ASN D 358 -12.30 -35.77 34.53
N THR D 359 -11.35 -35.01 33.97
CA THR D 359 -10.63 -34.05 34.79
C THR D 359 -11.61 -32.99 35.29
N GLY D 360 -12.43 -32.46 34.39
CA GLY D 360 -13.41 -31.46 34.74
C GLY D 360 -14.30 -31.91 35.89
N LYS D 361 -14.73 -33.17 35.86
CA LYS D 361 -15.58 -33.71 36.93
C LYS D 361 -14.86 -33.72 38.27
N GLN D 362 -13.63 -34.21 38.28
CA GLN D 362 -12.89 -34.35 39.52
C GLN D 362 -12.31 -33.03 40.01
N GLU D 363 -12.09 -32.10 39.08
CA GLU D 363 -11.40 -30.86 39.42
C GLU D 363 -12.31 -29.82 40.08
N GLY D 364 -13.61 -30.06 40.03
CA GLY D 364 -14.54 -29.18 40.72
C GLY D 364 -15.56 -28.52 39.80
N ALA D 365 -15.52 -28.84 38.51
CA ALA D 365 -16.48 -28.27 37.58
C ALA D 365 -17.83 -28.95 37.75
N LYS D 366 -18.89 -28.24 37.40
CA LYS D 366 -20.23 -28.82 37.50
C LYS D 366 -20.74 -29.27 36.13
N LEU D 367 -20.77 -30.58 35.93
CA LEU D 367 -21.32 -31.15 34.70
C LEU D 367 -22.80 -30.84 34.68
N LEU D 368 -23.26 -30.24 33.59
CA LEU D 368 -24.65 -29.81 33.49
C LEU D 368 -25.41 -30.65 32.48
N CYS D 369 -24.69 -31.25 31.54
CA CYS D 369 -25.31 -32.17 30.57
C CYS D 369 -24.25 -32.91 29.78
N GLY D 370 -24.64 -34.00 29.12
CA GLY D 370 -23.74 -34.81 28.33
C GLY D 370 -22.65 -35.45 29.19
N GLY D 371 -21.43 -35.50 28.67
CA GLY D 371 -20.31 -36.01 29.44
C GLY D 371 -19.95 -37.46 29.18
N GLY D 372 -20.60 -38.07 28.19
CA GLY D 372 -20.33 -39.47 27.88
C GLY D 372 -20.32 -39.80 26.39
N ILE D 373 -20.27 -41.09 26.09
CA ILE D 373 -20.29 -41.58 24.71
C ILE D 373 -21.71 -41.59 24.19
N ALA D 374 -21.90 -41.22 22.93
CA ALA D 374 -23.24 -41.03 22.38
C ALA D 374 -23.70 -42.15 21.45
N ALA D 375 -22.84 -43.11 21.16
CA ALA D 375 -23.21 -44.19 20.24
C ALA D 375 -22.32 -45.42 20.41
N ASP D 376 -22.79 -46.55 19.89
CA ASP D 376 -22.07 -47.82 20.02
C ASP D 376 -20.97 -47.99 18.98
N ARG D 377 -21.12 -47.31 17.85
CA ARG D 377 -20.14 -47.38 16.77
C ARG D 377 -19.68 -45.97 16.42
N GLY D 378 -18.49 -45.86 15.82
CA GLY D 378 -17.93 -44.57 15.48
C GLY D 378 -17.52 -43.82 16.73
N TYR D 379 -17.01 -42.60 16.55
CA TYR D 379 -16.48 -41.85 17.68
C TYR D 379 -17.35 -40.64 18.03
N PHE D 380 -18.58 -40.91 18.47
CA PHE D 380 -19.53 -39.86 18.83
C PHE D 380 -19.49 -39.57 20.33
N ILE D 381 -19.43 -38.27 20.66
CA ILE D 381 -19.41 -37.84 22.05
C ILE D 381 -20.57 -36.89 22.31
N GLN D 382 -21.19 -37.03 23.49
CA GLN D 382 -22.34 -36.21 23.84
C GLN D 382 -21.91 -34.77 24.04
N PRO D 383 -22.69 -33.83 23.49
CA PRO D 383 -22.45 -32.41 23.74
C PRO D 383 -22.38 -32.18 25.24
N THR D 384 -21.24 -31.65 25.69
CA THR D 384 -21.00 -31.50 27.12
C THR D 384 -20.86 -30.03 27.52
N VAL D 385 -21.48 -29.69 28.65
CA VAL D 385 -21.38 -28.33 29.20
C VAL D 385 -20.97 -28.35 30.66
N PHE D 386 -19.95 -27.58 31.00
CA PHE D 386 -19.52 -27.48 32.39
C PHE D 386 -19.81 -26.09 32.91
N GLY D 387 -20.42 -26.01 34.11
CA GLY D 387 -20.70 -24.74 34.74
C GLY D 387 -19.68 -24.39 35.82
N ASP D 388 -19.65 -23.12 36.21
CA ASP D 388 -18.72 -22.65 37.23
C ASP D 388 -17.29 -23.16 37.04
N VAL D 389 -16.70 -22.80 35.89
CA VAL D 389 -15.32 -23.15 35.60
C VAL D 389 -14.41 -22.08 36.17
N GLN D 390 -13.23 -22.48 36.65
CA GLN D 390 -12.27 -21.56 37.21
C GLN D 390 -11.01 -21.56 36.36
N ASP D 391 -10.32 -20.43 36.32
CA ASP D 391 -9.15 -20.23 35.47
C ASP D 391 -8.06 -21.27 35.70
N GLY D 392 -8.01 -21.83 36.91
CA GLY D 392 -6.98 -22.79 37.26
C GLY D 392 -7.30 -24.23 36.89
N MET D 393 -8.51 -24.49 36.43
CA MET D 393 -8.91 -25.85 36.06
C MET D 393 -8.26 -26.27 34.74
N THR D 394 -8.09 -27.57 34.57
CA THR D 394 -7.48 -28.13 33.36
C THR D 394 -8.31 -27.86 32.11
N ILE D 395 -9.62 -28.09 32.19
CA ILE D 395 -10.51 -27.83 31.07
C ILE D 395 -10.60 -26.35 30.73
N ALA D 396 -9.97 -25.52 31.55
CA ALA D 396 -9.98 -24.08 31.33
C ALA D 396 -8.68 -23.59 30.70
N LYS D 397 -7.63 -24.39 30.78
CA LYS D 397 -6.32 -23.97 30.34
C LYS D 397 -5.84 -24.74 29.11
N GLU D 398 -6.36 -25.95 28.92
CA GLU D 398 -5.89 -26.79 27.83
C GLU D 398 -6.92 -26.96 26.73
N GLU D 399 -6.43 -26.99 25.50
CA GLU D 399 -7.27 -27.21 24.33
C GLU D 399 -7.83 -28.63 24.29
N ILE D 400 -9.15 -28.74 24.33
CA ILE D 400 -9.79 -30.05 24.40
C ILE D 400 -10.12 -30.58 23.01
N PHE D 401 -10.40 -29.68 22.07
CA PHE D 401 -10.69 -30.08 20.70
C PHE D 401 -11.84 -31.10 20.65
N GLY D 402 -12.89 -30.83 21.42
CA GLY D 402 -14.07 -31.67 21.44
C GLY D 402 -15.31 -30.86 21.75
N PRO D 403 -16.49 -31.51 21.74
CA PRO D 403 -17.74 -30.82 22.08
C PRO D 403 -17.86 -30.62 23.60
N VAL D 404 -16.95 -29.85 24.15
CA VAL D 404 -16.92 -29.61 25.59
C VAL D 404 -16.86 -28.12 25.91
N MET D 405 -17.92 -27.61 26.55
CA MET D 405 -18.08 -26.17 26.75
C MET D 405 -17.74 -25.74 28.15
N GLN D 406 -16.94 -24.68 28.27
CA GLN D 406 -16.58 -24.14 29.58
C GLN D 406 -17.25 -22.79 29.80
N ILE D 407 -18.18 -22.73 30.74
CA ILE D 407 -18.86 -21.49 31.06
C ILE D 407 -18.33 -20.89 32.37
N LEU D 408 -17.68 -19.74 32.27
CA LEU D 408 -17.10 -19.08 33.43
C LEU D 408 -17.92 -17.84 33.78
N LYS D 409 -17.56 -17.19 34.89
CA LYS D 409 -18.36 -16.10 35.44
C LYS D 409 -17.45 -14.96 35.80
N PHE D 410 -17.84 -13.74 35.45
CA PHE D 410 -17.00 -12.57 35.78
C PHE D 410 -17.88 -11.40 36.19
N LYS D 411 -17.23 -10.34 36.69
CA LYS D 411 -17.97 -9.19 37.16
C LYS D 411 -17.57 -7.89 36.43
N THR D 412 -16.28 -7.62 36.29
CA THR D 412 -15.90 -6.37 35.63
C THR D 412 -15.21 -6.54 34.29
N ILE D 413 -15.20 -5.44 33.51
CA ILE D 413 -14.48 -5.42 32.27
C ILE D 413 -12.97 -5.58 32.49
N GLU D 414 -12.46 -4.93 33.54
CA GLU D 414 -11.03 -4.98 33.83
C GLU D 414 -10.64 -6.39 34.32
N GLU D 415 -11.52 -7.02 35.11
CA GLU D 415 -11.34 -8.41 35.51
C GLU D 415 -11.22 -9.33 34.28
N VAL D 416 -12.20 -9.22 33.38
CA VAL D 416 -12.35 -10.14 32.25
C VAL D 416 -11.21 -10.00 31.25
N VAL D 417 -10.72 -8.78 31.05
CA VAL D 417 -9.56 -8.58 30.17
C VAL D 417 -8.32 -9.30 30.71
N GLY D 418 -8.09 -9.19 32.01
CA GLY D 418 -6.93 -9.83 32.63
C GLY D 418 -7.02 -11.34 32.56
N ARG D 419 -8.20 -11.87 32.83
CA ARG D 419 -8.38 -13.32 32.84
C ARG D 419 -8.36 -13.90 31.42
N ALA D 420 -8.88 -13.13 30.47
CA ALA D 420 -8.88 -13.55 29.08
C ALA D 420 -7.46 -13.58 28.51
N ASN D 421 -6.66 -12.61 28.91
CA ASN D 421 -5.30 -12.48 28.41
C ASN D 421 -4.29 -13.31 29.19
N ASN D 422 -4.72 -13.88 30.32
CA ASN D 422 -3.82 -14.72 31.12
C ASN D 422 -3.78 -16.11 30.52
N SER D 423 -3.12 -16.23 29.38
CA SER D 423 -3.02 -17.50 28.68
C SER D 423 -1.81 -17.42 27.79
N THR D 424 -1.28 -18.59 27.44
CA THR D 424 -0.17 -18.63 26.54
C THR D 424 -0.67 -18.64 25.10
N TYR D 425 -1.98 -18.83 24.96
CA TYR D 425 -2.64 -18.82 23.67
C TYR D 425 -3.21 -17.45 23.34
N GLY D 426 -3.39 -17.15 22.05
CA GLY D 426 -3.96 -15.88 21.63
C GLY D 426 -4.42 -15.94 20.18
N LEU D 427 -5.23 -16.94 19.87
CA LEU D 427 -5.64 -17.12 18.48
C LEU D 427 -6.84 -16.25 18.11
N ALA D 428 -7.82 -16.24 18.99
CA ALA D 428 -9.05 -15.48 18.74
C ALA D 428 -9.76 -15.11 20.02
N ALA D 429 -10.73 -14.20 19.90
CA ALA D 429 -11.57 -13.79 21.02
C ALA D 429 -12.83 -13.16 20.45
N ALA D 430 -13.88 -13.06 21.26
CA ALA D 430 -15.11 -12.42 20.83
C ALA D 430 -15.74 -11.65 21.97
N VAL D 431 -16.49 -10.62 21.61
CA VAL D 431 -17.21 -9.80 22.57
C VAL D 431 -18.65 -9.60 22.12
N PHE D 432 -19.60 -9.92 23.00
CA PHE D 432 -21.02 -9.67 22.75
C PHE D 432 -21.54 -8.57 23.66
N THR D 433 -21.95 -7.46 23.04
CA THR D 433 -22.41 -6.29 23.76
C THR D 433 -23.02 -5.31 22.76
N LYS D 434 -23.88 -4.42 23.25
CA LYS D 434 -24.51 -3.42 22.39
C LYS D 434 -23.80 -2.07 22.53
N ASP D 435 -22.88 -1.99 23.48
CA ASP D 435 -22.28 -0.72 23.83
C ASP D 435 -21.06 -0.47 22.97
N LEU D 436 -21.06 0.68 22.29
CA LEU D 436 -19.94 1.10 21.44
C LEU D 436 -18.60 1.12 22.18
N ASP D 437 -18.57 1.80 23.34
CA ASP D 437 -17.33 1.95 24.11
C ASP D 437 -16.75 0.61 24.59
N LYS D 438 -17.61 -0.25 25.13
CA LYS D 438 -17.18 -1.55 25.61
C LYS D 438 -16.62 -2.37 24.46
N ALA D 439 -17.28 -2.28 23.30
CA ALA D 439 -16.82 -3.02 22.13
C ALA D 439 -15.43 -2.55 21.69
N ASN D 440 -15.26 -1.24 21.57
CA ASN D 440 -14.00 -0.68 21.12
C ASN D 440 -12.86 -0.93 22.11
N TYR D 441 -13.18 -0.88 23.41
CA TYR D 441 -12.18 -1.09 24.44
C TYR D 441 -11.72 -2.54 24.50
N LEU D 442 -12.66 -3.47 24.50
CA LEU D 442 -12.31 -4.88 24.57
C LEU D 442 -11.52 -5.38 23.37
N SER D 443 -11.93 -5.00 22.16
CA SER D 443 -11.26 -5.49 20.95
C SER D 443 -9.82 -4.95 20.86
N GLN D 444 -9.60 -3.79 21.48
CA GLN D 444 -8.27 -3.22 21.58
C GLN D 444 -7.42 -3.92 22.66
N ALA D 445 -8.05 -4.22 23.80
CA ALA D 445 -7.34 -4.75 24.96
C ALA D 445 -6.97 -6.22 24.83
N LEU D 446 -7.78 -6.98 24.09
CA LEU D 446 -7.61 -8.42 23.96
C LEU D 446 -6.42 -8.81 23.10
N GLN D 447 -5.57 -9.67 23.62
CA GLN D 447 -4.42 -10.15 22.86
C GLN D 447 -4.81 -11.37 22.02
N ALA D 448 -5.35 -11.13 20.83
CA ALA D 448 -5.80 -12.20 19.95
C ALA D 448 -5.71 -11.75 18.49
N GLY D 449 -5.41 -12.69 17.60
CA GLY D 449 -5.21 -12.38 16.20
C GLY D 449 -6.49 -11.93 15.54
N THR D 450 -7.60 -12.49 16.02
CA THR D 450 -8.91 -12.14 15.51
C THR D 450 -9.84 -11.86 16.67
N VAL D 451 -10.47 -10.68 16.68
CA VAL D 451 -11.50 -10.39 17.66
C VAL D 451 -12.83 -10.17 16.93
N TRP D 452 -13.78 -11.08 17.15
CA TRP D 452 -15.12 -10.92 16.59
C TRP D 452 -15.99 -10.11 17.56
N VAL D 453 -16.89 -9.29 17.00
CA VAL D 453 -17.80 -8.51 17.82
C VAL D 453 -19.23 -8.84 17.42
N ASN D 454 -19.98 -9.40 18.37
CA ASN D 454 -21.37 -9.81 18.15
C ASN D 454 -21.51 -10.88 17.10
N CYS D 455 -20.49 -11.71 16.95
CA CYS D 455 -20.52 -12.82 16.00
C CYS D 455 -19.34 -13.72 16.31
N TYR D 456 -19.25 -14.88 15.64
CA TYR D 456 -18.15 -15.83 15.88
C TYR D 456 -17.89 -16.68 14.66
N ASP D 457 -16.64 -17.11 14.51
CA ASP D 457 -16.19 -17.94 13.39
C ASP D 457 -16.57 -17.34 12.04
N VAL D 458 -16.48 -16.01 11.95
CA VAL D 458 -16.67 -15.35 10.68
C VAL D 458 -15.32 -15.22 9.98
N PHE D 459 -15.09 -16.10 9.01
CA PHE D 459 -13.88 -16.08 8.21
C PHE D 459 -14.14 -15.44 6.86
N GLY D 460 -13.22 -14.60 6.43
CA GLY D 460 -13.29 -14.05 5.08
C GLY D 460 -11.95 -14.18 4.40
N ALA D 461 -11.96 -14.54 3.11
CA ALA D 461 -10.70 -14.69 2.38
C ALA D 461 -9.92 -13.38 2.37
N GLN D 462 -10.61 -12.28 2.61
CA GLN D 462 -10.00 -10.96 2.57
C GLN D 462 -9.32 -10.57 3.89
N SER D 463 -9.71 -11.22 4.99
CA SER D 463 -9.26 -10.82 6.33
C SER D 463 -8.27 -11.82 6.90
N PRO D 464 -7.11 -11.33 7.35
CA PRO D 464 -6.02 -12.19 7.86
C PRO D 464 -6.43 -12.96 9.10
N PHE D 465 -5.80 -14.12 9.30
CA PHE D 465 -6.13 -15.01 10.41
C PHE D 465 -4.85 -15.62 10.94
N GLY D 466 -4.70 -15.63 12.26
CA GLY D 466 -3.49 -16.18 12.84
C GLY D 466 -3.39 -15.84 14.32
N GLY D 467 -2.32 -16.28 14.97
CA GLY D 467 -2.27 -16.20 16.42
C GLY D 467 -1.28 -15.24 17.01
N TYR D 468 -1.62 -14.70 18.18
CA TYR D 468 -0.67 -14.04 19.06
C TYR D 468 0.01 -15.14 19.89
N LYS D 469 1.11 -14.79 20.55
CA LYS D 469 1.79 -15.69 21.50
C LYS D 469 2.06 -17.08 20.91
N MET D 470 1.68 -18.10 21.66
CA MET D 470 1.98 -19.47 21.25
C MET D 470 0.91 -20.11 20.37
N SER D 471 -0.04 -19.29 19.93
CA SER D 471 -1.03 -19.75 18.96
C SER D 471 -0.51 -19.71 17.53
N GLY D 472 0.73 -19.25 17.35
CA GLY D 472 1.39 -19.25 16.05
C GLY D 472 2.14 -17.98 15.72
N SER D 473 2.74 -17.95 14.54
CA SER D 473 3.37 -16.73 14.04
C SER D 473 3.04 -16.56 12.55
N GLY D 474 2.81 -15.32 12.14
CA GLY D 474 2.41 -15.03 10.77
C GLY D 474 0.90 -15.10 10.60
N ARG D 475 0.44 -14.83 9.38
CA ARG D 475 -0.99 -14.74 9.12
C ARG D 475 -1.33 -15.34 7.77
N GLU D 476 -2.48 -16.00 7.68
N GLU D 476 -2.49 -15.99 7.69
CA GLU D 476 -2.97 -16.53 6.41
CA GLU D 476 -3.01 -16.52 6.44
C GLU D 476 -4.20 -15.73 6.02
C GLU D 476 -4.21 -15.71 6.02
N LEU D 477 -4.64 -15.87 4.78
CA LEU D 477 -5.75 -15.09 4.20
C LEU D 477 -5.37 -13.62 4.04
N GLY D 478 -6.15 -12.93 3.21
CA GLY D 478 -5.93 -11.52 2.98
C GLY D 478 -4.65 -11.25 2.20
N GLU D 479 -4.31 -9.98 2.11
CA GLU D 479 -3.04 -9.58 1.50
C GLU D 479 -1.87 -10.11 2.34
N TYR D 480 -2.07 -10.11 3.65
CA TYR D 480 -1.02 -10.50 4.61
C TYR D 480 -0.49 -11.92 4.36
N GLY D 481 -1.36 -12.81 3.91
CA GLY D 481 -1.01 -14.18 3.61
C GLY D 481 -0.01 -14.31 2.48
N LEU D 482 0.15 -13.25 1.70
CA LEU D 482 1.13 -13.26 0.60
C LEU D 482 2.55 -13.00 1.11
N GLN D 483 2.66 -12.37 2.29
CA GLN D 483 3.95 -11.92 2.79
C GLN D 483 4.95 -13.06 3.01
N ALA D 484 4.48 -14.17 3.59
CA ALA D 484 5.38 -15.29 3.90
C ALA D 484 5.83 -16.05 2.65
N TYR D 485 5.18 -15.78 1.53
CA TYR D 485 5.51 -16.46 0.28
C TYR D 485 6.26 -15.53 -0.67
N THR D 486 6.82 -14.47 -0.12
CA THR D 486 7.51 -13.47 -0.91
C THR D 486 8.90 -13.20 -0.36
N GLU D 487 9.90 -13.23 -1.25
CA GLU D 487 11.26 -12.84 -0.89
C GLU D 487 11.55 -11.48 -1.54
N VAL D 488 12.01 -10.53 -0.74
CA VAL D 488 12.20 -9.17 -1.22
C VAL D 488 13.63 -8.92 -1.69
N LYS D 489 13.77 -8.46 -2.94
CA LYS D 489 15.07 -8.09 -3.47
C LYS D 489 15.13 -6.60 -3.76
N THR D 490 16.18 -5.96 -3.26
CA THR D 490 16.41 -4.55 -3.54
C THR D 490 17.41 -4.42 -4.67
N VAL D 491 17.07 -3.64 -5.69
CA VAL D 491 17.99 -3.34 -6.80
C VAL D 491 18.30 -1.85 -6.77
N THR D 492 19.58 -1.50 -6.64
CA THR D 492 19.98 -0.10 -6.56
C THR D 492 20.99 0.24 -7.66
N VAL D 493 20.58 1.16 -8.52
CA VAL D 493 21.30 1.44 -9.77
C VAL D 493 21.84 2.85 -9.80
N LYS D 494 23.10 2.98 -10.21
CA LYS D 494 23.73 4.28 -10.35
C LYS D 494 23.18 4.99 -11.59
N VAL D 495 22.72 6.22 -11.42
CA VAL D 495 22.17 7.00 -12.54
C VAL D 495 22.96 8.28 -12.74
N PRO D 496 23.00 8.80 -13.98
CA PRO D 496 23.74 10.04 -14.30
C PRO D 496 23.37 11.21 -13.40
N GLN D 497 22.06 11.40 -13.18
CA GLN D 497 21.58 12.51 -12.39
C GLN D 497 20.17 12.25 -11.86
N LYS D 498 20.06 12.05 -10.54
CA LYS D 498 18.80 11.80 -9.87
C LYS D 498 17.96 13.09 -9.80
N ASN D 499 16.74 13.00 -10.31
CA ASN D 499 15.76 14.08 -10.20
C ASN D 499 14.47 13.59 -9.60
N SER D 500 13.78 14.46 -8.86
CA SER D 500 12.48 14.10 -8.29
C SER D 500 11.46 13.79 -9.39
N 2NO E . -12.85 24.32 7.21
O1 2NO E . -13.04 25.57 7.15
O2 2NO E . -11.89 23.74 7.78
PA NAD F . -14.21 33.32 -1.68
O1A NAD F . -14.77 34.50 -2.44
O2A NAD F . -14.49 31.93 -2.19
O5B NAD F . -12.62 33.52 -1.49
C5B NAD F . -11.72 32.42 -1.29
C4B NAD F . -10.36 32.77 -1.90
O4B NAD F . -10.44 32.72 -3.33
C3B NAD F . -9.92 34.17 -1.50
O3B NAD F . -8.50 34.13 -1.30
C2B NAD F . -10.25 35.02 -2.71
O2B NAD F . -9.38 36.15 -2.84
C1B NAD F . -10.14 34.02 -3.86
N9A NAD F . -11.07 34.37 -4.96
C8A NAD F . -12.20 35.09 -4.83
N7A NAD F . -12.80 35.27 -6.03
C5A NAD F . -12.04 34.66 -6.95
C6A NAD F . -12.09 34.47 -8.41
N6A NAD F . -13.11 34.97 -9.14
N1A NAD F . -11.11 33.74 -8.99
C2A NAD F . -10.08 33.24 -8.28
N3A NAD F . -9.98 33.38 -6.95
C4A NAD F . -10.90 34.07 -6.25
O3 NAD F . -14.76 33.42 -0.18
PN NAD F . -15.13 34.83 0.51
O1N NAD F . -15.76 35.75 -0.54
O2N NAD F . -13.90 35.28 1.25
O5D NAD F . -16.21 34.24 1.56
C5D NAD F . -17.60 34.40 1.24
C4D NAD F . -18.32 33.11 1.63
O4D NAD F . -17.52 31.96 1.30
C3D NAD F . -18.57 33.00 3.14
O3D NAD F . -19.89 33.43 3.47
C2D NAD F . -18.42 31.52 3.44
O2D NAD F . -19.71 30.91 3.48
C1D NAD F . -17.61 30.93 2.30
N1N NAD F . -16.26 30.57 2.76
C2N NAD F . -15.90 29.27 2.84
C3N NAD F . -14.63 28.93 3.29
C7N NAD F . -14.21 27.48 3.40
O7N NAD F . -13.51 27.11 4.33
N7N NAD F . -14.63 26.64 2.46
C4N NAD F . -13.74 29.93 3.66
C5N NAD F . -14.11 31.26 3.56
C6N NAD F . -15.39 31.54 3.09
MG MG G . -15.86 37.17 -2.84
C URE H . 6.87 17.10 -14.20
O URE H . 7.48 17.33 -15.26
N1 URE H . 5.81 17.82 -13.84
N2 URE H . 7.23 16.13 -13.37
NA NA I . -7.86 41.27 8.49
C URE J . 14.43 -6.10 -13.07
O URE J . 13.31 -6.02 -12.57
N1 URE J . 15.51 -6.35 -12.34
N2 URE J . 14.61 -5.91 -14.38
C URE K . -18.37 1.28 9.14
O URE K . -17.37 0.83 8.60
N1 URE K . -18.62 2.59 9.16
N2 URE K . -19.24 0.46 9.75
N 2NO L . -5.21 5.63 -27.15
O1 2NO L . -5.99 5.87 -28.12
O2 2NO L . -5.10 4.51 -26.53
PA NAD M . -14.34 13.77 -30.02
O1A NAD M . -15.20 14.77 -30.73
O2A NAD M . -13.55 14.22 -28.82
O5B NAD M . -15.23 12.50 -29.59
C5B NAD M . -15.01 11.79 -28.38
C4B NAD M . -16.35 11.38 -27.79
O4B NAD M . -16.92 12.50 -27.13
C3B NAD M . -17.37 10.93 -28.83
O3B NAD M . -18.07 9.79 -28.35
C2B NAD M . -18.34 12.09 -28.95
O2B NAD M . -19.67 11.65 -29.26
C1B NAD M . -18.22 12.77 -27.60
N9A NAD M . -18.41 14.23 -27.77
C8A NAD M . -18.16 14.92 -28.90
N7A NAD M . -18.46 16.23 -28.72
C5A NAD M . -18.94 16.38 -27.47
C6A NAD M . -19.44 17.51 -26.67
N6A NAD M . -19.52 18.77 -27.17
N1A NAD M . -19.82 17.22 -25.41
C2A NAD M . -19.76 15.99 -24.90
N3A NAD M . -19.32 14.93 -25.57
C4A NAD M . -18.91 15.06 -26.85
O3 NAD M . -13.32 13.17 -31.09
PN NAD M . -13.77 12.90 -32.63
O1N NAD M . -14.56 14.10 -33.14
O2N NAD M . -14.37 11.53 -32.69
O5D NAD M . -12.30 12.84 -33.30
C5D NAD M . -11.72 14.07 -33.74
C4D NAD M . -10.27 14.07 -33.29
O4D NAD M . -10.17 13.69 -31.90
C3D NAD M . -9.41 13.06 -34.04
O3D NAD M . -8.79 13.65 -35.19
C2D NAD M . -8.37 12.64 -33.03
O2D NAD M . -7.19 13.45 -33.22
C1D NAD M . -8.98 12.92 -31.66
N1N NAD M . -9.34 11.64 -31.03
C2N NAD M . -8.63 11.20 -29.98
C3N NAD M . -8.93 9.98 -29.40
C7N NAD M . -8.12 9.49 -28.22
O7N NAD M . -7.71 8.33 -28.20
N7N NAD M . -7.85 10.33 -27.22
C4N NAD M . -9.98 9.22 -29.89
C5N NAD M . -10.72 9.68 -30.97
C6N NAD M . -10.35 10.91 -31.51
MG MG N . -15.61 16.23 -32.40
C URE O . -21.60 7.78 -2.25
O URE O . -22.62 8.14 -1.64
N1 URE O . -20.80 6.81 -1.77
N2 URE O . -21.26 8.33 -3.42
NA NA P . -19.00 2.93 -38.44
N 2NO Q . 26.56 -5.72 7.32
O1 2NO Q . 27.34 -6.05 8.24
O2 2NO Q . 26.12 -4.56 7.11
MG MG R . 30.85 -16.51 18.44
PA NAD S . 28.51 -13.91 16.81
O1A NAD S . 29.15 -14.93 17.70
O2A NAD S . 27.42 -14.34 15.86
O5B NAD S . 28.00 -12.67 17.69
C5B NAD S . 26.93 -11.82 17.32
C4B NAD S . 26.22 -11.37 18.59
O4B NAD S . 25.52 -12.50 19.11
C3B NAD S . 27.18 -10.91 19.68
O3B NAD S . 26.64 -9.77 20.34
C2B NAD S . 27.23 -12.07 20.64
O2B NAD S . 27.48 -11.59 21.97
C1B NAD S . 25.90 -12.76 20.45
N9A NAD S . 26.01 -14.23 20.63
C8A NAD S . 27.12 -14.97 20.42
N7A NAD S . 26.87 -16.27 20.72
C5A NAD S . 25.61 -16.37 21.16
C6A NAD S . 24.73 -17.46 21.64
N6A NAD S . 25.15 -18.74 21.74
N1A NAD S . 23.47 -17.14 21.98
C2A NAD S . 23.01 -15.87 21.91
N3A NAD S . 23.76 -14.84 21.48
C4A NAD S . 25.04 -15.02 21.10
O3 NAD S . 29.67 -13.22 15.94
PN NAD S . 31.21 -13.20 16.47
O1N NAD S . 31.50 -14.50 17.22
O2N NAD S . 31.44 -11.86 17.15
O5D NAD S . 31.96 -13.16 15.05
C5D NAD S . 32.50 -14.37 14.52
C4D NAD S . 32.13 -14.45 13.04
O4D NAD S . 30.80 -13.96 12.85
C3D NAD S . 33.02 -13.58 12.13
O3D NAD S . 34.06 -14.37 11.53
C2D NAD S . 32.09 -13.04 11.06
O2D NAD S . 32.25 -13.82 9.87
C1D NAD S . 30.67 -13.25 11.60
N1N NAD S . 30.02 -11.96 11.80
C2N NAD S . 29.04 -11.56 10.95
C3N NAD S . 28.44 -10.32 11.15
C7N NAD S . 27.34 -9.84 10.21
O7N NAD S . 27.38 -8.67 9.82
N7N NAD S . 26.37 -10.67 9.82
C4N NAD S . 28.83 -9.53 12.22
C5N NAD S . 29.84 -9.95 13.08
C6N NAD S . 30.41 -11.20 12.84
C URE T . 0.51 -7.05 21.98
O URE T . -0.08 -7.32 23.03
N1 URE T . 1.73 -7.56 21.72
N2 URE T . -0.03 -6.22 21.06
NA NA U . 36.51 -2.89 21.68
N 2NO V . -8.80 -23.55 12.75
O1 2NO V . -8.72 -24.78 12.89
O2 2NO V . -9.37 -22.95 11.79
PA NAD W . -0.27 -32.65 14.83
O1A NAD W . 0.48 -33.77 15.49
O2A NAD W . 0.21 -31.23 15.10
O5B NAD W . -0.39 -32.86 13.24
C5B NAD W . -0.36 -31.78 12.31
C4B NAD W . 0.30 -32.22 11.01
O4B NAD W . 1.71 -32.25 11.21
C3B NAD W . -0.11 -33.63 10.61
O3B NAD W . -0.28 -33.66 9.21
C2B NAD W . 1.07 -34.51 11.00
O2B NAD W . 1.25 -35.58 10.08
C1B NAD W . 2.25 -33.56 10.98
N9A NAD W . 3.23 -33.93 12.03
C8A NAD W . 2.95 -34.58 13.17
N7A NAD W . 4.08 -34.78 13.88
C5A NAD W . 5.11 -34.27 13.19
C6A NAD W . 6.57 -34.15 13.38
N6A NAD W . 7.21 -34.63 14.46
N1A NAD W . 7.26 -33.53 12.40
C2A NAD W . 6.69 -33.04 11.30
N3A NAD W . 5.37 -33.11 11.06
C4A NAD W . 4.54 -33.70 11.96
O3 NAD W . -1.83 -32.78 15.23
PN NAD W . -2.45 -34.20 15.71
O1N NAD W . -1.43 -34.96 16.56
O2N NAD W . -3.12 -34.83 14.51
O5D NAD W . -3.64 -33.65 16.66
C5D NAD W . -3.57 -33.81 18.09
C4D NAD W . -3.76 -32.44 18.73
O4D NAD W . -3.32 -31.42 17.82
C3D NAD W . -5.22 -32.13 19.03
O3D NAD W . -5.53 -32.34 20.41
C2D NAD W . -5.37 -30.64 18.75
O2D NAD W . -5.38 -29.93 20.00
C1D NAD W . -4.16 -30.25 17.90
N1N NAD W . -4.61 -29.85 16.56
C2N NAD W . -4.67 -28.56 16.20
C3N NAD W . -5.12 -28.22 14.92
C7N NAD W . -5.21 -26.78 14.48
O7N NAD W . -5.89 -26.47 13.50
N7N NAD W . -4.56 -25.86 15.19
C4N NAD W . -5.48 -29.22 14.04
C5N NAD W . -5.40 -30.54 14.42
C6N NAD W . -4.95 -30.84 15.71
MG MG X . 0.76 -35.67 16.59
C URE Y . 14.36 -17.19 -5.57
O URE Y . 15.34 -17.45 -6.27
N1 URE Y . 13.59 -16.13 -5.81
N2 URE Y . 14.05 -17.96 -4.52
NA NA Z . -10.11 -40.60 7.95
#